data_2M9M
#
_entry.id   2M9M
#
_entity_poly.entity_id   1
_entity_poly.type   'polypeptide(L)'
_entity_poly.pdbx_seq_one_letter_code
;MEKNPPDDTGPVHVPLGHIVANEKWRGSQLAQEMQGKIKLIFEDGLTPDFYLSNRCCILYVTEADLVAGNGYRKRLVRVR
NSNNLKGIVVVEKTRMSEQYFPALQKFTVLDLGMVLLPVASQMEASCLVIQLVQEQTKELEHHHHHH
;
_entity_poly.pdbx_strand_id   A
#
# COMPACT_ATOMS: atom_id res chain seq x y z
N MET A 1 4.22 43.14 17.05
CA MET A 1 4.88 42.18 16.12
C MET A 1 6.00 41.46 16.85
N GLU A 2 6.31 41.91 18.06
CA GLU A 2 7.36 41.30 18.86
C GLU A 2 6.93 39.94 19.39
N LYS A 3 5.77 39.47 18.92
CA LYS A 3 5.24 38.18 19.35
C LYS A 3 5.71 37.08 18.42
N ASN A 4 5.07 35.91 18.54
CA ASN A 4 5.43 34.77 17.70
C ASN A 4 4.19 34.19 17.04
N PRO A 5 4.37 33.54 15.92
CA PRO A 5 3.24 32.91 15.16
C PRO A 5 2.69 31.68 15.86
N PRO A 6 1.51 31.26 15.49
CA PRO A 6 0.85 30.07 16.09
C PRO A 6 1.62 28.78 15.81
N ASP A 7 1.35 27.75 16.62
CA ASP A 7 2.04 26.48 16.44
C ASP A 7 1.08 25.43 15.86
N ASP A 8 0.39 25.80 14.79
CA ASP A 8 -0.55 24.88 14.15
C ASP A 8 -1.25 24.01 15.18
N THR A 9 -2.17 24.60 15.93
CA THR A 9 -2.90 23.87 16.94
C THR A 9 -4.05 23.09 16.30
N GLY A 10 -4.20 23.25 15.00
CA GLY A 10 -5.24 22.57 14.25
C GLY A 10 -5.11 22.83 12.75
N PRO A 11 -4.11 22.26 12.15
CA PRO A 11 -3.83 22.44 10.69
C PRO A 11 -4.74 21.59 9.82
N VAL A 12 -5.80 22.20 9.31
CA VAL A 12 -6.75 21.50 8.45
C VAL A 12 -6.13 21.28 7.07
N HIS A 13 -4.81 21.20 7.03
CA HIS A 13 -4.09 20.99 5.77
C HIS A 13 -3.48 19.60 5.74
N VAL A 14 -4.21 18.62 6.25
CA VAL A 14 -3.73 17.24 6.27
C VAL A 14 -4.07 16.53 4.96
N PRO A 15 -5.19 16.88 4.37
CA PRO A 15 -5.64 16.25 3.08
C PRO A 15 -4.62 16.45 1.95
N LEU A 16 -3.57 17.20 2.24
CA LEU A 16 -2.53 17.47 1.25
C LEU A 16 -1.76 16.19 0.94
N GLY A 17 -0.69 15.95 1.71
CA GLY A 17 0.13 14.78 1.51
C GLY A 17 0.21 13.96 2.81
N HIS A 18 -0.70 12.99 2.94
CA HIS A 18 -0.72 12.15 4.13
C HIS A 18 -0.93 10.69 3.76
N ILE A 19 -0.43 9.78 4.60
CA ILE A 19 -0.57 8.36 4.36
C ILE A 19 -1.26 7.68 5.54
N VAL A 20 -2.21 6.81 5.23
CA VAL A 20 -2.94 6.11 6.28
C VAL A 20 -2.35 4.72 6.53
N ALA A 21 -2.50 4.23 7.76
CA ALA A 21 -1.97 2.92 8.11
C ALA A 21 -2.98 2.16 8.98
N ASN A 22 -3.27 0.93 8.58
CA ASN A 22 -4.22 0.11 9.33
C ASN A 22 -3.77 -0.04 10.78
N GLU A 23 -4.70 0.20 11.71
CA GLU A 23 -4.38 0.08 13.13
C GLU A 23 -3.56 -1.18 13.40
N LYS A 24 -3.88 -2.26 12.70
CA LYS A 24 -3.17 -3.51 12.88
C LYS A 24 -1.78 -3.42 12.27
N TRP A 25 -1.71 -2.94 11.03
CA TRP A 25 -0.44 -2.81 10.34
C TRP A 25 0.42 -1.73 11.00
N ARG A 26 0.09 -1.41 12.25
CA ARG A 26 0.84 -0.40 12.98
C ARG A 26 2.00 -1.04 13.74
N GLY A 27 1.78 -2.27 14.22
CA GLY A 27 2.81 -2.98 14.96
C GLY A 27 3.97 -3.36 14.05
N SER A 28 4.29 -2.48 13.11
CA SER A 28 5.37 -2.73 12.18
C SER A 28 6.47 -1.68 12.33
N GLN A 29 7.72 -2.12 12.15
CA GLN A 29 8.86 -1.21 12.27
C GLN A 29 8.92 -0.27 11.07
N LEU A 30 8.24 -0.65 9.98
CA LEU A 30 8.23 0.16 8.78
C LEU A 30 7.44 1.45 9.02
N ALA A 31 6.18 1.30 9.41
CA ALA A 31 5.34 2.46 9.67
C ALA A 31 6.12 3.53 10.42
N GLN A 32 7.16 3.12 11.12
CA GLN A 32 7.99 4.05 11.88
C GLN A 32 8.83 4.90 10.94
N GLU A 33 9.49 4.26 9.98
CA GLU A 33 10.32 4.97 9.02
C GLU A 33 9.55 6.13 8.40
N MET A 34 8.36 5.84 7.89
CA MET A 34 7.53 6.87 7.27
C MET A 34 7.52 8.13 8.11
N GLN A 35 7.43 7.96 9.43
CA GLN A 35 7.42 9.11 10.34
C GLN A 35 8.79 9.75 10.40
N GLY A 36 9.63 9.44 9.42
CA GLY A 36 10.98 9.99 9.38
C GLY A 36 11.08 11.09 8.33
N LYS A 37 10.06 11.21 7.50
CA LYS A 37 10.04 12.22 6.46
C LYS A 37 8.60 12.62 6.12
N ILE A 38 7.72 11.64 6.04
CA ILE A 38 6.32 11.89 5.73
C ILE A 38 5.45 11.64 6.95
N LYS A 39 4.24 12.20 6.94
CA LYS A 39 3.32 12.02 8.06
C LYS A 39 2.51 10.75 7.88
N LEU A 40 2.19 10.10 9.00
CA LEU A 40 1.41 8.86 8.96
C LEU A 40 0.25 8.92 9.94
N ILE A 41 -0.91 8.45 9.53
CA ILE A 41 -2.09 8.44 10.38
C ILE A 41 -2.65 7.03 10.52
N PHE A 42 -3.11 6.70 11.72
CA PHE A 42 -3.66 5.37 11.97
C PHE A 42 -5.19 5.38 11.85
N GLU A 43 -5.72 4.40 11.15
CA GLU A 43 -7.17 4.30 10.96
C GLU A 43 -7.66 2.91 11.33
N ASP A 44 -8.55 2.84 12.31
CA ASP A 44 -9.09 1.55 12.75
C ASP A 44 -10.35 1.19 11.96
N GLY A 45 -10.24 0.16 11.12
CA GLY A 45 -11.38 -0.26 10.32
C GLY A 45 -10.97 -0.49 8.88
N LEU A 46 -9.75 -0.11 8.53
CA LEU A 46 -9.26 -0.29 7.17
C LEU A 46 -8.51 -1.61 7.03
N THR A 47 -8.58 -2.20 5.84
CA THR A 47 -7.91 -3.47 5.58
C THR A 47 -6.54 -3.26 4.95
N PRO A 48 -6.47 -2.43 3.94
CA PRO A 48 -5.20 -2.14 3.23
C PRO A 48 -4.06 -1.82 4.19
N ASP A 49 -2.84 -1.87 3.67
CA ASP A 49 -1.66 -1.58 4.50
C ASP A 49 -1.40 -0.09 4.55
N PHE A 50 -1.30 0.54 3.38
CA PHE A 50 -1.06 1.98 3.31
C PHE A 50 -1.97 2.64 2.28
N TYR A 51 -2.77 3.58 2.73
CA TYR A 51 -3.70 4.29 1.85
C TYR A 51 -3.11 5.64 1.45
N LEU A 52 -2.79 5.78 0.16
CA LEU A 52 -2.22 7.03 -0.33
C LEU A 52 -3.32 8.04 -0.64
N SER A 53 -4.39 7.58 -1.29
CA SER A 53 -5.50 8.45 -1.63
C SER A 53 -6.84 7.73 -1.40
N ASN A 54 -7.89 8.26 -2.01
CA ASN A 54 -9.21 7.67 -1.88
C ASN A 54 -9.46 6.64 -2.96
N ARG A 55 -8.55 6.58 -3.94
CA ARG A 55 -8.68 5.64 -5.04
C ARG A 55 -7.43 4.79 -5.18
N CYS A 56 -6.38 5.15 -4.44
CA CYS A 56 -5.13 4.41 -4.50
C CYS A 56 -4.79 3.78 -3.15
N CYS A 57 -4.42 2.51 -3.17
CA CYS A 57 -4.06 1.79 -1.95
C CYS A 57 -2.82 0.95 -2.19
N ILE A 58 -2.17 0.50 -1.12
CA ILE A 58 -0.97 -0.31 -1.25
C ILE A 58 -1.00 -1.50 -0.29
N LEU A 59 -0.86 -2.70 -0.85
CA LEU A 59 -0.87 -3.92 -0.05
C LEU A 59 0.48 -4.62 -0.13
N TYR A 60 0.96 -5.11 1.01
CA TYR A 60 2.25 -5.79 1.05
C TYR A 60 2.06 -7.30 0.95
N VAL A 61 2.85 -7.93 0.09
CA VAL A 61 2.78 -9.38 -0.08
C VAL A 61 4.18 -9.99 0.00
N THR A 62 4.26 -11.24 0.46
CA THR A 62 5.54 -11.91 0.58
C THR A 62 5.42 -13.36 0.11
N GLU A 63 6.56 -13.95 -0.27
CA GLU A 63 6.56 -15.33 -0.72
C GLU A 63 5.62 -16.17 0.12
N ALA A 64 5.67 -15.97 1.43
CA ALA A 64 4.81 -16.71 2.34
C ALA A 64 3.37 -16.73 1.83
N ASP A 65 2.93 -15.60 1.30
CA ASP A 65 1.58 -15.50 0.76
C ASP A 65 1.44 -16.35 -0.50
N LEU A 66 2.43 -16.26 -1.38
CA LEU A 66 2.41 -17.02 -2.63
C LEU A 66 2.09 -18.48 -2.35
N VAL A 67 2.73 -19.03 -1.32
CA VAL A 67 2.51 -20.43 -0.96
C VAL A 67 1.01 -20.73 -0.86
N ALA A 68 0.27 -19.79 -0.27
CA ALA A 68 -1.18 -19.96 -0.12
C ALA A 68 -1.86 -19.96 -1.49
N GLY A 69 -1.92 -18.78 -2.11
CA GLY A 69 -2.55 -18.66 -3.42
C GLY A 69 -4.07 -18.74 -3.30
N ASN A 70 -4.54 -19.79 -2.65
CA ASN A 70 -5.98 -19.99 -2.47
C ASN A 70 -6.42 -19.48 -1.10
N GLY A 71 -7.04 -18.31 -1.07
CA GLY A 71 -7.50 -17.73 0.19
C GLY A 71 -7.18 -16.24 0.26
N TYR A 72 -5.92 -15.89 0.01
CA TYR A 72 -5.50 -14.50 0.06
C TYR A 72 -6.15 -13.70 -1.07
N ARG A 73 -6.53 -14.39 -2.15
CA ARG A 73 -7.16 -13.73 -3.28
C ARG A 73 -8.46 -13.05 -2.85
N LYS A 74 -9.24 -13.75 -2.04
CA LYS A 74 -10.50 -13.22 -1.56
C LYS A 74 -10.34 -11.78 -1.09
N ARG A 75 -9.30 -11.54 -0.30
CA ARG A 75 -9.02 -10.20 0.22
C ARG A 75 -8.84 -9.20 -0.92
N LEU A 76 -8.18 -9.65 -1.99
CA LEU A 76 -7.95 -8.79 -3.15
C LEU A 76 -9.25 -8.51 -3.89
N VAL A 77 -10.13 -9.50 -3.93
CA VAL A 77 -11.41 -9.35 -4.62
C VAL A 77 -12.23 -8.23 -3.99
N ARG A 78 -12.21 -8.15 -2.67
CA ARG A 78 -12.96 -7.12 -1.97
C ARG A 78 -12.57 -5.73 -2.45
N VAL A 79 -11.36 -5.62 -2.99
CA VAL A 79 -10.87 -4.33 -3.49
C VAL A 79 -11.46 -4.04 -4.87
N ARG A 80 -11.37 -5.01 -5.77
CA ARG A 80 -11.90 -4.84 -7.12
C ARG A 80 -13.42 -4.73 -7.10
N ASN A 81 -14.03 -5.30 -6.07
CA ASN A 81 -15.49 -5.26 -5.94
C ASN A 81 -15.95 -3.85 -5.59
N SER A 82 -15.01 -2.99 -5.23
CA SER A 82 -15.34 -1.62 -4.88
C SER A 82 -15.83 -0.85 -6.10
N ASN A 83 -15.09 0.19 -6.47
CA ASN A 83 -15.46 1.00 -7.63
C ASN A 83 -14.36 0.99 -8.68
N ASN A 84 -13.47 1.99 -8.62
CA ASN A 84 -12.37 2.08 -9.56
C ASN A 84 -11.08 2.48 -8.85
N LEU A 85 -10.66 1.65 -7.90
CA LEU A 85 -9.44 1.94 -7.14
C LEU A 85 -8.25 1.25 -7.79
N LYS A 86 -7.24 2.04 -8.13
CA LYS A 86 -6.02 1.49 -8.75
C LYS A 86 -4.85 1.63 -7.79
N GLY A 87 -4.69 0.65 -6.90
CA GLY A 87 -3.59 0.68 -5.94
C GLY A 87 -2.39 -0.09 -6.46
N ILE A 88 -1.45 -0.39 -5.56
CA ILE A 88 -0.25 -1.11 -5.93
C ILE A 88 -0.01 -2.26 -4.97
N VAL A 89 0.34 -3.43 -5.53
CA VAL A 89 0.59 -4.60 -4.69
C VAL A 89 2.08 -4.92 -4.66
N VAL A 90 2.66 -4.88 -3.47
CA VAL A 90 4.09 -5.18 -3.32
C VAL A 90 4.29 -6.64 -2.97
N VAL A 91 5.33 -7.24 -3.54
CA VAL A 91 5.63 -8.65 -3.29
C VAL A 91 7.06 -8.82 -2.80
N GLU A 92 7.22 -9.59 -1.74
CA GLU A 92 8.56 -9.84 -1.18
C GLU A 92 9.06 -11.20 -1.60
N LYS A 93 9.99 -11.22 -2.55
CA LYS A 93 10.55 -12.48 -3.03
C LYS A 93 11.41 -13.14 -1.96
N THR A 94 11.18 -14.42 -1.74
CA THR A 94 11.94 -15.16 -0.73
C THR A 94 12.57 -16.40 -1.34
N ARG A 95 11.75 -17.41 -1.61
CA ARG A 95 12.25 -18.65 -2.18
C ARG A 95 11.25 -19.19 -3.22
N MET A 96 10.11 -19.66 -2.74
CA MET A 96 9.08 -20.20 -3.62
C MET A 96 8.46 -19.08 -4.46
N SER A 97 8.92 -17.86 -4.22
CA SER A 97 8.41 -16.70 -4.96
C SER A 97 8.84 -16.76 -6.42
N GLU A 98 9.98 -16.15 -6.72
CA GLU A 98 10.50 -16.13 -8.09
C GLU A 98 10.22 -17.45 -8.80
N GLN A 99 10.11 -18.52 -8.03
CA GLN A 99 9.86 -19.84 -8.60
C GLN A 99 8.42 -19.95 -9.12
N TYR A 100 7.45 -19.61 -8.27
CA TYR A 100 6.05 -19.67 -8.67
C TYR A 100 5.40 -18.29 -8.66
N PHE A 101 6.22 -17.26 -8.54
CA PHE A 101 5.69 -15.89 -8.51
C PHE A 101 5.14 -15.49 -9.89
N PRO A 102 5.74 -15.99 -10.94
CA PRO A 102 5.31 -15.68 -12.32
C PRO A 102 3.93 -16.26 -12.64
N ALA A 103 3.71 -17.51 -12.21
CA ALA A 103 2.44 -18.17 -12.44
C ALA A 103 1.29 -17.35 -11.86
N LEU A 104 1.44 -16.91 -10.62
CA LEU A 104 0.40 -16.12 -9.98
C LEU A 104 0.33 -14.73 -10.58
N GLN A 105 1.49 -14.08 -10.72
CA GLN A 105 1.56 -12.74 -11.28
C GLN A 105 0.79 -12.68 -12.61
N LYS A 106 0.81 -13.77 -13.36
CA LYS A 106 0.12 -13.82 -14.63
C LYS A 106 -1.38 -13.67 -14.45
N PHE A 107 -1.97 -14.55 -13.65
CA PHE A 107 -3.41 -14.51 -13.39
C PHE A 107 -3.80 -13.21 -12.70
N THR A 108 -3.12 -12.90 -11.60
CA THR A 108 -3.40 -11.68 -10.86
C THR A 108 -3.63 -10.50 -11.79
N VAL A 109 -2.82 -10.43 -12.86
CA VAL A 109 -2.95 -9.35 -13.82
C VAL A 109 -4.29 -9.45 -14.56
N LEU A 110 -4.49 -10.58 -15.23
CA LEU A 110 -5.72 -10.78 -15.98
C LEU A 110 -6.92 -10.78 -15.04
N ASP A 111 -6.68 -11.07 -13.77
CA ASP A 111 -7.74 -11.09 -12.77
C ASP A 111 -8.01 -9.68 -12.23
N LEU A 112 -6.96 -9.05 -11.72
CA LEU A 112 -7.10 -7.71 -11.16
C LEU A 112 -6.48 -6.66 -12.08
N GLY A 113 -5.48 -7.07 -12.86
CA GLY A 113 -4.81 -6.14 -13.77
C GLY A 113 -4.27 -4.93 -13.01
N MET A 114 -4.11 -5.08 -11.70
CA MET A 114 -3.60 -4.00 -10.88
C MET A 114 -2.11 -3.80 -11.12
N VAL A 115 -1.44 -3.14 -10.19
CA VAL A 115 0.00 -2.89 -10.32
C VAL A 115 0.78 -3.73 -9.32
N LEU A 116 1.76 -4.46 -9.82
CA LEU A 116 2.59 -5.31 -8.96
C LEU A 116 4.06 -4.93 -9.09
N LEU A 117 4.64 -4.45 -8.00
CA LEU A 117 6.04 -4.04 -8.00
C LEU A 117 6.81 -4.76 -6.90
N PRO A 118 7.33 -5.91 -7.20
CA PRO A 118 8.12 -6.72 -6.22
C PRO A 118 9.25 -5.91 -5.61
N VAL A 119 9.91 -6.47 -4.59
CA VAL A 119 11.01 -5.79 -3.93
C VAL A 119 12.11 -6.78 -3.54
N ALA A 120 12.29 -6.96 -2.24
CA ALA A 120 13.31 -7.88 -1.75
C ALA A 120 13.28 -7.94 -0.22
N SER A 121 13.04 -6.79 0.40
CA SER A 121 12.98 -6.71 1.85
C SER A 121 11.88 -5.76 2.29
N GLN A 122 11.84 -5.46 3.58
CA GLN A 122 10.82 -4.55 4.11
C GLN A 122 11.21 -3.11 3.87
N MET A 123 12.52 -2.85 3.81
CA MET A 123 13.01 -1.49 3.59
C MET A 123 12.71 -1.04 2.17
N GLU A 124 13.03 -1.88 1.19
CA GLU A 124 12.78 -1.54 -0.20
C GLU A 124 11.38 -0.94 -0.36
N ALA A 125 10.40 -1.57 0.25
CA ALA A 125 9.02 -1.10 0.20
C ALA A 125 8.92 0.26 0.87
N SER A 126 9.35 0.33 2.14
CA SER A 126 9.31 1.58 2.87
C SER A 126 10.04 2.66 2.07
N CYS A 127 11.05 2.22 1.32
CA CYS A 127 11.83 3.13 0.51
C CYS A 127 11.14 3.35 -0.84
N LEU A 128 10.51 2.30 -1.36
CA LEU A 128 9.82 2.41 -2.65
C LEU A 128 8.53 3.19 -2.50
N VAL A 129 7.87 3.03 -1.35
CA VAL A 129 6.61 3.73 -1.10
C VAL A 129 6.87 5.21 -0.81
N ILE A 130 7.72 5.47 0.17
CA ILE A 130 8.04 6.85 0.54
C ILE A 130 8.62 7.60 -0.66
N GLN A 131 9.62 7.01 -1.30
CA GLN A 131 10.23 7.64 -2.47
C GLN A 131 9.16 8.10 -3.45
N LEU A 132 8.05 7.39 -3.48
CA LEU A 132 6.94 7.73 -4.37
C LEU A 132 6.09 8.83 -3.76
N VAL A 133 5.82 8.72 -2.46
CA VAL A 133 5.01 9.71 -1.77
C VAL A 133 5.68 11.07 -1.78
N GLN A 134 7.02 11.07 -1.67
CA GLN A 134 7.78 12.31 -1.66
C GLN A 134 7.72 12.98 -3.03
N GLU A 135 7.44 12.18 -4.06
CA GLU A 135 7.36 12.71 -5.42
C GLU A 135 5.99 13.34 -5.67
N GLN A 136 4.95 12.72 -5.12
CA GLN A 136 3.60 13.23 -5.29
C GLN A 136 3.44 14.56 -4.57
N THR A 137 3.83 14.60 -3.31
CA THR A 137 3.73 15.83 -2.52
C THR A 137 4.08 17.04 -3.37
N LYS A 138 5.29 17.04 -3.93
CA LYS A 138 5.74 18.14 -4.77
C LYS A 138 4.58 18.70 -5.58
N GLU A 139 4.68 19.98 -5.94
CA GLU A 139 3.63 20.62 -6.73
C GLU A 139 2.93 19.60 -7.63
N MET A 1 -17.35 28.44 11.75
CA MET A 1 -17.75 28.80 10.36
C MET A 1 -17.30 30.23 10.05
N GLU A 2 -16.88 30.95 11.09
CA GLU A 2 -16.43 32.32 10.92
C GLU A 2 -15.00 32.35 10.38
N LYS A 3 -14.78 33.17 9.36
CA LYS A 3 -13.47 33.30 8.76
C LYS A 3 -13.13 34.77 8.52
N ASN A 4 -13.19 35.56 9.59
CA ASN A 4 -12.90 36.99 9.49
C ASN A 4 -11.40 37.25 9.61
N PRO A 5 -10.80 36.78 10.67
CA PRO A 5 -9.34 36.97 10.92
C PRO A 5 -8.48 35.98 10.12
N PRO A 6 -7.32 36.40 9.70
CA PRO A 6 -6.39 35.54 8.92
C PRO A 6 -5.71 34.50 9.79
N ASP A 7 -6.18 33.25 9.69
CA ASP A 7 -5.62 32.17 10.48
C ASP A 7 -5.02 31.10 9.57
N ASP A 8 -4.08 31.51 8.73
CA ASP A 8 -3.43 30.58 7.80
C ASP A 8 -4.38 29.43 7.46
N THR A 9 -5.59 29.78 7.03
CA THR A 9 -6.57 28.76 6.67
C THR A 9 -6.21 28.11 5.33
N GLY A 10 -4.97 28.31 4.90
CA GLY A 10 -4.50 27.75 3.64
C GLY A 10 -4.61 26.23 3.65
N PRO A 11 -3.78 25.58 4.42
CA PRO A 11 -3.76 24.09 4.52
C PRO A 11 -5.05 23.55 5.14
N VAL A 12 -6.05 23.32 4.29
CA VAL A 12 -7.33 22.80 4.75
C VAL A 12 -7.46 21.31 4.43
N HIS A 13 -6.84 20.90 3.33
CA HIS A 13 -6.89 19.50 2.92
C HIS A 13 -5.62 19.10 2.19
N VAL A 14 -4.77 18.34 2.86
CA VAL A 14 -3.51 17.88 2.27
C VAL A 14 -3.38 16.38 2.37
N PRO A 15 -4.38 15.66 1.94
CA PRO A 15 -4.39 14.17 1.98
C PRO A 15 -3.35 13.56 1.05
N LEU A 16 -3.02 14.27 -0.02
CA LEU A 16 -2.03 13.79 -0.97
C LEU A 16 -0.63 13.86 -0.39
N GLY A 17 -0.54 14.30 0.86
CA GLY A 17 0.75 14.43 1.53
C GLY A 17 0.98 13.26 2.50
N HIS A 18 0.18 13.20 3.56
CA HIS A 18 0.31 12.14 4.54
C HIS A 18 -0.21 10.82 3.98
N ILE A 19 0.30 9.72 4.53
CA ILE A 19 -0.12 8.40 4.08
C ILE A 19 -0.98 7.71 5.15
N VAL A 20 -1.98 6.97 4.71
CA VAL A 20 -2.86 6.27 5.64
C VAL A 20 -2.39 4.84 5.87
N ALA A 21 -2.56 4.34 7.08
CA ALA A 21 -2.14 2.98 7.41
C ALA A 21 -3.22 2.28 8.24
N ASN A 22 -3.48 1.02 7.91
CA ASN A 22 -4.49 0.25 8.63
C ASN A 22 -4.06 0.04 10.08
N GLU A 23 -5.00 0.23 11.00
CA GLU A 23 -4.71 0.07 12.42
C GLU A 23 -3.87 -1.18 12.65
N LYS A 24 -4.09 -2.19 11.82
CA LYS A 24 -3.35 -3.44 11.93
C LYS A 24 -1.89 -3.23 11.51
N TRP A 25 -1.69 -2.39 10.50
CA TRP A 25 -0.35 -2.11 10.02
C TRP A 25 0.43 -1.31 11.06
N ARG A 26 -0.29 -0.79 12.05
CA ARG A 26 0.33 -0.01 13.11
C ARG A 26 1.33 -0.87 13.89
N GLY A 27 0.96 -2.11 14.16
CA GLY A 27 1.83 -3.02 14.89
C GLY A 27 3.02 -3.43 14.05
N SER A 28 3.71 -2.44 13.49
CA SER A 28 4.88 -2.70 12.66
C SER A 28 5.90 -1.57 12.80
N GLN A 29 7.17 -1.91 12.59
CA GLN A 29 8.24 -0.92 12.70
C GLN A 29 8.25 -0.02 11.45
N LEU A 30 7.65 -0.51 10.37
CA LEU A 30 7.60 0.25 9.13
C LEU A 30 6.67 1.46 9.28
N ALA A 31 5.43 1.20 9.67
CA ALA A 31 4.46 2.28 9.84
C ALA A 31 5.01 3.35 10.77
N GLN A 32 5.81 2.94 11.74
CA GLN A 32 6.39 3.89 12.70
C GLN A 32 7.63 4.55 12.12
N GLU A 33 8.32 3.83 11.23
CA GLU A 33 9.52 4.36 10.60
C GLU A 33 9.18 5.53 9.68
N MET A 34 8.00 5.47 9.08
CA MET A 34 7.55 6.54 8.18
C MET A 34 7.15 7.77 8.98
N GLN A 35 6.72 7.56 10.22
CA GLN A 35 6.30 8.66 11.08
C GLN A 35 7.50 9.57 11.40
N GLY A 36 8.69 9.13 11.03
CA GLY A 36 9.89 9.90 11.29
C GLY A 36 10.23 10.81 10.11
N LYS A 37 9.85 10.39 8.91
CA LYS A 37 10.12 11.17 7.71
C LYS A 37 8.86 11.88 7.22
N ILE A 38 7.77 11.13 7.11
CA ILE A 38 6.51 11.72 6.65
C ILE A 38 5.40 11.50 7.68
N LYS A 39 4.25 12.12 7.43
CA LYS A 39 3.11 12.01 8.33
C LYS A 39 2.28 10.77 7.99
N LEU A 40 2.03 9.93 8.98
CA LEU A 40 1.25 8.71 8.77
C LEU A 40 -0.03 8.73 9.60
N ILE A 41 -1.15 8.47 8.96
CA ILE A 41 -2.44 8.45 9.66
C ILE A 41 -2.95 7.02 9.79
N PHE A 42 -3.54 6.70 10.94
CA PHE A 42 -4.06 5.37 11.17
C PHE A 42 -5.59 5.36 11.06
N GLU A 43 -6.11 4.43 10.27
CA GLU A 43 -7.55 4.33 10.08
C GLU A 43 -8.00 2.87 10.26
N ASP A 44 -8.77 2.64 11.32
CA ASP A 44 -9.27 1.29 11.61
C ASP A 44 -10.40 0.92 10.66
N GLY A 45 -10.28 -0.23 10.02
CA GLY A 45 -11.30 -0.69 9.08
C GLY A 45 -10.68 -0.99 7.72
N LEU A 46 -9.86 -0.07 7.23
CA LEU A 46 -9.20 -0.25 5.94
C LEU A 46 -8.61 -1.64 5.84
N THR A 47 -8.57 -2.19 4.63
CA THR A 47 -8.02 -3.53 4.41
C THR A 47 -6.59 -3.43 3.88
N PRO A 48 -6.39 -2.61 2.89
CA PRO A 48 -5.04 -2.43 2.27
C PRO A 48 -3.97 -2.05 3.30
N ASP A 49 -2.73 -1.93 2.84
CA ASP A 49 -1.62 -1.57 3.72
C ASP A 49 -1.50 -0.05 3.85
N PHE A 50 -1.35 0.60 2.70
CA PHE A 50 -1.23 2.05 2.68
C PHE A 50 -2.20 2.66 1.67
N TYR A 51 -2.75 3.82 2.00
CA TYR A 51 -3.70 4.49 1.13
C TYR A 51 -3.15 5.83 0.66
N LEU A 52 -2.77 5.89 -0.61
CA LEU A 52 -2.23 7.12 -1.18
C LEU A 52 -3.32 8.18 -1.31
N SER A 53 -4.53 7.74 -1.66
CA SER A 53 -5.65 8.66 -1.81
C SER A 53 -6.97 7.90 -1.74
N ASN A 54 -7.94 8.33 -2.53
CA ASN A 54 -9.24 7.69 -2.56
C ASN A 54 -9.49 7.01 -3.90
N ARG A 55 -8.41 6.78 -4.64
CA ARG A 55 -8.52 6.13 -5.95
C ARG A 55 -7.34 5.23 -6.20
N CYS A 56 -6.53 5.01 -5.17
CA CYS A 56 -5.35 4.15 -5.29
C CYS A 56 -4.84 3.73 -3.92
N CYS A 57 -4.33 2.51 -3.84
CA CYS A 57 -3.81 1.99 -2.57
C CYS A 57 -2.61 1.09 -2.83
N ILE A 58 -1.94 0.67 -1.76
CA ILE A 58 -0.77 -0.19 -1.90
C ILE A 58 -0.88 -1.39 -0.95
N LEU A 59 -0.74 -2.59 -1.52
CA LEU A 59 -0.82 -3.81 -0.72
C LEU A 59 0.52 -4.54 -0.75
N TYR A 60 1.13 -4.69 0.41
CA TYR A 60 2.42 -5.37 0.50
C TYR A 60 2.24 -6.87 0.69
N VAL A 61 2.72 -7.64 -0.28
CA VAL A 61 2.61 -9.09 -0.23
C VAL A 61 3.93 -9.69 0.26
N THR A 62 3.84 -10.83 0.94
CA THR A 62 5.05 -11.48 1.46
C THR A 62 5.17 -12.89 0.91
N GLU A 63 6.39 -13.40 0.89
CA GLU A 63 6.65 -14.74 0.38
C GLU A 63 5.63 -15.73 0.95
N ALA A 64 5.37 -15.63 2.24
CA ALA A 64 4.42 -16.52 2.89
C ALA A 64 3.09 -16.53 2.14
N ASP A 65 2.87 -15.50 1.33
CA ASP A 65 1.64 -15.40 0.57
C ASP A 65 1.70 -16.28 -0.68
N LEU A 66 2.76 -16.11 -1.47
CA LEU A 66 2.92 -16.91 -2.68
C LEU A 66 2.90 -18.39 -2.36
N VAL A 67 3.70 -18.80 -1.38
CA VAL A 67 3.78 -20.20 -1.00
C VAL A 67 2.38 -20.75 -0.69
N ALA A 68 1.41 -19.85 -0.55
CA ALA A 68 0.04 -20.26 -0.26
C ALA A 68 -0.95 -19.20 -0.75
N GLY A 69 -0.62 -18.57 -1.87
CA GLY A 69 -1.50 -17.55 -2.44
C GLY A 69 -2.83 -18.16 -2.89
N ASN A 70 -2.83 -19.48 -3.03
CA ASN A 70 -4.03 -20.19 -3.45
C ASN A 70 -5.23 -19.80 -2.59
N GLY A 71 -5.02 -19.76 -1.27
CA GLY A 71 -6.08 -19.40 -0.35
C GLY A 71 -6.24 -17.89 -0.25
N TYR A 72 -5.13 -17.19 -0.08
CA TYR A 72 -5.16 -15.74 0.02
C TYR A 72 -5.89 -15.13 -1.15
N ARG A 73 -5.89 -15.84 -2.28
CA ARG A 73 -6.56 -15.35 -3.49
C ARG A 73 -7.84 -14.61 -3.12
N LYS A 74 -8.52 -15.08 -2.09
CA LYS A 74 -9.76 -14.45 -1.66
C LYS A 74 -9.49 -13.08 -1.02
N ARG A 75 -8.53 -13.05 -0.10
CA ARG A 75 -8.17 -11.81 0.57
C ARG A 75 -7.84 -10.72 -0.44
N LEU A 76 -7.34 -11.14 -1.61
CA LEU A 76 -6.97 -10.19 -2.65
C LEU A 76 -8.22 -9.56 -3.27
N VAL A 77 -9.10 -10.40 -3.80
CA VAL A 77 -10.33 -9.92 -4.43
C VAL A 77 -11.07 -8.97 -3.48
N ARG A 78 -11.02 -9.27 -2.20
CA ARG A 78 -11.69 -8.44 -1.20
C ARG A 78 -11.46 -6.96 -1.50
N VAL A 79 -10.41 -6.67 -2.26
CA VAL A 79 -10.09 -5.29 -2.61
C VAL A 79 -11.00 -4.80 -3.74
N ARG A 80 -11.38 -5.71 -4.63
CA ARG A 80 -12.25 -5.35 -5.75
C ARG A 80 -13.71 -5.33 -5.31
N ASN A 81 -14.08 -6.30 -4.48
CA ASN A 81 -15.46 -6.38 -4.00
C ASN A 81 -15.87 -5.11 -3.26
N SER A 82 -14.87 -4.37 -2.79
CA SER A 82 -15.13 -3.13 -2.06
C SER A 82 -15.06 -1.94 -2.99
N ASN A 83 -13.94 -1.80 -3.69
CA ASN A 83 -13.76 -0.68 -4.62
C ASN A 83 -13.23 -1.18 -5.95
N ASN A 84 -12.84 -0.25 -6.82
CA ASN A 84 -12.31 -0.60 -8.12
C ASN A 84 -11.26 0.43 -8.56
N LEU A 85 -10.36 0.76 -7.64
CA LEU A 85 -9.32 1.73 -7.94
C LEU A 85 -8.01 1.02 -8.27
N LYS A 86 -7.15 1.71 -9.02
CA LYS A 86 -5.87 1.15 -9.40
C LYS A 86 -4.87 1.27 -8.26
N GLY A 87 -4.32 0.15 -7.81
CA GLY A 87 -3.36 0.15 -6.72
C GLY A 87 -2.09 -0.61 -7.10
N ILE A 88 -1.03 -0.41 -6.33
CA ILE A 88 0.23 -1.08 -6.59
C ILE A 88 0.49 -2.15 -5.55
N VAL A 89 0.66 -3.39 -6.02
CA VAL A 89 0.90 -4.51 -5.11
C VAL A 89 2.39 -4.81 -5.03
N VAL A 90 2.91 -4.83 -3.80
CA VAL A 90 4.33 -5.13 -3.59
C VAL A 90 4.50 -6.58 -3.18
N VAL A 91 5.64 -7.16 -3.53
CA VAL A 91 5.91 -8.56 -3.19
C VAL A 91 7.31 -8.71 -2.60
N GLU A 92 7.45 -9.62 -1.65
CA GLU A 92 8.73 -9.87 -1.02
C GLU A 92 9.47 -11.00 -1.73
N LYS A 93 10.65 -10.69 -2.24
CA LYS A 93 11.45 -11.69 -2.96
C LYS A 93 11.93 -12.78 -2.01
N THR A 94 11.90 -14.02 -2.49
CA THR A 94 12.34 -15.15 -1.67
C THR A 94 12.89 -16.26 -2.57
N ARG A 95 12.13 -17.35 -2.68
CA ARG A 95 12.54 -18.48 -3.50
C ARG A 95 11.41 -18.89 -4.43
N MET A 96 10.40 -19.54 -3.87
CA MET A 96 9.26 -19.99 -4.67
C MET A 96 8.64 -18.81 -5.40
N SER A 97 9.12 -17.61 -5.10
CA SER A 97 8.61 -16.40 -5.74
C SER A 97 8.71 -16.51 -7.26
N GLU A 98 9.85 -16.11 -7.81
CA GLU A 98 10.06 -16.18 -9.24
C GLU A 98 9.53 -17.48 -9.83
N GLN A 99 9.41 -18.50 -8.98
CA GLN A 99 8.92 -19.80 -9.43
C GLN A 99 7.43 -19.73 -9.76
N TYR A 100 6.63 -19.29 -8.79
CA TYR A 100 5.19 -19.20 -8.98
C TYR A 100 4.73 -17.74 -8.89
N PHE A 101 5.68 -16.82 -8.89
CA PHE A 101 5.34 -15.40 -8.80
C PHE A 101 4.53 -14.97 -10.02
N PRO A 102 4.82 -15.52 -11.18
CA PRO A 102 4.10 -15.19 -12.44
C PRO A 102 2.68 -15.76 -12.45
N ALA A 103 2.58 -17.07 -12.21
CA ALA A 103 1.28 -17.73 -12.20
C ALA A 103 0.27 -16.92 -11.38
N LEU A 104 0.77 -16.17 -10.41
CA LEU A 104 -0.09 -15.35 -9.57
C LEU A 104 -0.37 -14.01 -10.23
N GLN A 105 0.69 -13.40 -10.76
CA GLN A 105 0.55 -12.10 -11.43
C GLN A 105 -0.40 -12.20 -12.60
N LYS A 106 -0.42 -13.36 -13.25
CA LYS A 106 -1.30 -13.57 -14.40
C LYS A 106 -2.75 -13.73 -13.95
N PHE A 107 -2.95 -14.34 -12.80
CA PHE A 107 -4.29 -14.55 -12.27
C PHE A 107 -4.80 -13.30 -11.57
N THR A 108 -3.90 -12.61 -10.86
CA THR A 108 -4.26 -11.40 -10.14
C THR A 108 -4.49 -10.24 -11.11
N VAL A 109 -3.70 -10.20 -12.18
CA VAL A 109 -3.83 -9.13 -13.17
C VAL A 109 -5.16 -9.24 -13.90
N LEU A 110 -5.42 -10.39 -14.50
CA LEU A 110 -6.67 -10.59 -15.23
C LEU A 110 -7.87 -10.38 -14.30
N ASP A 111 -7.68 -10.68 -13.02
CA ASP A 111 -8.75 -10.54 -12.05
C ASP A 111 -8.84 -9.10 -11.53
N LEU A 112 -7.72 -8.56 -11.07
CA LEU A 112 -7.70 -7.20 -10.53
C LEU A 112 -7.05 -6.22 -11.50
N GLY A 113 -6.12 -6.71 -12.31
CA GLY A 113 -5.44 -5.86 -13.28
C GLY A 113 -4.68 -4.74 -12.57
N MET A 114 -4.16 -5.05 -11.39
CA MET A 114 -3.40 -4.06 -10.62
C MET A 114 -1.94 -4.03 -11.06
N VAL A 115 -1.16 -3.18 -10.42
CA VAL A 115 0.25 -3.06 -10.77
C VAL A 115 1.12 -3.77 -9.74
N LEU A 116 1.94 -4.70 -10.20
CA LEU A 116 2.83 -5.45 -9.31
C LEU A 116 4.27 -4.95 -9.45
N LEU A 117 4.99 -4.93 -8.35
CA LEU A 117 6.37 -4.47 -8.37
C LEU A 117 7.15 -5.03 -7.18
N PRO A 118 7.72 -6.19 -7.34
CA PRO A 118 8.52 -6.86 -6.27
C PRO A 118 9.67 -5.99 -5.80
N VAL A 119 10.00 -6.08 -4.51
CA VAL A 119 11.09 -5.30 -3.95
C VAL A 119 12.29 -6.19 -3.63
N ALA A 120 12.51 -6.44 -2.34
CA ALA A 120 13.62 -7.28 -1.91
C ALA A 120 13.65 -7.37 -0.40
N SER A 121 13.20 -6.31 0.27
CA SER A 121 13.19 -6.28 1.73
C SER A 121 11.96 -5.53 2.23
N GLN A 122 11.89 -5.31 3.54
CA GLN A 122 10.76 -4.60 4.13
C GLN A 122 10.99 -3.10 4.07
N MET A 123 12.25 -2.69 4.00
CA MET A 123 12.59 -1.27 3.94
C MET A 123 12.45 -0.74 2.52
N GLU A 124 12.88 -1.53 1.55
CA GLU A 124 12.78 -1.13 0.15
C GLU A 124 11.41 -0.54 -0.15
N ALA A 125 10.37 -1.20 0.36
CA ALA A 125 9.00 -0.75 0.17
C ALA A 125 8.78 0.57 0.89
N SER A 126 9.01 0.57 2.19
CA SER A 126 8.85 1.78 2.98
C SER A 126 9.70 2.89 2.39
N CYS A 127 10.81 2.49 1.77
CA CYS A 127 11.71 3.45 1.14
C CYS A 127 11.24 3.77 -0.27
N LEU A 128 10.69 2.76 -0.95
CA LEU A 128 10.20 2.97 -2.30
C LEU A 128 8.91 3.80 -2.28
N VAL A 129 7.96 3.39 -1.45
CA VAL A 129 6.69 4.11 -1.34
C VAL A 129 6.93 5.58 -1.00
N ILE A 130 7.63 5.82 0.10
CA ILE A 130 7.91 7.19 0.52
C ILE A 130 8.61 7.96 -0.58
N GLN A 131 9.61 7.34 -1.20
CA GLN A 131 10.36 7.97 -2.29
C GLN A 131 9.41 8.40 -3.40
N LEU A 132 8.36 7.62 -3.61
CA LEU A 132 7.38 7.92 -4.66
C LEU A 132 6.61 9.19 -4.31
N VAL A 133 6.32 9.38 -3.03
CA VAL A 133 5.59 10.56 -2.59
C VAL A 133 6.54 11.73 -2.37
N GLN A 134 7.69 11.45 -1.76
CA GLN A 134 8.68 12.49 -1.49
C GLN A 134 9.17 13.12 -2.80
N GLU A 135 9.39 12.28 -3.81
CA GLU A 135 9.86 12.77 -5.10
C GLU A 135 8.72 13.43 -5.88
N GLN A 136 7.52 12.91 -5.71
CA GLN A 136 6.36 13.45 -6.40
C GLN A 136 6.30 14.97 -6.24
N THR A 137 6.56 15.44 -5.03
CA THR A 137 6.53 16.88 -4.76
C THR A 137 7.95 17.44 -4.67
N LYS A 138 8.83 16.98 -5.55
CA LYS A 138 10.20 17.45 -5.56
C LYS A 138 10.25 18.97 -5.54
N GLU A 139 11.39 19.53 -5.11
CA GLU A 139 11.54 20.97 -5.05
C GLU A 139 12.38 21.48 -6.21
N MET A 1 -33.84 13.98 19.71
CA MET A 1 -32.97 14.14 18.51
C MET A 1 -32.45 15.58 18.45
N GLU A 2 -32.02 16.00 17.27
CA GLU A 2 -31.51 17.35 17.09
C GLU A 2 -32.36 18.13 16.10
N LYS A 3 -32.02 19.40 15.88
CA LYS A 3 -32.75 20.24 14.95
C LYS A 3 -32.07 21.59 14.78
N ASN A 4 -30.75 21.57 14.69
CA ASN A 4 -29.97 22.79 14.53
C ASN A 4 -28.96 22.64 13.41
N PRO A 5 -28.43 23.74 12.93
CA PRO A 5 -27.42 23.74 11.83
C PRO A 5 -26.35 22.67 12.04
N PRO A 6 -25.74 22.23 10.98
CA PRO A 6 -24.68 21.19 11.04
C PRO A 6 -23.40 21.70 11.70
N ASP A 7 -22.57 20.78 12.16
CA ASP A 7 -21.32 21.15 12.82
C ASP A 7 -20.12 20.90 11.91
N ASP A 8 -20.30 21.21 10.62
CA ASP A 8 -19.23 21.00 9.65
C ASP A 8 -19.15 19.55 9.22
N THR A 9 -18.57 18.71 10.08
CA THR A 9 -18.43 17.29 9.79
C THR A 9 -18.20 17.09 8.29
N GLY A 10 -17.33 17.90 7.71
CA GLY A 10 -17.04 17.80 6.29
C GLY A 10 -16.07 18.89 5.85
N PRO A 11 -14.86 18.85 6.35
CA PRO A 11 -13.81 19.86 6.02
C PRO A 11 -13.72 20.12 4.51
N VAL A 12 -13.48 21.38 4.15
CA VAL A 12 -13.37 21.76 2.75
C VAL A 12 -11.91 21.92 2.36
N HIS A 13 -11.01 21.72 3.32
CA HIS A 13 -9.58 21.85 3.07
C HIS A 13 -9.07 20.67 2.24
N VAL A 14 -7.82 20.77 1.79
CA VAL A 14 -7.22 19.72 0.99
C VAL A 14 -5.88 19.28 1.60
N PRO A 15 -5.54 18.03 1.43
CA PRO A 15 -4.27 17.48 1.98
C PRO A 15 -3.03 17.98 1.22
N LEU A 16 -1.86 17.54 1.65
CA LEU A 16 -0.62 17.95 0.99
C LEU A 16 0.27 16.74 0.71
N GLY A 17 0.37 15.85 1.69
CA GLY A 17 1.19 14.65 1.54
C GLY A 17 1.22 13.85 2.83
N HIS A 18 0.22 13.00 3.03
CA HIS A 18 0.13 12.18 4.23
C HIS A 18 -0.18 10.74 3.88
N ILE A 19 0.31 9.81 4.70
CA ILE A 19 0.06 8.39 4.46
C ILE A 19 -0.72 7.80 5.62
N VAL A 20 -1.54 6.78 5.32
CA VAL A 20 -2.34 6.14 6.35
C VAL A 20 -1.98 4.66 6.46
N ALA A 21 -1.84 4.19 7.69
CA ALA A 21 -1.49 2.78 7.93
C ALA A 21 -2.63 2.08 8.66
N ASN A 22 -2.94 0.87 8.22
CA ASN A 22 -4.02 0.09 8.84
C ASN A 22 -3.64 -0.31 10.27
N GLU A 23 -4.58 -0.14 11.19
CA GLU A 23 -4.34 -0.49 12.58
C GLU A 23 -3.89 -1.94 12.70
N LYS A 24 -4.47 -2.81 11.88
CA LYS A 24 -4.11 -4.22 11.90
C LYS A 24 -2.82 -4.46 11.12
N TRP A 25 -2.87 -4.23 9.81
CA TRP A 25 -1.69 -4.42 8.97
C TRP A 25 -0.45 -3.86 9.66
N ARG A 26 -0.56 -2.63 10.16
CA ARG A 26 0.55 -1.99 10.83
C ARG A 26 1.87 -2.55 10.33
N GLY A 27 2.36 -1.99 9.23
CA GLY A 27 3.62 -2.44 8.64
C GLY A 27 4.67 -2.66 9.73
N SER A 28 4.37 -2.24 10.95
CA SER A 28 5.29 -2.40 12.06
C SER A 28 6.43 -1.39 11.94
N GLN A 29 7.62 -1.81 12.33
CA GLN A 29 8.78 -0.93 12.26
C GLN A 29 8.76 -0.10 10.99
N LEU A 30 7.99 -0.57 10.01
CA LEU A 30 7.86 0.12 8.73
C LEU A 30 7.05 1.41 8.91
N ALA A 31 5.86 1.27 9.50
CA ALA A 31 4.99 2.41 9.72
C ALA A 31 5.59 3.35 10.77
N GLN A 32 6.35 2.78 11.70
CA GLN A 32 6.96 3.58 12.75
C GLN A 32 8.00 4.53 12.15
N GLU A 33 8.94 3.99 11.40
CA GLU A 33 9.97 4.81 10.77
C GLU A 33 9.34 5.85 9.86
N MET A 34 8.32 5.43 9.11
CA MET A 34 7.63 6.33 8.19
C MET A 34 7.54 7.73 8.80
N GLN A 35 7.40 7.79 10.12
CA GLN A 35 7.29 9.07 10.80
C GLN A 35 8.66 9.74 10.89
N GLY A 36 9.59 9.28 10.06
CA GLY A 36 10.93 9.84 10.05
C GLY A 36 11.17 10.70 8.81
N LYS A 37 10.19 10.71 7.91
CA LYS A 37 10.31 11.49 6.69
C LYS A 37 9.00 12.21 6.37
N ILE A 38 7.89 11.50 6.55
CA ILE A 38 6.57 12.08 6.27
C ILE A 38 5.62 11.81 7.43
N LYS A 39 4.44 12.42 7.36
CA LYS A 39 3.44 12.24 8.42
C LYS A 39 2.61 10.99 8.16
N LEU A 40 2.55 10.11 9.15
CA LEU A 40 1.78 8.87 9.03
C LEU A 40 0.62 8.86 10.00
N ILE A 41 -0.47 8.18 9.62
CA ILE A 41 -1.64 8.09 10.48
C ILE A 41 -2.12 6.65 10.58
N PHE A 42 -2.75 6.33 11.71
CA PHE A 42 -3.27 4.98 11.92
C PHE A 42 -4.78 4.99 12.05
N GLU A 43 -5.45 4.11 11.31
CA GLU A 43 -6.90 4.04 11.34
C GLU A 43 -7.37 2.59 11.38
N ASP A 44 -8.24 2.29 12.35
CA ASP A 44 -8.75 0.93 12.49
C ASP A 44 -10.06 0.78 11.71
N GLY A 45 -10.09 -0.17 10.78
CA GLY A 45 -11.28 -0.40 9.97
C GLY A 45 -10.90 -0.69 8.52
N LEU A 46 -9.79 -0.10 8.09
CA LEU A 46 -9.32 -0.29 6.72
C LEU A 46 -8.84 -1.73 6.53
N THR A 47 -8.74 -2.15 5.27
CA THR A 47 -8.29 -3.51 4.97
C THR A 47 -6.91 -3.49 4.29
N PRO A 48 -6.70 -2.56 3.40
CA PRO A 48 -5.40 -2.44 2.68
C PRO A 48 -4.23 -2.22 3.63
N ASP A 49 -3.05 -1.97 3.06
CA ASP A 49 -1.86 -1.75 3.87
C ASP A 49 -1.61 -0.26 4.03
N PHE A 50 -1.63 0.47 2.92
CA PHE A 50 -1.39 1.91 2.96
C PHE A 50 -2.43 2.63 2.09
N TYR A 51 -2.83 3.82 2.53
CA TYR A 51 -3.82 4.59 1.79
C TYR A 51 -3.20 5.86 1.22
N LEU A 52 -3.22 5.97 -0.10
CA LEU A 52 -2.66 7.15 -0.77
C LEU A 52 -3.78 8.11 -1.18
N SER A 53 -4.95 7.54 -1.47
CA SER A 53 -6.10 8.36 -1.87
C SER A 53 -7.34 7.48 -1.98
N ASN A 54 -8.50 8.07 -1.69
CA ASN A 54 -9.75 7.33 -1.77
C ASN A 54 -9.95 6.74 -3.16
N ARG A 55 -8.95 6.94 -4.02
CA ARG A 55 -9.03 6.43 -5.38
C ARG A 55 -7.81 5.55 -5.69
N CYS A 56 -6.94 5.39 -4.69
CA CYS A 56 -5.75 4.56 -4.88
C CYS A 56 -5.24 4.05 -3.53
N CYS A 57 -4.81 2.79 -3.51
CA CYS A 57 -4.29 2.18 -2.30
C CYS A 57 -3.13 1.26 -2.63
N ILE A 58 -2.49 0.70 -1.60
CA ILE A 58 -1.35 -0.18 -1.82
C ILE A 58 -1.42 -1.39 -0.89
N LEU A 59 -1.21 -2.57 -1.46
CA LEU A 59 -1.25 -3.80 -0.68
C LEU A 59 0.11 -4.48 -0.72
N TYR A 60 0.57 -4.94 0.44
CA TYR A 60 1.88 -5.61 0.52
C TYR A 60 1.70 -7.10 0.75
N VAL A 61 2.33 -7.90 -0.10
CA VAL A 61 2.25 -9.35 0.01
C VAL A 61 3.63 -9.91 0.36
N THR A 62 3.63 -11.01 1.11
CA THR A 62 4.90 -11.63 1.51
C THR A 62 5.02 -13.02 0.90
N GLU A 63 6.26 -13.45 0.66
CA GLU A 63 6.50 -14.75 0.08
C GLU A 63 5.69 -15.83 0.79
N ALA A 64 5.52 -15.65 2.10
CA ALA A 64 4.76 -16.62 2.89
C ALA A 64 3.34 -16.74 2.34
N ASP A 65 2.91 -15.73 1.59
CA ASP A 65 1.58 -15.74 1.01
C ASP A 65 1.56 -16.51 -0.31
N LEU A 66 2.63 -16.38 -1.09
CA LEU A 66 2.72 -17.07 -2.36
C LEU A 66 2.57 -18.57 -2.17
N VAL A 67 3.30 -19.12 -1.19
CA VAL A 67 3.24 -20.55 -0.92
C VAL A 67 1.79 -21.01 -0.80
N ALA A 68 0.87 -20.06 -0.63
CA ALA A 68 -0.54 -20.39 -0.50
C ALA A 68 -1.17 -20.59 -1.88
N GLY A 69 -1.42 -19.49 -2.58
CA GLY A 69 -2.01 -19.55 -3.91
C GLY A 69 -3.46 -20.03 -3.83
N ASN A 70 -3.99 -20.10 -2.61
CA ASN A 70 -5.37 -20.54 -2.43
C ASN A 70 -5.85 -20.20 -1.02
N GLY A 71 -6.15 -18.92 -0.81
CA GLY A 71 -6.63 -18.47 0.50
C GLY A 71 -6.63 -16.96 0.59
N TYR A 72 -5.44 -16.36 0.46
CA TYR A 72 -5.31 -14.91 0.52
C TYR A 72 -5.86 -14.27 -0.75
N ARG A 73 -5.82 -15.00 -1.85
CA ARG A 73 -6.32 -14.49 -3.12
C ARG A 73 -7.70 -13.87 -2.94
N LYS A 74 -8.46 -14.37 -1.97
CA LYS A 74 -9.79 -13.86 -1.70
C LYS A 74 -9.72 -12.43 -1.18
N ARG A 75 -8.62 -12.12 -0.48
CA ARG A 75 -8.44 -10.78 0.08
C ARG A 75 -8.30 -9.75 -1.04
N LEU A 76 -7.66 -10.15 -2.14
CA LEU A 76 -7.46 -9.25 -3.26
C LEU A 76 -8.80 -8.93 -3.93
N VAL A 77 -9.57 -9.97 -4.24
CA VAL A 77 -10.86 -9.78 -4.89
C VAL A 77 -11.74 -8.81 -4.07
N ARG A 78 -11.66 -8.93 -2.75
CA ARG A 78 -12.44 -8.07 -1.88
C ARG A 78 -11.91 -6.63 -1.94
N VAL A 79 -10.59 -6.49 -1.95
CA VAL A 79 -9.97 -5.17 -2.01
C VAL A 79 -10.32 -4.47 -3.31
N ARG A 80 -10.40 -5.25 -4.40
CA ARG A 80 -10.72 -4.69 -5.70
C ARG A 80 -12.22 -4.56 -5.88
N ASN A 81 -12.97 -5.44 -5.21
CA ASN A 81 -14.43 -5.41 -5.30
C ASN A 81 -15.01 -4.34 -4.39
N SER A 82 -14.17 -3.82 -3.49
CA SER A 82 -14.61 -2.79 -2.56
C SER A 82 -15.20 -1.60 -3.32
N ASN A 83 -14.77 -1.44 -4.56
CA ASN A 83 -15.27 -0.33 -5.39
C ASN A 83 -14.72 -0.44 -6.80
N ASN A 84 -13.87 0.52 -7.17
CA ASN A 84 -13.28 0.54 -8.51
C ASN A 84 -12.19 1.59 -8.60
N LEU A 85 -11.04 1.31 -7.98
CA LEU A 85 -9.93 2.26 -7.99
C LEU A 85 -8.63 1.55 -8.35
N LYS A 86 -7.63 2.32 -8.76
CA LYS A 86 -6.34 1.77 -9.12
C LYS A 86 -5.49 1.53 -7.87
N GLY A 87 -5.14 0.29 -7.63
CA GLY A 87 -4.32 -0.05 -6.47
C GLY A 87 -3.11 -0.89 -6.86
N ILE A 88 -1.96 -0.58 -6.28
CA ILE A 88 -0.74 -1.32 -6.57
C ILE A 88 -0.55 -2.46 -5.58
N VAL A 89 -0.07 -3.59 -6.07
CA VAL A 89 0.15 -4.75 -5.22
C VAL A 89 1.63 -5.11 -5.15
N VAL A 90 2.26 -4.84 -4.00
CA VAL A 90 3.67 -5.14 -3.82
C VAL A 90 3.85 -6.55 -3.27
N VAL A 91 4.91 -7.23 -3.71
CA VAL A 91 5.18 -8.59 -3.25
C VAL A 91 6.62 -8.72 -2.79
N GLU A 92 6.83 -9.45 -1.70
CA GLU A 92 8.17 -9.65 -1.17
C GLU A 92 8.81 -10.90 -1.76
N LYS A 93 9.99 -10.75 -2.33
CA LYS A 93 10.69 -11.88 -2.94
C LYS A 93 11.60 -12.56 -1.92
N THR A 94 11.64 -13.88 -1.97
CA THR A 94 12.47 -14.65 -1.05
C THR A 94 13.04 -15.87 -1.74
N ARG A 95 12.20 -16.87 -1.99
CA ARG A 95 12.64 -18.09 -2.65
C ARG A 95 11.50 -18.70 -3.46
N MET A 96 10.53 -19.27 -2.75
CA MET A 96 9.38 -19.89 -3.42
C MET A 96 8.63 -18.85 -4.25
N SER A 97 9.06 -17.60 -4.14
CA SER A 97 8.41 -16.52 -4.89
C SER A 97 8.79 -16.60 -6.37
N GLU A 98 9.93 -16.02 -6.71
CA GLU A 98 10.39 -16.03 -8.10
C GLU A 98 10.02 -17.35 -8.78
N GLN A 99 9.86 -18.40 -7.98
CA GLN A 99 9.52 -19.71 -8.52
C GLN A 99 8.11 -19.72 -9.08
N TYR A 100 7.14 -19.36 -8.24
CA TYR A 100 5.74 -19.33 -8.68
C TYR A 100 5.18 -17.92 -8.60
N PHE A 101 6.06 -16.95 -8.40
CA PHE A 101 5.64 -15.55 -8.32
C PHE A 101 4.97 -15.11 -9.62
N PRO A 102 5.69 -15.17 -10.71
CA PRO A 102 5.15 -14.77 -12.04
C PRO A 102 3.87 -15.53 -12.39
N ALA A 103 3.86 -16.84 -12.09
CA ALA A 103 2.69 -17.66 -12.38
C ALA A 103 1.43 -16.98 -11.84
N LEU A 104 1.53 -16.41 -10.65
CA LEU A 104 0.39 -15.73 -10.04
C LEU A 104 0.19 -14.36 -10.68
N GLN A 105 1.29 -13.66 -10.94
CA GLN A 105 1.21 -12.34 -11.54
C GLN A 105 0.36 -12.39 -12.81
N LYS A 106 0.44 -13.50 -13.52
CA LYS A 106 -0.34 -13.67 -14.75
C LYS A 106 -1.83 -13.69 -14.43
N PHE A 107 -2.21 -14.54 -13.48
CA PHE A 107 -3.61 -14.65 -13.08
C PHE A 107 -4.10 -13.32 -12.51
N THR A 108 -3.40 -12.83 -11.49
CA THR A 108 -3.78 -11.57 -10.85
C THR A 108 -4.03 -10.50 -11.91
N VAL A 109 -3.18 -10.47 -12.93
CA VAL A 109 -3.32 -9.48 -14.00
C VAL A 109 -4.59 -9.76 -14.80
N LEU A 110 -4.70 -10.97 -15.34
CA LEU A 110 -5.86 -11.34 -16.13
C LEU A 110 -7.12 -11.26 -15.28
N ASP A 111 -6.98 -11.46 -13.97
CA ASP A 111 -8.11 -11.40 -13.05
C ASP A 111 -8.42 -9.98 -12.63
N LEU A 112 -7.40 -9.26 -12.14
CA LEU A 112 -7.60 -7.89 -11.69
C LEU A 112 -7.01 -6.89 -12.69
N GLY A 113 -5.97 -7.30 -13.41
CA GLY A 113 -5.34 -6.43 -14.38
C GLY A 113 -4.86 -5.14 -13.72
N MET A 114 -4.43 -5.24 -12.46
CA MET A 114 -3.94 -4.08 -11.73
C MET A 114 -2.44 -3.90 -11.97
N VAL A 115 -1.77 -3.23 -11.04
CA VAL A 115 -0.34 -2.99 -11.16
C VAL A 115 0.43 -3.69 -10.05
N LEU A 116 1.47 -4.43 -10.41
CA LEU A 116 2.28 -5.14 -9.43
C LEU A 116 3.71 -4.63 -9.47
N LEU A 117 4.22 -4.22 -8.32
CA LEU A 117 5.58 -3.71 -8.23
C LEU A 117 6.37 -4.46 -7.16
N PRO A 118 6.93 -5.59 -7.51
CA PRO A 118 7.73 -6.42 -6.57
C PRO A 118 8.92 -5.65 -5.99
N VAL A 119 9.40 -6.10 -4.83
CA VAL A 119 10.53 -5.44 -4.18
C VAL A 119 11.64 -6.45 -3.88
N ALA A 120 11.79 -6.78 -2.60
CA ALA A 120 12.80 -7.72 -2.18
C ALA A 120 12.89 -7.77 -0.66
N SER A 121 12.55 -6.65 -0.03
CA SER A 121 12.58 -6.56 1.43
C SER A 121 11.51 -5.60 1.92
N GLN A 122 11.22 -5.64 3.22
CA GLN A 122 10.21 -4.77 3.80
C GLN A 122 10.65 -3.32 3.70
N MET A 123 11.93 -3.06 3.96
CA MET A 123 12.46 -1.71 3.90
C MET A 123 12.34 -1.14 2.49
N GLU A 124 12.65 -1.97 1.50
CA GLU A 124 12.57 -1.54 0.10
C GLU A 124 11.26 -0.81 -0.15
N ALA A 125 10.15 -1.45 0.21
CA ALA A 125 8.84 -0.85 0.04
C ALA A 125 8.75 0.43 0.83
N SER A 126 8.98 0.34 2.14
CA SER A 126 8.94 1.52 2.98
C SER A 126 9.74 2.64 2.32
N CYS A 127 10.78 2.23 1.60
CA CYS A 127 11.63 3.18 0.89
C CYS A 127 11.03 3.49 -0.48
N LEU A 128 10.42 2.48 -1.09
CA LEU A 128 9.81 2.68 -2.41
C LEU A 128 8.55 3.53 -2.28
N VAL A 129 7.67 3.14 -1.35
CA VAL A 129 6.44 3.88 -1.12
C VAL A 129 6.75 5.34 -0.81
N ILE A 130 7.55 5.55 0.23
CA ILE A 130 7.93 6.89 0.64
C ILE A 130 8.45 7.69 -0.56
N GLN A 131 9.42 7.10 -1.26
CA GLN A 131 10.00 7.76 -2.43
C GLN A 131 8.89 8.24 -3.37
N LEU A 132 7.88 7.40 -3.55
CA LEU A 132 6.76 7.74 -4.42
C LEU A 132 6.27 9.16 -4.13
N VAL A 133 5.95 9.43 -2.87
CA VAL A 133 5.49 10.75 -2.48
C VAL A 133 6.62 11.78 -2.61
N GLN A 134 7.79 11.41 -2.12
CA GLN A 134 8.94 12.31 -2.20
C GLN A 134 9.13 12.80 -3.63
N GLU A 135 8.91 11.90 -4.58
CA GLU A 135 9.05 12.26 -6.00
C GLU A 135 7.96 13.23 -6.40
N GLN A 136 6.81 13.13 -5.76
CA GLN A 136 5.68 14.01 -6.06
C GLN A 136 5.84 15.33 -5.32
N THR A 137 6.24 15.25 -4.05
CA THR A 137 6.43 16.44 -3.25
C THR A 137 7.41 17.40 -3.93
N LYS A 138 8.41 16.83 -4.61
CA LYS A 138 9.39 17.63 -5.31
C LYS A 138 9.63 17.08 -6.71
N GLU A 139 8.69 17.35 -7.61
CA GLU A 139 8.80 16.89 -8.99
C GLU A 139 9.33 15.46 -9.01
N MET A 1 -16.56 42.13 -6.68
CA MET A 1 -15.90 41.43 -7.82
C MET A 1 -15.45 40.05 -7.36
N GLU A 2 -14.84 39.30 -8.28
CA GLU A 2 -14.36 37.96 -7.96
C GLU A 2 -13.62 37.37 -9.14
N LYS A 3 -12.33 37.09 -8.96
CA LYS A 3 -11.52 36.52 -10.03
C LYS A 3 -11.37 35.01 -9.83
N ASN A 4 -10.36 34.62 -9.06
CA ASN A 4 -10.13 33.19 -8.79
C ASN A 4 -9.52 32.99 -7.42
N PRO A 5 -10.10 33.59 -6.41
CA PRO A 5 -9.60 33.48 -5.01
C PRO A 5 -9.82 32.07 -4.43
N PRO A 6 -8.76 31.33 -4.21
CA PRO A 6 -8.84 29.95 -3.66
C PRO A 6 -9.77 29.87 -2.45
N ASP A 7 -10.93 29.24 -2.63
CA ASP A 7 -11.89 29.09 -1.54
C ASP A 7 -12.33 27.64 -1.41
N ASP A 8 -11.37 26.72 -1.54
CA ASP A 8 -11.67 25.30 -1.44
C ASP A 8 -12.57 24.85 -2.59
N THR A 9 -11.95 24.41 -3.68
CA THR A 9 -12.71 23.95 -4.84
C THR A 9 -12.75 22.43 -4.87
N GLY A 10 -12.15 21.81 -3.86
CA GLY A 10 -12.12 20.36 -3.77
C GLY A 10 -11.27 19.91 -2.60
N PRO A 11 -9.97 20.05 -2.71
CA PRO A 11 -9.02 19.66 -1.63
C PRO A 11 -9.13 20.56 -0.41
N VAL A 12 -9.43 19.97 0.74
CA VAL A 12 -9.58 20.74 1.97
C VAL A 12 -8.22 20.97 2.62
N HIS A 13 -7.50 19.88 2.89
CA HIS A 13 -6.19 19.98 3.53
C HIS A 13 -5.15 19.22 2.73
N VAL A 14 -5.30 19.20 1.41
CA VAL A 14 -4.36 18.50 0.54
C VAL A 14 -3.86 17.23 1.22
N PRO A 15 -4.64 16.18 1.20
CA PRO A 15 -4.28 14.89 1.83
C PRO A 15 -3.30 14.09 0.96
N LEU A 16 -3.05 14.58 -0.25
CA LEU A 16 -2.13 13.90 -1.15
C LEU A 16 -0.70 14.01 -0.64
N GLY A 17 -0.54 14.06 0.68
CA GLY A 17 0.78 14.16 1.27
C GLY A 17 0.98 13.08 2.33
N HIS A 18 0.15 13.11 3.37
CA HIS A 18 0.25 12.12 4.44
C HIS A 18 -0.26 10.76 3.97
N ILE A 19 0.10 9.71 4.69
CA ILE A 19 -0.32 8.36 4.35
C ILE A 19 -1.14 7.74 5.49
N VAL A 20 -1.98 6.78 5.14
CA VAL A 20 -2.82 6.12 6.14
C VAL A 20 -2.34 4.69 6.37
N ALA A 21 -2.51 4.20 7.60
CA ALA A 21 -2.09 2.84 7.93
C ALA A 21 -3.15 2.13 8.75
N ASN A 22 -3.34 0.85 8.49
CA ASN A 22 -4.35 0.06 9.20
C ASN A 22 -3.87 -0.25 10.62
N GLU A 23 -4.74 -0.04 11.60
CA GLU A 23 -4.40 -0.30 12.99
C GLU A 23 -3.77 -1.68 13.14
N LYS A 24 -4.09 -2.58 12.20
CA LYS A 24 -3.55 -3.93 12.24
C LYS A 24 -2.19 -3.98 11.57
N TRP A 25 -2.01 -3.15 10.55
CA TRP A 25 -0.74 -3.10 9.83
C TRP A 25 0.29 -2.29 10.61
N ARG A 26 -0.15 -1.69 11.71
CA ARG A 26 0.74 -0.89 12.54
C ARG A 26 1.74 -1.78 13.26
N GLY A 27 1.44 -3.07 13.32
CA GLY A 27 2.32 -4.02 13.99
C GLY A 27 3.57 -4.31 13.14
N SER A 28 3.97 -3.32 12.35
CA SER A 28 5.14 -3.48 11.49
C SER A 28 6.12 -2.32 11.71
N GLN A 29 7.40 -2.64 11.76
CA GLN A 29 8.42 -1.62 11.96
C GLN A 29 8.43 -0.64 10.80
N LEU A 30 7.95 -1.09 9.65
CA LEU A 30 7.89 -0.24 8.46
C LEU A 30 7.01 0.98 8.72
N ALA A 31 5.78 0.74 9.17
CA ALA A 31 4.85 1.81 9.44
C ALA A 31 5.51 2.90 10.29
N GLN A 32 6.44 2.49 11.15
CA GLN A 32 7.14 3.45 12.00
C GLN A 32 8.22 4.18 11.22
N GLU A 33 8.76 3.52 10.20
CA GLU A 33 9.80 4.13 9.37
C GLU A 33 9.27 5.36 8.66
N MET A 34 8.16 5.19 7.95
CA MET A 34 7.56 6.31 7.21
C MET A 34 7.18 7.44 8.17
N GLN A 35 7.13 7.12 9.46
CA GLN A 35 6.79 8.11 10.46
C GLN A 35 7.95 9.08 10.69
N GLY A 36 9.10 8.76 10.10
CA GLY A 36 10.28 9.59 10.24
C GLY A 36 10.44 10.52 9.04
N LYS A 37 9.51 10.42 8.10
CA LYS A 37 9.56 11.25 6.90
C LYS A 37 8.16 11.74 6.53
N ILE A 38 7.15 10.90 6.79
CA ILE A 38 5.78 11.26 6.48
C ILE A 38 4.90 11.07 7.71
N LYS A 39 3.75 11.76 7.72
CA LYS A 39 2.82 11.66 8.84
C LYS A 39 1.82 10.54 8.59
N LEU A 40 2.04 9.40 9.25
CA LEU A 40 1.15 8.26 9.08
C LEU A 40 -0.01 8.32 10.07
N ILE A 41 -1.22 8.16 9.56
CA ILE A 41 -2.41 8.19 10.40
C ILE A 41 -3.00 6.78 10.53
N PHE A 42 -2.95 6.24 11.75
CA PHE A 42 -3.47 4.90 11.99
C PHE A 42 -5.00 4.89 12.02
N GLU A 43 -5.60 4.05 11.19
CA GLU A 43 -7.05 3.95 11.13
C GLU A 43 -7.49 2.50 11.31
N ASP A 44 -8.21 2.23 12.40
CA ASP A 44 -8.69 0.88 12.66
C ASP A 44 -9.93 0.57 11.83
N GLY A 45 -9.88 -0.52 11.08
CA GLY A 45 -11.01 -0.91 10.24
C GLY A 45 -10.56 -1.15 8.80
N LEU A 46 -9.48 -0.48 8.41
CA LEU A 46 -8.95 -0.62 7.06
C LEU A 46 -8.45 -2.05 6.83
N THR A 47 -8.71 -2.58 5.63
CA THR A 47 -8.29 -3.93 5.30
C THR A 47 -6.92 -3.92 4.63
N PRO A 48 -6.67 -2.97 3.78
CA PRO A 48 -5.37 -2.83 3.06
C PRO A 48 -4.22 -2.55 4.03
N ASP A 49 -3.11 -2.04 3.48
CA ASP A 49 -1.95 -1.73 4.31
C ASP A 49 -1.75 -0.21 4.38
N PHE A 50 -1.64 0.43 3.22
CA PHE A 50 -1.44 1.86 3.16
C PHE A 50 -2.40 2.51 2.16
N TYR A 51 -3.06 3.58 2.58
CA TYR A 51 -4.01 4.27 1.73
C TYR A 51 -3.46 5.62 1.29
N LEU A 52 -3.10 5.73 0.02
CA LEU A 52 -2.57 6.98 -0.52
C LEU A 52 -3.66 8.03 -0.60
N SER A 53 -4.84 7.62 -1.03
CA SER A 53 -5.96 8.53 -1.16
C SER A 53 -7.27 7.76 -1.32
N ASN A 54 -8.36 8.49 -1.56
CA ASN A 54 -9.65 7.85 -1.75
C ASN A 54 -9.78 7.28 -3.16
N ARG A 55 -8.64 7.08 -3.81
CA ARG A 55 -8.65 6.54 -5.18
C ARG A 55 -7.49 5.58 -5.39
N CYS A 56 -6.71 5.32 -4.34
CA CYS A 56 -5.58 4.41 -4.46
C CYS A 56 -5.27 3.74 -3.12
N CYS A 57 -4.71 2.54 -3.19
CA CYS A 57 -4.37 1.79 -1.99
C CYS A 57 -3.16 0.89 -2.26
N ILE A 58 -2.47 0.49 -1.19
CA ILE A 58 -1.31 -0.38 -1.34
C ILE A 58 -1.38 -1.57 -0.39
N LEU A 59 -1.12 -2.76 -0.92
CA LEU A 59 -1.16 -3.98 -0.12
C LEU A 59 0.21 -4.64 -0.12
N TYR A 60 0.64 -5.13 1.04
CA TYR A 60 1.94 -5.78 1.15
C TYR A 60 1.79 -7.29 1.15
N VAL A 61 2.64 -7.96 0.36
CA VAL A 61 2.61 -9.42 0.28
C VAL A 61 4.01 -9.99 0.45
N THR A 62 4.10 -11.08 1.19
CA THR A 62 5.40 -11.72 1.43
C THR A 62 5.41 -13.12 0.83
N GLU A 63 6.58 -13.54 0.35
CA GLU A 63 6.70 -14.88 -0.24
C GLU A 63 5.87 -15.89 0.52
N ALA A 64 5.83 -15.74 1.85
CA ALA A 64 5.06 -16.65 2.68
C ALA A 64 3.64 -16.80 2.15
N ASP A 65 3.09 -15.71 1.64
CA ASP A 65 1.74 -15.73 1.09
C ASP A 65 1.71 -16.49 -0.23
N LEU A 66 2.73 -16.28 -1.05
CA LEU A 66 2.79 -16.95 -2.35
C LEU A 66 2.69 -18.47 -2.17
N VAL A 67 3.41 -18.99 -1.18
CA VAL A 67 3.39 -20.42 -0.91
C VAL A 67 1.96 -20.94 -0.84
N ALA A 68 1.08 -20.13 -0.25
CA ALA A 68 -0.33 -20.51 -0.12
C ALA A 68 -1.01 -20.49 -1.48
N GLY A 69 -1.15 -19.30 -2.05
CA GLY A 69 -1.78 -19.15 -3.36
C GLY A 69 -3.29 -19.33 -3.26
N ASN A 70 -3.81 -19.33 -2.03
CA ASN A 70 -5.23 -19.50 -1.81
C ASN A 70 -5.65 -18.92 -0.47
N GLY A 71 -6.79 -18.22 -0.45
CA GLY A 71 -7.29 -17.63 0.77
C GLY A 71 -6.82 -16.18 0.91
N TYR A 72 -5.58 -15.92 0.53
CA TYR A 72 -5.02 -14.58 0.61
C TYR A 72 -5.44 -13.74 -0.59
N ARG A 73 -5.78 -14.40 -1.68
CA ARG A 73 -6.20 -13.70 -2.89
C ARG A 73 -7.55 -13.01 -2.68
N LYS A 74 -8.46 -13.71 -2.00
CA LYS A 74 -9.79 -13.16 -1.74
C LYS A 74 -9.69 -11.75 -1.17
N ARG A 75 -8.55 -11.45 -0.54
CA ARG A 75 -8.35 -10.13 0.06
C ARG A 75 -8.19 -9.07 -1.03
N LEU A 76 -7.40 -9.39 -2.05
CA LEU A 76 -7.17 -8.46 -3.16
C LEU A 76 -8.49 -8.08 -3.82
N VAL A 77 -9.31 -9.08 -4.10
CA VAL A 77 -10.61 -8.85 -4.74
C VAL A 77 -11.33 -7.67 -4.08
N ARG A 78 -11.28 -7.62 -2.75
CA ARG A 78 -11.92 -6.53 -2.02
C ARG A 78 -11.63 -5.19 -2.67
N VAL A 79 -10.36 -4.91 -2.91
CA VAL A 79 -9.96 -3.65 -3.52
C VAL A 79 -10.54 -3.53 -4.93
N ARG A 80 -10.79 -4.67 -5.56
CA ARG A 80 -11.34 -4.67 -6.91
C ARG A 80 -12.86 -4.50 -6.87
N ASN A 81 -13.50 -5.11 -5.88
CA ASN A 81 -14.94 -5.02 -5.75
C ASN A 81 -15.35 -3.72 -5.06
N SER A 82 -14.37 -3.00 -4.54
CA SER A 82 -14.64 -1.75 -3.85
C SER A 82 -15.49 -0.83 -4.72
N ASN A 83 -14.85 -0.18 -5.69
CA ASN A 83 -15.55 0.71 -6.59
C ASN A 83 -14.83 0.81 -7.93
N ASN A 84 -13.69 1.47 -7.93
CA ASN A 84 -12.89 1.63 -9.14
C ASN A 84 -11.62 2.41 -8.86
N LEU A 85 -10.82 1.90 -7.93
CA LEU A 85 -9.58 2.55 -7.55
C LEU A 85 -8.38 1.76 -8.07
N LYS A 86 -7.33 2.48 -8.49
CA LYS A 86 -6.13 1.84 -9.00
C LYS A 86 -5.14 1.58 -7.87
N GLY A 87 -5.21 0.39 -7.28
CA GLY A 87 -4.32 0.04 -6.19
C GLY A 87 -3.08 -0.68 -6.71
N ILE A 88 -2.04 -0.74 -5.89
CA ILE A 88 -0.80 -1.40 -6.27
C ILE A 88 -0.53 -2.59 -5.35
N VAL A 89 0.11 -3.62 -5.90
CA VAL A 89 0.42 -4.81 -5.11
C VAL A 89 1.92 -5.08 -5.13
N VAL A 90 2.53 -5.06 -3.94
CA VAL A 90 3.96 -5.32 -3.83
C VAL A 90 4.21 -6.66 -3.16
N VAL A 91 5.15 -7.42 -3.71
CA VAL A 91 5.48 -8.73 -3.15
C VAL A 91 6.94 -8.78 -2.73
N GLU A 92 7.22 -9.57 -1.69
CA GLU A 92 8.58 -9.71 -1.19
C GLU A 92 9.22 -10.98 -1.74
N LYS A 93 10.45 -10.87 -2.24
CA LYS A 93 11.15 -12.01 -2.79
C LYS A 93 11.86 -12.79 -1.69
N THR A 94 11.83 -14.12 -1.80
CA THR A 94 12.48 -14.98 -0.82
C THR A 94 13.03 -16.23 -1.50
N ARG A 95 12.15 -17.18 -1.75
CA ARG A 95 12.54 -18.43 -2.40
C ARG A 95 11.47 -18.89 -3.38
N MET A 96 10.33 -19.32 -2.85
CA MET A 96 9.23 -19.78 -3.70
C MET A 96 8.72 -18.63 -4.56
N SER A 97 9.15 -17.41 -4.23
CA SER A 97 8.72 -16.24 -4.98
C SER A 97 9.00 -16.41 -6.47
N GLU A 98 10.15 -15.91 -6.92
CA GLU A 98 10.52 -16.01 -8.32
C GLU A 98 10.08 -17.34 -8.92
N GLN A 99 10.01 -18.36 -8.07
CA GLN A 99 9.60 -19.69 -8.53
C GLN A 99 8.14 -19.67 -8.98
N TYR A 100 7.25 -19.24 -8.10
CA TYR A 100 5.83 -19.20 -8.42
C TYR A 100 5.30 -17.76 -8.38
N PHE A 101 6.21 -16.80 -8.34
CA PHE A 101 5.83 -15.40 -8.31
C PHE A 101 5.19 -14.97 -9.62
N PRO A 102 5.68 -15.46 -10.74
CA PRO A 102 5.13 -15.09 -12.08
C PRO A 102 3.83 -15.84 -12.38
N ALA A 103 3.72 -17.05 -11.86
CA ALA A 103 2.52 -17.85 -12.08
C ALA A 103 1.32 -17.18 -11.45
N LEU A 104 1.52 -16.60 -10.26
CA LEU A 104 0.45 -15.91 -9.56
C LEU A 104 0.15 -14.58 -10.25
N GLN A 105 1.21 -13.84 -10.57
CA GLN A 105 1.04 -12.56 -11.24
C GLN A 105 0.22 -12.72 -12.50
N LYS A 106 0.40 -13.86 -13.17
CA LYS A 106 -0.34 -14.15 -14.39
C LYS A 106 -1.84 -14.22 -14.10
N PHE A 107 -2.17 -14.76 -12.94
CA PHE A 107 -3.58 -14.88 -12.54
C PHE A 107 -4.09 -13.55 -12.02
N THR A 108 -3.37 -12.99 -11.04
CA THR A 108 -3.75 -11.71 -10.45
C THR A 108 -3.96 -10.67 -11.54
N VAL A 109 -3.14 -10.75 -12.59
CA VAL A 109 -3.24 -9.81 -13.70
C VAL A 109 -4.56 -10.00 -14.44
N LEU A 110 -4.76 -11.19 -14.97
CA LEU A 110 -5.99 -11.49 -15.70
C LEU A 110 -7.19 -11.47 -14.77
N ASP A 111 -6.94 -11.67 -13.48
CA ASP A 111 -8.01 -11.68 -12.49
C ASP A 111 -8.33 -10.26 -12.04
N LEU A 112 -7.32 -9.54 -11.56
CA LEU A 112 -7.52 -8.17 -11.09
C LEU A 112 -6.95 -7.16 -12.08
N GLY A 113 -5.94 -7.57 -12.83
CA GLY A 113 -5.32 -6.69 -13.80
C GLY A 113 -4.98 -5.34 -13.18
N MET A 114 -4.32 -5.37 -12.04
CA MET A 114 -3.94 -4.14 -11.34
C MET A 114 -2.45 -3.89 -11.49
N VAL A 115 -1.93 -2.97 -10.68
CA VAL A 115 -0.50 -2.64 -10.74
C VAL A 115 0.29 -3.53 -9.79
N LEU A 116 1.09 -4.43 -10.36
CA LEU A 116 1.90 -5.34 -9.55
C LEU A 116 3.39 -4.98 -9.68
N LEU A 117 4.04 -4.79 -8.54
CA LEU A 117 5.46 -4.45 -8.55
C LEU A 117 6.16 -5.05 -7.32
N PRO A 118 6.97 -6.07 -7.53
CA PRO A 118 7.71 -6.73 -6.41
C PRO A 118 8.93 -5.94 -5.98
N VAL A 119 9.52 -6.33 -4.86
CA VAL A 119 10.71 -5.66 -4.34
C VAL A 119 11.79 -6.67 -3.98
N ALA A 120 12.16 -6.68 -2.71
CA ALA A 120 13.19 -7.61 -2.24
C ALA A 120 13.21 -7.67 -0.72
N SER A 121 13.06 -6.50 -0.09
CA SER A 121 13.06 -6.42 1.37
C SER A 121 11.95 -5.50 1.85
N GLN A 122 11.51 -5.70 3.09
CA GLN A 122 10.43 -4.89 3.64
C GLN A 122 10.84 -3.42 3.67
N MET A 123 12.15 -3.18 3.62
CA MET A 123 12.66 -1.81 3.63
C MET A 123 12.50 -1.16 2.27
N GLU A 124 12.62 -1.97 1.22
CA GLU A 124 12.49 -1.47 -0.14
C GLU A 124 11.18 -0.72 -0.32
N ALA A 125 10.07 -1.40 -0.01
CA ALA A 125 8.75 -0.79 -0.13
C ALA A 125 8.72 0.56 0.59
N SER A 126 9.02 0.54 1.88
CA SER A 126 9.03 1.78 2.65
C SER A 126 9.83 2.82 1.90
N CYS A 127 10.86 2.36 1.20
CA CYS A 127 11.72 3.24 0.42
C CYS A 127 11.09 3.48 -0.96
N LEU A 128 10.37 2.48 -1.45
CA LEU A 128 9.72 2.59 -2.75
C LEU A 128 8.51 3.52 -2.66
N VAL A 129 7.66 3.27 -1.68
CA VAL A 129 6.47 4.07 -1.48
C VAL A 129 6.86 5.54 -1.24
N ILE A 130 7.72 5.76 -0.25
CA ILE A 130 8.17 7.10 0.07
C ILE A 130 8.68 7.81 -1.18
N GLN A 131 9.61 7.17 -1.87
CA GLN A 131 10.18 7.74 -3.08
C GLN A 131 9.08 8.36 -3.94
N LEU A 132 7.91 7.74 -3.94
CA LEU A 132 6.78 8.24 -4.72
C LEU A 132 6.32 9.60 -4.19
N VAL A 133 5.90 9.62 -2.93
CA VAL A 133 5.44 10.86 -2.31
C VAL A 133 6.58 11.87 -2.24
N GLN A 134 7.77 11.38 -1.93
CA GLN A 134 8.95 12.24 -1.83
C GLN A 134 9.19 12.95 -3.16
N GLU A 135 8.85 12.28 -4.26
CA GLU A 135 9.04 12.86 -5.59
C GLU A 135 8.21 14.12 -5.73
N GLN A 136 6.93 14.02 -5.40
CA GLN A 136 6.03 15.17 -5.49
C GLN A 136 6.65 16.38 -4.81
N THR A 137 7.05 16.21 -3.55
CA THR A 137 7.66 17.29 -2.79
C THR A 137 9.07 17.58 -3.30
N LYS A 138 9.38 17.06 -4.48
CA LYS A 138 10.69 17.26 -5.08
C LYS A 138 11.79 17.01 -4.06
N GLU A 139 12.49 15.89 -4.21
CA GLU A 139 13.56 15.54 -3.29
C GLU A 139 13.02 15.38 -1.88
N MET A 1 16.49 -1.81 24.00
CA MET A 1 15.75 -0.92 24.94
C MET A 1 15.16 0.25 24.16
N GLU A 2 15.93 0.78 23.20
CA GLU A 2 15.47 1.89 22.39
C GLU A 2 15.33 1.48 20.94
N LYS A 3 14.70 2.33 20.14
CA LYS A 3 14.51 2.03 18.72
C LYS A 3 14.58 3.31 17.88
N ASN A 4 13.44 3.73 17.34
CA ASN A 4 13.39 4.93 16.52
C ASN A 4 12.38 5.93 17.10
N PRO A 5 12.64 6.45 18.26
CA PRO A 5 11.73 7.44 18.93
C PRO A 5 11.80 8.81 18.26
N PRO A 6 10.83 9.65 18.54
CA PRO A 6 10.77 11.02 17.97
C PRO A 6 11.84 11.94 18.56
N ASP A 7 11.98 13.13 17.97
CA ASP A 7 12.96 14.09 18.45
C ASP A 7 12.28 15.37 18.94
N ASP A 8 11.19 15.22 19.67
CA ASP A 8 10.46 16.37 20.18
C ASP A 8 9.56 16.96 19.10
N THR A 9 9.91 16.71 17.84
CA THR A 9 9.14 17.22 16.71
C THR A 9 8.38 18.48 17.11
N GLY A 10 9.00 19.30 17.93
CA GLY A 10 8.39 20.54 18.39
C GLY A 10 8.14 21.48 17.21
N PRO A 11 9.17 21.83 16.50
CA PRO A 11 9.08 22.74 15.32
C PRO A 11 7.93 22.36 14.39
N VAL A 12 6.71 22.66 14.83
CA VAL A 12 5.53 22.34 14.03
C VAL A 12 5.81 22.55 12.54
N HIS A 13 5.66 21.50 11.76
CA HIS A 13 5.89 21.58 10.32
C HIS A 13 4.61 21.28 9.55
N VAL A 14 3.72 22.27 9.48
CA VAL A 14 2.46 22.12 8.79
C VAL A 14 2.55 21.03 7.71
N PRO A 15 2.16 19.83 8.03
CA PRO A 15 2.21 18.68 7.09
C PRO A 15 1.02 18.69 6.12
N LEU A 16 1.23 18.16 4.93
CA LEU A 16 0.17 18.10 3.93
C LEU A 16 -0.12 16.66 3.53
N GLY A 17 0.68 16.15 2.60
CA GLY A 17 0.50 14.77 2.13
C GLY A 17 0.87 13.77 3.23
N HIS A 18 -0.16 13.18 3.85
CA HIS A 18 0.07 12.20 4.90
C HIS A 18 -0.38 10.82 4.44
N ILE A 19 0.20 9.79 5.04
CA ILE A 19 -0.16 8.42 4.68
C ILE A 19 -0.99 7.76 5.78
N VAL A 20 -1.72 6.71 5.43
CA VAL A 20 -2.55 6.00 6.39
C VAL A 20 -2.23 4.51 6.40
N ALA A 21 -2.23 3.92 7.58
CA ALA A 21 -1.92 2.50 7.72
C ALA A 21 -3.04 1.78 8.46
N ASN A 22 -3.32 0.55 8.06
CA ASN A 22 -4.36 -0.23 8.71
C ASN A 22 -4.00 -0.52 10.17
N GLU A 23 -4.94 -0.28 11.06
CA GLU A 23 -4.71 -0.52 12.48
C GLU A 23 -3.95 -1.83 12.69
N LYS A 24 -4.21 -2.80 11.81
CA LYS A 24 -3.55 -4.09 11.90
C LYS A 24 -2.13 -4.01 11.35
N TRP A 25 -1.93 -3.12 10.37
CA TRP A 25 -0.62 -2.95 9.76
C TRP A 25 0.29 -2.12 10.68
N ARG A 26 -0.30 -1.53 11.71
CA ARG A 26 0.47 -0.72 12.64
C ARG A 26 1.57 -1.54 13.31
N GLY A 27 1.25 -2.80 13.60
CA GLY A 27 2.22 -3.70 14.24
C GLY A 27 3.38 -4.01 13.30
N SER A 28 3.85 -3.00 12.57
CA SER A 28 4.95 -3.19 11.63
C SER A 28 6.03 -2.14 11.87
N GLN A 29 7.28 -2.58 11.86
CA GLN A 29 8.41 -1.68 12.07
C GLN A 29 8.53 -0.71 10.90
N LEU A 30 7.97 -1.11 9.76
CA LEU A 30 8.01 -0.27 8.57
C LEU A 30 7.11 0.94 8.73
N ALA A 31 5.85 0.69 9.09
CA ALA A 31 4.89 1.77 9.28
C ALA A 31 5.49 2.86 10.18
N GLN A 32 6.41 2.46 11.05
CA GLN A 32 7.06 3.41 11.95
C GLN A 32 8.14 4.20 11.23
N GLU A 33 8.82 3.54 10.29
CA GLU A 33 9.89 4.19 9.54
C GLU A 33 9.35 5.42 8.80
N MET A 34 8.19 5.27 8.18
CA MET A 34 7.59 6.37 7.44
C MET A 34 7.45 7.60 8.32
N GLN A 35 7.24 7.38 9.61
CA GLN A 35 7.09 8.50 10.55
C GLN A 35 8.43 9.17 10.78
N GLY A 36 9.43 8.80 9.98
CA GLY A 36 10.75 9.39 10.10
C GLY A 36 10.94 10.54 9.12
N LYS A 37 9.99 10.68 8.19
CA LYS A 37 10.06 11.74 7.21
C LYS A 37 8.66 12.29 6.89
N ILE A 38 7.72 11.39 6.63
CA ILE A 38 6.36 11.78 6.33
C ILE A 38 5.45 11.47 7.51
N LYS A 39 4.25 12.05 7.49
CA LYS A 39 3.29 11.82 8.58
C LYS A 39 2.49 10.55 8.32
N LEU A 40 2.18 9.82 9.39
CA LEU A 40 1.43 8.58 9.27
C LEU A 40 0.23 8.58 10.21
N ILE A 41 -0.78 7.79 9.86
CA ILE A 41 -1.99 7.70 10.67
C ILE A 41 -2.55 6.29 10.63
N PHE A 42 -3.08 5.83 11.77
CA PHE A 42 -3.65 4.49 11.85
C PHE A 42 -5.16 4.53 11.84
N GLU A 43 -5.77 3.77 10.94
CA GLU A 43 -7.22 3.74 10.84
C GLU A 43 -7.73 2.30 10.89
N ASP A 44 -8.63 2.03 11.84
CA ASP A 44 -9.18 0.69 12.00
C ASP A 44 -10.46 0.52 11.17
N GLY A 45 -10.31 0.00 9.96
CA GLY A 45 -11.46 -0.21 9.09
C GLY A 45 -11.00 -0.50 7.66
N LEU A 46 -9.87 0.09 7.27
CA LEU A 46 -9.34 -0.12 5.93
C LEU A 46 -8.89 -1.57 5.75
N THR A 47 -8.79 -2.00 4.50
CA THR A 47 -8.37 -3.38 4.21
C THR A 47 -6.91 -3.41 3.74
N PRO A 48 -6.58 -2.56 2.81
CA PRO A 48 -5.20 -2.48 2.25
C PRO A 48 -4.15 -2.25 3.34
N ASP A 49 -2.92 -1.99 2.92
CA ASP A 49 -1.83 -1.75 3.86
C ASP A 49 -1.60 -0.26 4.05
N PHE A 50 -1.35 0.45 2.94
CA PHE A 50 -1.11 1.89 3.00
C PHE A 50 -2.07 2.63 2.07
N TYR A 51 -2.74 3.64 2.61
CA TYR A 51 -3.69 4.42 1.82
C TYR A 51 -3.13 5.81 1.55
N LEU A 52 -2.69 6.03 0.31
CA LEU A 52 -2.13 7.32 -0.08
C LEU A 52 -3.23 8.36 -0.23
N SER A 53 -4.42 7.90 -0.62
CA SER A 53 -5.56 8.78 -0.80
C SER A 53 -6.77 8.01 -1.31
N ASN A 54 -7.83 8.73 -1.64
CA ASN A 54 -9.05 8.10 -2.14
C ASN A 54 -8.96 7.90 -3.65
N ARG A 55 -8.04 7.06 -4.08
CA ARG A 55 -7.86 6.81 -5.50
C ARG A 55 -6.75 5.79 -5.74
N CYS A 56 -5.76 5.77 -4.86
CA CYS A 56 -4.64 4.85 -4.99
C CYS A 56 -4.22 4.29 -3.64
N CYS A 57 -4.05 2.97 -3.57
CA CYS A 57 -3.65 2.30 -2.35
C CYS A 57 -2.55 1.28 -2.64
N ILE A 58 -1.98 0.69 -1.59
CA ILE A 58 -0.91 -0.29 -1.79
C ILE A 58 -1.06 -1.47 -0.83
N LEU A 59 -0.97 -2.68 -1.38
CA LEU A 59 -1.07 -3.89 -0.57
C LEU A 59 0.26 -4.61 -0.54
N TYR A 60 0.84 -4.73 0.65
CA TYR A 60 2.14 -5.39 0.80
C TYR A 60 1.97 -6.91 0.89
N VAL A 61 2.54 -7.61 -0.08
CA VAL A 61 2.45 -9.07 -0.10
C VAL A 61 3.85 -9.68 0.04
N THR A 62 3.95 -10.76 0.80
CA THR A 62 5.23 -11.42 1.00
C THR A 62 5.15 -12.90 0.64
N GLU A 63 6.30 -13.49 0.32
CA GLU A 63 6.35 -14.90 -0.02
C GLU A 63 5.43 -15.72 0.87
N ALA A 64 5.46 -15.43 2.17
CA ALA A 64 4.63 -16.15 3.13
C ALA A 64 3.22 -16.34 2.57
N ASP A 65 2.79 -15.38 1.75
CA ASP A 65 1.47 -15.45 1.14
C ASP A 65 1.49 -16.35 -0.09
N LEU A 66 2.48 -16.13 -0.96
CA LEU A 66 2.59 -16.93 -2.17
C LEU A 66 2.55 -18.42 -1.83
N VAL A 67 3.16 -18.79 -0.72
CA VAL A 67 3.18 -20.18 -0.29
C VAL A 67 1.79 -20.79 -0.41
N ALA A 68 0.81 -20.13 0.20
CA ALA A 68 -0.57 -20.62 0.15
C ALA A 68 -0.93 -21.07 -1.26
N GLY A 69 -1.18 -20.10 -2.14
CA GLY A 69 -1.53 -20.42 -3.52
C GLY A 69 -3.03 -20.22 -3.75
N ASN A 70 -3.81 -20.31 -2.69
CA ASN A 70 -5.25 -20.14 -2.80
C ASN A 70 -5.83 -19.60 -1.50
N GLY A 71 -6.70 -18.59 -1.61
CA GLY A 71 -7.31 -17.99 -0.44
C GLY A 71 -7.07 -16.49 -0.39
N TYR A 72 -5.80 -16.09 -0.47
CA TYR A 72 -5.45 -14.68 -0.43
C TYR A 72 -6.03 -13.95 -1.64
N ARG A 73 -6.08 -14.64 -2.78
CA ARG A 73 -6.62 -14.04 -4.00
C ARG A 73 -7.97 -13.42 -3.71
N LYS A 74 -8.78 -14.10 -2.91
CA LYS A 74 -10.10 -13.60 -2.56
C LYS A 74 -9.99 -12.20 -1.97
N ARG A 75 -8.92 -11.97 -1.21
CA ARG A 75 -8.70 -10.67 -0.60
C ARG A 75 -8.36 -9.63 -1.67
N LEU A 76 -7.53 -10.03 -2.62
CA LEU A 76 -7.14 -9.13 -3.70
C LEU A 76 -8.36 -8.72 -4.52
N VAL A 77 -9.42 -9.52 -4.43
CA VAL A 77 -10.65 -9.24 -5.16
C VAL A 77 -11.49 -8.22 -4.40
N ARG A 78 -11.51 -8.34 -3.08
CA ARG A 78 -12.28 -7.42 -2.25
C ARG A 78 -11.78 -5.99 -2.41
N VAL A 79 -10.53 -5.85 -2.88
CA VAL A 79 -9.94 -4.54 -3.08
C VAL A 79 -10.60 -3.81 -4.24
N ARG A 80 -10.70 -4.49 -5.39
CA ARG A 80 -11.31 -3.89 -6.56
C ARG A 80 -12.82 -3.74 -6.40
N ASN A 81 -13.45 -4.76 -5.86
CA ASN A 81 -14.90 -4.75 -5.65
C ASN A 81 -15.31 -3.50 -4.87
N SER A 82 -14.40 -2.98 -4.05
CA SER A 82 -14.69 -1.80 -3.25
C SER A 82 -15.36 -0.72 -4.10
N ASN A 83 -14.57 -0.06 -4.95
CA ASN A 83 -15.10 1.00 -5.81
C ASN A 83 -14.48 0.92 -7.19
N ASN A 84 -13.46 1.75 -7.43
CA ASN A 84 -12.80 1.77 -8.74
C ASN A 84 -11.48 2.52 -8.66
N LEU A 85 -10.77 2.35 -7.54
CA LEU A 85 -9.49 3.02 -7.35
C LEU A 85 -8.36 2.16 -7.88
N LYS A 86 -7.23 2.80 -8.19
CA LYS A 86 -6.07 2.06 -8.70
C LYS A 86 -5.18 1.61 -7.55
N GLY A 87 -5.32 0.33 -7.18
CA GLY A 87 -4.53 -0.23 -6.09
C GLY A 87 -3.28 -0.93 -6.62
N ILE A 88 -2.17 -0.79 -5.91
CA ILE A 88 -0.92 -1.41 -6.31
C ILE A 88 -0.64 -2.64 -5.45
N VAL A 89 -0.23 -3.72 -6.10
CA VAL A 89 0.07 -4.96 -5.38
C VAL A 89 1.57 -5.22 -5.36
N VAL A 90 2.19 -4.97 -4.21
CA VAL A 90 3.63 -5.18 -4.06
C VAL A 90 3.90 -6.57 -3.48
N VAL A 91 4.95 -7.22 -3.96
CA VAL A 91 5.31 -8.55 -3.49
C VAL A 91 6.73 -8.57 -2.94
N GLU A 92 6.96 -9.43 -1.96
CA GLU A 92 8.28 -9.55 -1.35
C GLU A 92 8.96 -10.84 -1.78
N LYS A 93 9.96 -10.72 -2.65
CA LYS A 93 10.69 -11.89 -3.12
C LYS A 93 11.50 -12.50 -1.99
N THR A 94 11.40 -13.81 -1.84
CA THR A 94 12.14 -14.51 -0.80
C THR A 94 12.76 -15.80 -1.32
N ARG A 95 11.93 -16.84 -1.43
CA ARG A 95 12.42 -18.12 -1.93
C ARG A 95 11.37 -18.77 -2.82
N MET A 96 10.27 -19.22 -2.22
CA MET A 96 9.20 -19.85 -2.98
C MET A 96 8.57 -18.87 -3.95
N SER A 97 8.93 -17.60 -3.80
CA SER A 97 8.41 -16.55 -4.68
C SER A 97 8.81 -16.81 -6.12
N GLU A 98 9.97 -16.29 -6.50
CA GLU A 98 10.48 -16.45 -7.87
C GLU A 98 10.10 -17.82 -8.42
N GLN A 99 9.85 -18.77 -7.52
CA GLN A 99 9.50 -20.12 -7.93
C GLN A 99 8.07 -20.17 -8.47
N TYR A 100 7.12 -19.70 -7.67
CA TYR A 100 5.72 -19.69 -8.08
C TYR A 100 5.19 -18.27 -8.15
N PHE A 101 6.09 -17.30 -8.10
CA PHE A 101 5.70 -15.89 -8.15
C PHE A 101 5.03 -15.58 -9.49
N PRO A 102 5.46 -16.20 -10.56
CA PRO A 102 4.87 -15.98 -11.92
C PRO A 102 3.44 -16.48 -12.00
N ALA A 103 3.23 -17.72 -11.57
CA ALA A 103 1.89 -18.31 -11.61
C ALA A 103 0.87 -17.33 -11.04
N LEU A 104 1.17 -16.78 -9.87
CA LEU A 104 0.27 -15.83 -9.23
C LEU A 104 0.15 -14.56 -10.06
N GLN A 105 1.30 -14.00 -10.42
CA GLN A 105 1.32 -12.77 -11.22
C GLN A 105 0.42 -12.92 -12.44
N LYS A 106 0.34 -14.14 -12.98
CA LYS A 106 -0.49 -14.39 -14.16
C LYS A 106 -1.97 -14.34 -13.79
N PHE A 107 -2.35 -15.11 -12.77
CA PHE A 107 -3.74 -15.13 -12.33
C PHE A 107 -4.19 -13.75 -11.87
N THR A 108 -3.42 -13.14 -10.97
CA THR A 108 -3.75 -11.82 -10.46
C THR A 108 -3.82 -10.81 -11.61
N VAL A 109 -3.04 -11.05 -12.65
CA VAL A 109 -3.02 -10.14 -13.80
C VAL A 109 -4.32 -10.25 -14.59
N LEU A 110 -4.80 -11.48 -14.77
CA LEU A 110 -6.03 -11.71 -15.50
C LEU A 110 -7.25 -11.46 -14.62
N ASP A 111 -7.11 -11.77 -13.33
CA ASP A 111 -8.21 -11.57 -12.39
C ASP A 111 -8.24 -10.15 -11.86
N LEU A 112 -7.08 -9.64 -11.44
CA LEU A 112 -7.01 -8.29 -10.90
C LEU A 112 -6.45 -7.31 -11.92
N GLY A 113 -5.62 -7.81 -12.83
CA GLY A 113 -5.03 -6.96 -13.85
C GLY A 113 -4.75 -5.56 -13.30
N MET A 114 -4.31 -5.50 -12.04
CA MET A 114 -4.01 -4.23 -11.40
C MET A 114 -2.55 -3.84 -11.65
N VAL A 115 -2.01 -3.02 -10.76
CA VAL A 115 -0.62 -2.58 -10.91
C VAL A 115 0.29 -3.36 -9.96
N LEU A 116 1.20 -4.12 -10.53
CA LEU A 116 2.13 -4.92 -9.72
C LEU A 116 3.52 -4.27 -9.71
N LEU A 117 4.15 -4.25 -8.55
CA LEU A 117 5.48 -3.66 -8.42
C LEU A 117 6.30 -4.40 -7.37
N PRO A 118 6.95 -5.47 -7.76
CA PRO A 118 7.79 -6.28 -6.84
C PRO A 118 8.95 -5.47 -6.26
N VAL A 119 9.58 -6.00 -5.22
CA VAL A 119 10.70 -5.30 -4.59
C VAL A 119 11.87 -6.26 -4.37
N ALA A 120 12.21 -6.50 -3.10
CA ALA A 120 13.29 -7.40 -2.77
C ALA A 120 13.45 -7.52 -1.26
N SER A 121 13.37 -6.38 -0.58
CA SER A 121 13.48 -6.36 0.88
C SER A 121 12.37 -5.51 1.49
N GLN A 122 12.28 -5.54 2.82
CA GLN A 122 11.26 -4.77 3.51
C GLN A 122 11.60 -3.28 3.50
N MET A 123 12.86 -2.97 3.21
CA MET A 123 13.30 -1.58 3.18
C MET A 123 13.02 -0.97 1.81
N GLU A 124 13.28 -1.73 0.74
CA GLU A 124 13.05 -1.24 -0.60
C GLU A 124 11.68 -0.58 -0.71
N ALA A 125 10.64 -1.32 -0.31
CA ALA A 125 9.28 -0.80 -0.36
C ALA A 125 9.16 0.44 0.51
N SER A 126 9.48 0.30 1.79
CA SER A 126 9.41 1.43 2.71
C SER A 126 10.22 2.59 2.15
N CYS A 127 11.30 2.25 1.46
CA CYS A 127 12.18 3.26 0.86
C CYS A 127 11.66 3.67 -0.51
N LEU A 128 10.97 2.76 -1.19
CA LEU A 128 10.44 3.07 -2.52
C LEU A 128 9.14 3.86 -2.40
N VAL A 129 8.33 3.52 -1.40
CA VAL A 129 7.06 4.20 -1.19
C VAL A 129 7.28 5.67 -0.86
N ILE A 130 8.29 5.94 -0.03
CA ILE A 130 8.60 7.32 0.35
C ILE A 130 9.02 8.13 -0.87
N GLN A 131 9.96 7.61 -1.62
CA GLN A 131 10.44 8.31 -2.82
C GLN A 131 9.26 8.87 -3.60
N LEU A 132 8.20 8.08 -3.71
CA LEU A 132 7.00 8.51 -4.43
C LEU A 132 6.40 9.75 -3.77
N VAL A 133 6.07 9.62 -2.49
CA VAL A 133 5.47 10.74 -1.75
C VAL A 133 6.29 12.02 -1.96
N GLN A 134 7.58 11.93 -1.65
CA GLN A 134 8.46 13.09 -1.81
C GLN A 134 8.18 13.81 -3.13
N GLU A 135 7.75 13.04 -4.12
CA GLU A 135 7.44 13.61 -5.43
C GLU A 135 6.20 14.50 -5.35
N GLN A 136 5.13 13.94 -4.81
CA GLN A 136 3.88 14.69 -4.67
C GLN A 136 4.09 15.93 -3.81
N THR A 137 5.01 15.83 -2.86
CA THR A 137 5.31 16.95 -1.98
C THR A 137 6.36 17.87 -2.61
N LYS A 138 7.05 17.36 -3.62
CA LYS A 138 8.08 18.12 -4.31
C LYS A 138 7.46 19.33 -5.02
N GLU A 139 7.68 20.51 -4.47
CA GLU A 139 7.14 21.73 -5.07
C GLU A 139 8.24 22.54 -5.73
N MET A 1 -22.52 31.54 1.03
CA MET A 1 -21.96 30.30 0.44
C MET A 1 -22.08 30.35 -1.08
N GLU A 2 -22.01 31.55 -1.63
CA GLU A 2 -22.11 31.72 -3.08
C GLU A 2 -20.83 31.28 -3.76
N LYS A 3 -20.87 30.12 -4.40
CA LYS A 3 -19.71 29.58 -5.09
C LYS A 3 -19.67 30.07 -6.54
N ASN A 4 -18.73 29.54 -7.31
CA ASN A 4 -18.60 29.94 -8.71
C ASN A 4 -19.34 28.95 -9.61
N PRO A 5 -19.90 29.44 -10.70
CA PRO A 5 -20.64 28.58 -11.66
C PRO A 5 -19.94 27.24 -11.91
N PRO A 6 -20.67 26.16 -11.86
CA PRO A 6 -20.11 24.80 -12.09
C PRO A 6 -19.83 24.53 -13.56
N ASP A 7 -18.64 24.92 -14.02
CA ASP A 7 -18.26 24.71 -15.41
C ASP A 7 -16.82 24.25 -15.52
N ASP A 8 -16.55 23.02 -15.07
CA ASP A 8 -15.21 22.47 -15.12
C ASP A 8 -14.16 23.57 -15.01
N THR A 9 -13.61 23.76 -13.82
CA THR A 9 -12.60 24.78 -13.59
C THR A 9 -11.28 24.16 -13.15
N GLY A 10 -11.15 22.86 -13.41
CA GLY A 10 -9.92 22.14 -13.04
C GLY A 10 -9.96 21.73 -11.57
N PRO A 11 -10.84 20.83 -11.22
CA PRO A 11 -10.98 20.34 -9.82
C PRO A 11 -9.74 19.59 -9.36
N VAL A 12 -8.94 20.23 -8.52
CA VAL A 12 -7.72 19.62 -8.00
C VAL A 12 -8.02 18.74 -6.80
N HIS A 13 -7.39 17.58 -6.75
CA HIS A 13 -7.59 16.66 -5.64
C HIS A 13 -6.42 15.68 -5.55
N VAL A 14 -5.21 16.21 -5.49
CA VAL A 14 -4.02 15.38 -5.39
C VAL A 14 -3.51 15.32 -3.96
N PRO A 15 -2.93 14.22 -3.57
CA PRO A 15 -2.40 14.03 -2.19
C PRO A 15 -1.71 15.29 -1.66
N LEU A 16 -1.59 15.38 -0.34
CA LEU A 16 -0.95 16.53 0.29
C LEU A 16 0.46 16.17 0.75
N GLY A 17 0.56 15.59 1.93
CA GLY A 17 1.85 15.20 2.48
C GLY A 17 1.68 14.29 3.70
N HIS A 18 0.76 13.33 3.58
CA HIS A 18 0.50 12.40 4.68
C HIS A 18 0.08 11.03 4.14
N ILE A 19 0.32 10.00 4.93
CA ILE A 19 -0.05 8.64 4.53
C ILE A 19 -0.92 7.99 5.61
N VAL A 20 -1.70 6.99 5.20
CA VAL A 20 -2.57 6.30 6.15
C VAL A 20 -2.12 4.86 6.34
N ALA A 21 -2.34 4.34 7.55
CA ALA A 21 -1.96 2.97 7.86
C ALA A 21 -3.07 2.28 8.67
N ASN A 22 -3.06 0.96 8.68
CA ASN A 22 -4.07 0.21 9.40
C ASN A 22 -3.60 -0.11 10.82
N GLU A 23 -4.50 0.01 11.78
CA GLU A 23 -4.16 -0.28 13.17
C GLU A 23 -3.24 -1.49 13.27
N LYS A 24 -3.60 -2.56 12.56
CA LYS A 24 -2.80 -3.78 12.58
C LYS A 24 -1.41 -3.51 11.98
N TRP A 25 -1.35 -2.58 11.03
CA TRP A 25 -0.08 -2.25 10.39
C TRP A 25 0.76 -1.37 11.30
N ARG A 26 0.22 -1.03 12.46
CA ARG A 26 0.93 -0.19 13.41
C ARG A 26 2.01 -1.00 14.13
N GLY A 27 1.80 -2.31 14.24
CA GLY A 27 2.75 -3.17 14.91
C GLY A 27 3.86 -3.59 13.95
N SER A 28 4.21 -2.70 13.03
CA SER A 28 5.27 -2.99 12.06
C SER A 28 6.37 -1.95 12.15
N GLN A 29 7.62 -2.39 11.99
CA GLN A 29 8.75 -1.48 12.05
C GLN A 29 8.73 -0.51 10.88
N LEU A 30 8.03 -0.90 9.81
CA LEU A 30 7.92 -0.06 8.63
C LEU A 30 7.09 1.19 8.93
N ALA A 31 5.88 0.97 9.42
CA ALA A 31 4.98 2.08 9.75
C ALA A 31 5.71 3.14 10.58
N GLN A 32 6.78 2.73 11.25
CA GLN A 32 7.53 3.66 12.08
C GLN A 32 8.49 4.50 11.23
N GLU A 33 9.21 3.83 10.34
CA GLU A 33 10.17 4.51 9.47
C GLU A 33 9.52 5.71 8.79
N MET A 34 8.23 5.59 8.48
CA MET A 34 7.51 6.67 7.83
C MET A 34 7.40 7.88 8.74
N GLN A 35 7.29 7.63 10.04
CA GLN A 35 7.17 8.71 11.01
C GLN A 35 8.49 9.46 11.13
N GLY A 36 9.57 8.85 10.66
CA GLY A 36 10.89 9.47 10.71
C GLY A 36 11.12 10.37 9.50
N LYS A 37 10.10 10.51 8.68
CA LYS A 37 10.20 11.35 7.49
C LYS A 37 8.85 11.99 7.16
N ILE A 38 7.84 11.16 6.98
CA ILE A 38 6.50 11.64 6.67
C ILE A 38 5.55 11.38 7.83
N LYS A 39 4.39 12.03 7.81
CA LYS A 39 3.41 11.85 8.87
C LYS A 39 2.48 10.69 8.55
N LEU A 40 2.61 9.61 9.32
CA LEU A 40 1.79 8.43 9.11
C LEU A 40 0.59 8.43 10.06
N ILE A 41 -0.58 8.09 9.53
CA ILE A 41 -1.80 8.06 10.34
C ILE A 41 -2.30 6.62 10.49
N PHE A 42 -2.76 6.27 11.68
CA PHE A 42 -3.26 4.92 11.94
C PHE A 42 -4.78 4.93 12.04
N GLU A 43 -5.41 3.87 11.52
CA GLU A 43 -6.86 3.76 11.56
C GLU A 43 -7.28 2.29 11.53
N ASP A 44 -7.93 1.84 12.59
CA ASP A 44 -8.38 0.46 12.67
C ASP A 44 -9.64 0.25 11.85
N GLY A 45 -9.67 -0.82 11.06
CA GLY A 45 -10.82 -1.12 10.22
C GLY A 45 -10.42 -1.22 8.76
N LEU A 46 -9.40 -0.46 8.38
CA LEU A 46 -8.93 -0.47 7.00
C LEU A 46 -8.44 -1.87 6.61
N THR A 47 -8.66 -2.24 5.35
CA THR A 47 -8.25 -3.55 4.88
C THR A 47 -6.81 -3.51 4.35
N PRO A 48 -6.58 -2.77 3.30
CA PRO A 48 -5.24 -2.64 2.68
C PRO A 48 -4.17 -2.20 3.69
N ASP A 49 -2.96 -1.94 3.21
CA ASP A 49 -1.87 -1.53 4.08
C ASP A 49 -1.79 -0.01 4.15
N PHE A 50 -1.45 0.62 3.03
CA PHE A 50 -1.34 2.07 2.99
C PHE A 50 -2.33 2.66 2.00
N TYR A 51 -2.59 3.96 2.12
CA TYR A 51 -3.54 4.63 1.23
C TYR A 51 -2.94 5.89 0.64
N LEU A 52 -3.26 6.15 -0.63
CA LEU A 52 -2.76 7.34 -1.31
C LEU A 52 -3.93 8.20 -1.76
N SER A 53 -5.08 7.57 -1.94
CA SER A 53 -6.28 8.26 -2.36
C SER A 53 -7.50 7.36 -2.24
N ASN A 54 -8.67 7.88 -2.59
CA ASN A 54 -9.89 7.08 -2.51
C ASN A 54 -9.99 6.12 -3.69
N ARG A 55 -8.93 6.10 -4.51
CA ARG A 55 -8.91 5.23 -5.69
C ARG A 55 -7.58 4.49 -5.78
N CYS A 56 -6.66 4.81 -4.88
CA CYS A 56 -5.35 4.18 -4.88
C CYS A 56 -4.99 3.65 -3.49
N CYS A 57 -4.48 2.42 -3.45
CA CYS A 57 -4.09 1.80 -2.18
C CYS A 57 -2.89 0.89 -2.40
N ILE A 58 -2.31 0.40 -1.30
CA ILE A 58 -1.14 -0.47 -1.40
C ILE A 58 -1.24 -1.62 -0.42
N LEU A 59 -0.87 -2.82 -0.87
CA LEU A 59 -0.90 -4.00 -0.02
C LEU A 59 0.47 -4.66 0.03
N TYR A 60 0.89 -5.06 1.22
CA TYR A 60 2.19 -5.70 1.39
C TYR A 60 2.06 -7.21 1.40
N VAL A 61 2.64 -7.86 0.39
CA VAL A 61 2.59 -9.32 0.30
C VAL A 61 4.00 -9.90 0.27
N THR A 62 4.16 -11.10 0.81
CA THR A 62 5.47 -11.73 0.84
C THR A 62 5.36 -13.21 0.43
N GLU A 63 6.51 -13.80 0.10
CA GLU A 63 6.53 -15.20 -0.30
C GLU A 63 5.61 -16.04 0.59
N ALA A 64 5.74 -15.85 1.91
CA ALA A 64 4.92 -16.60 2.85
C ALA A 64 3.45 -16.55 2.42
N ASP A 65 3.06 -15.46 1.75
CA ASP A 65 1.69 -15.31 1.30
C ASP A 65 1.44 -16.15 0.05
N LEU A 66 2.38 -16.09 -0.89
CA LEU A 66 2.25 -16.86 -2.13
C LEU A 66 1.90 -18.31 -1.83
N VAL A 67 2.52 -18.86 -0.80
CA VAL A 67 2.27 -20.24 -0.42
C VAL A 67 0.82 -20.42 0.04
N ALA A 68 0.35 -19.47 0.85
CA ALA A 68 -1.02 -19.53 1.35
C ALA A 68 -1.98 -18.81 0.41
N GLY A 69 -1.61 -18.74 -0.86
CA GLY A 69 -2.45 -18.08 -1.85
C GLY A 69 -3.86 -18.66 -1.84
N ASN A 70 -4.06 -19.69 -1.04
CA ASN A 70 -5.37 -20.33 -0.95
C ASN A 70 -6.23 -19.67 0.13
N GLY A 71 -6.11 -18.35 0.24
CA GLY A 71 -6.87 -17.60 1.23
C GLY A 71 -6.64 -16.10 1.07
N TYR A 72 -5.44 -15.73 0.65
CA TYR A 72 -5.10 -14.33 0.45
C TYR A 72 -5.59 -13.85 -0.91
N ARG A 73 -5.47 -14.71 -1.92
CA ARG A 73 -5.92 -14.36 -3.26
C ARG A 73 -7.31 -13.76 -3.24
N LYS A 74 -8.23 -14.44 -2.57
CA LYS A 74 -9.61 -13.96 -2.49
C LYS A 74 -9.63 -12.53 -1.93
N ARG A 75 -8.84 -12.29 -0.89
CA ARG A 75 -8.79 -10.98 -0.27
C ARG A 75 -8.57 -9.89 -1.34
N LEU A 76 -7.57 -10.10 -2.18
CA LEU A 76 -7.27 -9.14 -3.24
C LEU A 76 -8.51 -8.85 -4.08
N VAL A 77 -9.27 -9.89 -4.38
CA VAL A 77 -10.47 -9.73 -5.19
C VAL A 77 -11.43 -8.73 -4.54
N ARG A 78 -11.44 -8.71 -3.20
CA ARG A 78 -12.31 -7.80 -2.49
C ARG A 78 -12.04 -6.35 -2.88
N VAL A 79 -10.76 -5.98 -2.86
CA VAL A 79 -10.37 -4.61 -3.22
C VAL A 79 -11.06 -4.19 -4.52
N ARG A 80 -11.12 -5.10 -5.48
CA ARG A 80 -11.75 -4.81 -6.77
C ARG A 80 -13.27 -4.98 -6.66
N ASN A 81 -13.70 -5.74 -5.66
CA ASN A 81 -15.12 -5.97 -5.46
C ASN A 81 -15.84 -4.68 -5.10
N SER A 82 -15.10 -3.73 -4.54
CA SER A 82 -15.67 -2.45 -4.15
C SER A 82 -16.28 -1.75 -5.36
N ASN A 83 -15.44 -1.32 -6.29
CA ASN A 83 -15.92 -0.65 -7.49
C ASN A 83 -14.87 -0.70 -8.59
N ASN A 84 -13.77 0.03 -8.38
CA ASN A 84 -12.69 0.05 -9.37
C ASN A 84 -11.54 0.92 -8.87
N LEU A 85 -10.88 0.48 -7.81
CA LEU A 85 -9.76 1.22 -7.24
C LEU A 85 -8.45 0.76 -7.86
N LYS A 86 -7.67 1.72 -8.36
CA LYS A 86 -6.38 1.41 -8.97
C LYS A 86 -5.25 1.57 -7.97
N GLY A 87 -4.97 0.51 -7.22
CA GLY A 87 -3.92 0.55 -6.22
C GLY A 87 -2.67 -0.20 -6.70
N ILE A 88 -1.61 -0.14 -5.90
CA ILE A 88 -0.37 -0.82 -6.25
C ILE A 88 -0.19 -2.06 -5.38
N VAL A 89 0.25 -3.15 -6.01
CA VAL A 89 0.48 -4.39 -5.29
C VAL A 89 1.96 -4.71 -5.17
N VAL A 90 2.46 -4.73 -3.93
CA VAL A 90 3.86 -5.02 -3.68
C VAL A 90 4.03 -6.45 -3.17
N VAL A 91 5.02 -7.16 -3.72
CA VAL A 91 5.27 -8.54 -3.30
C VAL A 91 6.72 -8.71 -2.85
N GLU A 92 6.92 -9.38 -1.73
CA GLU A 92 8.25 -9.60 -1.19
C GLU A 92 8.75 -10.98 -1.58
N LYS A 93 9.59 -11.05 -2.62
CA LYS A 93 10.13 -12.32 -3.08
C LYS A 93 11.13 -12.88 -2.06
N THR A 94 11.00 -14.16 -1.77
CA THR A 94 11.89 -14.81 -0.80
C THR A 94 12.53 -16.05 -1.42
N ARG A 95 11.70 -17.04 -1.72
CA ARG A 95 12.19 -18.28 -2.31
C ARG A 95 11.11 -18.92 -3.18
N MET A 96 10.09 -19.47 -2.55
CA MET A 96 8.99 -20.09 -3.29
C MET A 96 8.25 -19.05 -4.11
N SER A 97 8.66 -17.79 -3.97
CA SER A 97 8.03 -16.71 -4.71
C SER A 97 8.49 -16.71 -6.16
N GLU A 98 9.61 -16.05 -6.43
CA GLU A 98 10.15 -15.99 -7.79
C GLU A 98 9.91 -17.32 -8.50
N GLN A 99 9.83 -18.38 -7.72
CA GLN A 99 9.61 -19.71 -8.27
C GLN A 99 8.21 -19.85 -8.85
N TYR A 100 7.22 -19.58 -8.02
CA TYR A 100 5.82 -19.68 -8.43
C TYR A 100 5.13 -18.32 -8.37
N PHE A 101 5.93 -17.27 -8.21
CA PHE A 101 5.38 -15.91 -8.13
C PHE A 101 4.82 -15.47 -9.47
N PRO A 102 5.40 -15.90 -10.56
CA PRO A 102 4.94 -15.54 -11.93
C PRO A 102 3.54 -16.07 -12.23
N ALA A 103 3.34 -17.36 -11.98
CA ALA A 103 2.04 -17.99 -12.23
C ALA A 103 0.93 -17.18 -11.56
N LEU A 104 1.21 -16.65 -10.37
CA LEU A 104 0.22 -15.88 -9.64
C LEU A 104 0.10 -14.48 -10.25
N GLN A 105 1.22 -13.94 -10.73
CA GLN A 105 1.23 -12.61 -11.34
C GLN A 105 0.44 -12.63 -12.64
N LYS A 106 0.59 -13.71 -13.40
CA LYS A 106 -0.11 -13.83 -14.68
C LYS A 106 -1.62 -13.91 -14.45
N PHE A 107 -2.01 -14.42 -13.28
CA PHE A 107 -3.42 -14.53 -12.94
C PHE A 107 -3.95 -13.21 -12.40
N THR A 108 -3.29 -12.69 -11.38
CA THR A 108 -3.71 -11.43 -10.77
C THR A 108 -3.82 -10.33 -11.83
N VAL A 109 -2.97 -10.41 -12.85
CA VAL A 109 -2.98 -9.41 -13.91
C VAL A 109 -4.31 -9.42 -14.66
N LEU A 110 -4.62 -10.55 -15.29
CA LEU A 110 -5.87 -10.67 -16.03
C LEU A 110 -7.06 -10.62 -15.09
N ASP A 111 -6.82 -10.90 -13.81
CA ASP A 111 -7.89 -10.88 -12.82
C ASP A 111 -8.14 -9.47 -12.30
N LEU A 112 -7.10 -8.84 -11.78
CA LEU A 112 -7.22 -7.49 -11.25
C LEU A 112 -6.58 -6.47 -12.18
N GLY A 113 -5.60 -6.91 -12.96
CA GLY A 113 -4.91 -6.03 -13.88
C GLY A 113 -4.49 -4.73 -13.18
N MET A 114 -3.90 -4.88 -12.00
CA MET A 114 -3.44 -3.73 -11.24
C MET A 114 -1.96 -3.46 -11.48
N VAL A 115 -1.32 -2.79 -10.54
CA VAL A 115 0.09 -2.47 -10.68
C VAL A 115 0.92 -3.31 -9.71
N LEU A 116 1.63 -4.30 -10.24
CA LEU A 116 2.46 -5.16 -9.41
C LEU A 116 3.92 -4.76 -9.52
N LEU A 117 4.55 -4.48 -8.39
CA LEU A 117 5.95 -4.08 -8.38
C LEU A 117 6.70 -4.76 -7.25
N PRO A 118 7.21 -5.94 -7.50
CA PRO A 118 7.97 -6.72 -6.49
C PRO A 118 9.15 -5.92 -5.92
N VAL A 119 9.71 -6.40 -4.83
CA VAL A 119 10.84 -5.72 -4.20
C VAL A 119 11.94 -6.71 -3.85
N ALA A 120 12.22 -6.85 -2.56
CA ALA A 120 13.25 -7.77 -2.10
C ALA A 120 13.49 -7.61 -0.60
N SER A 121 13.31 -6.38 -0.11
CA SER A 121 13.49 -6.10 1.31
C SER A 121 12.29 -5.36 1.87
N GLN A 122 12.05 -5.50 3.16
CA GLN A 122 10.92 -4.84 3.81
C GLN A 122 11.09 -3.33 3.77
N MET A 123 12.34 -2.88 3.62
CA MET A 123 12.62 -1.45 3.58
C MET A 123 12.40 -0.90 2.17
N GLU A 124 12.82 -1.67 1.17
CA GLU A 124 12.67 -1.25 -0.22
C GLU A 124 11.27 -0.69 -0.46
N ALA A 125 10.25 -1.45 -0.06
CA ALA A 125 8.87 -1.03 -0.23
C ALA A 125 8.65 0.30 0.46
N SER A 126 8.92 0.33 1.76
CA SER A 126 8.76 1.56 2.53
C SER A 126 9.47 2.69 1.80
N CYS A 127 10.58 2.35 1.15
CA CYS A 127 11.35 3.33 0.39
C CYS A 127 10.73 3.51 -0.99
N LEU A 128 10.14 2.44 -1.51
CA LEU A 128 9.50 2.50 -2.83
C LEU A 128 8.21 3.30 -2.75
N VAL A 129 7.52 3.20 -1.62
CA VAL A 129 6.27 3.91 -1.43
C VAL A 129 6.53 5.36 -1.03
N ILE A 130 7.36 5.55 -0.01
CA ILE A 130 7.69 6.89 0.46
C ILE A 130 8.23 7.75 -0.68
N GLN A 131 9.12 7.18 -1.48
CA GLN A 131 9.71 7.90 -2.60
C GLN A 131 8.64 8.52 -3.48
N LEU A 132 7.57 7.76 -3.74
CA LEU A 132 6.48 8.24 -4.58
C LEU A 132 5.97 9.59 -4.08
N VAL A 133 5.56 9.63 -2.81
CA VAL A 133 5.05 10.86 -2.22
C VAL A 133 6.06 12.00 -2.37
N GLN A 134 7.27 11.78 -1.87
CA GLN A 134 8.31 12.79 -1.94
C GLN A 134 8.40 13.39 -3.34
N GLU A 135 8.43 12.53 -4.35
CA GLU A 135 8.52 12.99 -5.74
C GLU A 135 7.18 13.55 -6.21
N GLN A 136 6.10 13.17 -5.56
CA GLN A 136 4.78 13.63 -5.94
C GLN A 136 4.54 15.04 -5.40
N THR A 137 4.94 15.29 -4.16
CA THR A 137 4.76 16.59 -3.54
C THR A 137 6.11 17.25 -3.27
N LYS A 138 7.09 16.95 -4.11
CA LYS A 138 8.43 17.51 -3.96
C LYS A 138 8.35 19.03 -3.80
N GLU A 139 8.47 19.50 -2.57
CA GLU A 139 8.41 20.94 -2.30
C GLU A 139 9.21 21.28 -1.05
N MET A 1 -24.75 11.94 3.89
CA MET A 1 -25.49 12.91 3.02
C MET A 1 -24.56 13.44 1.94
N GLU A 2 -24.88 14.60 1.40
CA GLU A 2 -24.07 15.21 0.35
C GLU A 2 -23.92 16.71 0.59
N LYS A 3 -25.00 17.33 1.07
CA LYS A 3 -24.98 18.76 1.32
C LYS A 3 -24.33 19.05 2.68
N ASN A 4 -23.04 19.37 2.65
CA ASN A 4 -22.31 19.67 3.87
C ASN A 4 -20.99 20.35 3.56
N PRO A 5 -20.55 21.26 4.39
CA PRO A 5 -19.27 21.99 4.19
C PRO A 5 -18.06 21.08 4.36
N PRO A 6 -16.98 21.39 3.68
CA PRO A 6 -15.73 20.58 3.75
C PRO A 6 -15.44 20.08 5.16
N ASP A 7 -15.79 18.82 5.42
CA ASP A 7 -15.56 18.25 6.73
C ASP A 7 -14.48 17.16 6.66
N ASP A 8 -13.24 17.58 6.43
CA ASP A 8 -12.13 16.64 6.33
C ASP A 8 -12.57 15.36 5.65
N THR A 9 -13.25 15.49 4.52
CA THR A 9 -13.72 14.33 3.77
C THR A 9 -12.54 13.47 3.33
N GLY A 10 -11.33 13.89 3.69
CA GLY A 10 -10.14 13.15 3.33
C GLY A 10 -8.90 13.77 3.99
N PRO A 11 -8.32 14.75 3.35
CA PRO A 11 -7.12 15.46 3.87
C PRO A 11 -7.36 16.08 5.24
N VAL A 12 -6.28 16.33 5.97
CA VAL A 12 -6.39 16.93 7.30
C VAL A 12 -5.89 18.36 7.29
N HIS A 13 -6.79 19.30 7.50
CA HIS A 13 -6.43 20.72 7.52
C HIS A 13 -5.79 21.13 6.20
N VAL A 14 -4.55 20.68 6.00
CA VAL A 14 -3.83 21.01 4.78
C VAL A 14 -3.29 19.74 4.11
N PRO A 15 -3.10 19.79 2.82
CA PRO A 15 -2.59 18.63 2.03
C PRO A 15 -1.10 18.39 2.26
N LEU A 16 -0.78 17.88 3.44
CA LEU A 16 0.61 17.60 3.79
C LEU A 16 1.07 16.27 3.20
N GLY A 17 0.15 15.59 2.50
CA GLY A 17 0.48 14.32 1.88
C GLY A 17 0.80 13.26 2.94
N HIS A 18 -0.16 13.03 3.84
CA HIS A 18 0.03 12.04 4.89
C HIS A 18 -0.47 10.68 4.44
N ILE A 19 -0.11 9.63 5.18
CA ILE A 19 -0.52 8.28 4.83
C ILE A 19 -1.16 7.59 6.03
N VAL A 20 -2.17 6.77 5.77
CA VAL A 20 -2.87 6.05 6.83
C VAL A 20 -2.43 4.59 6.86
N ALA A 21 -2.28 4.05 8.07
CA ALA A 21 -1.86 2.66 8.23
C ALA A 21 -2.90 1.87 9.03
N ASN A 22 -3.17 0.65 8.59
CA ASN A 22 -4.15 -0.19 9.27
C ASN A 22 -3.57 -0.73 10.57
N GLU A 23 -4.25 -0.45 11.68
CA GLU A 23 -3.79 -0.92 12.99
C GLU A 23 -3.41 -2.39 12.93
N LYS A 24 -4.00 -3.11 11.98
CA LYS A 24 -3.72 -4.54 11.82
C LYS A 24 -2.37 -4.73 11.15
N TRP A 25 -2.04 -3.85 10.22
CA TRP A 25 -0.78 -3.93 9.49
C TRP A 25 0.29 -3.11 10.20
N ARG A 26 -0.09 -2.46 11.30
CA ARG A 26 0.84 -1.64 12.06
C ARG A 26 1.86 -2.52 12.78
N GLY A 27 1.56 -3.81 12.87
CA GLY A 27 2.45 -4.75 13.54
C GLY A 27 3.72 -4.97 12.73
N SER A 28 4.06 -4.00 11.89
CA SER A 28 5.25 -4.10 11.05
C SER A 28 6.17 -2.91 11.30
N GLN A 29 7.48 -3.16 11.25
CA GLN A 29 8.45 -2.11 11.46
C GLN A 29 8.55 -1.21 10.23
N LEU A 30 8.04 -1.70 9.11
CA LEU A 30 8.07 -0.94 7.86
C LEU A 30 7.46 0.45 8.09
N ALA A 31 6.17 0.46 8.39
CA ALA A 31 5.46 1.72 8.61
C ALA A 31 6.22 2.60 9.59
N GLN A 32 6.82 1.98 10.60
CA GLN A 32 7.56 2.73 11.61
C GLN A 32 8.64 3.59 10.97
N GLU A 33 9.16 3.13 9.83
CA GLU A 33 10.20 3.88 9.13
C GLU A 33 9.61 5.11 8.44
N MET A 34 8.49 4.92 7.77
CA MET A 34 7.83 6.03 7.08
C MET A 34 7.79 7.26 7.97
N GLN A 35 7.70 7.03 9.28
CA GLN A 35 7.65 8.12 10.24
C GLN A 35 9.00 8.84 10.31
N GLY A 36 9.89 8.50 9.38
CA GLY A 36 11.22 9.12 9.35
C GLY A 36 11.22 10.39 8.50
N LYS A 37 10.38 10.41 7.47
CA LYS A 37 10.30 11.58 6.60
C LYS A 37 8.86 12.02 6.39
N ILE A 38 7.98 11.04 6.16
CA ILE A 38 6.56 11.35 5.94
C ILE A 38 5.74 11.04 7.19
N LYS A 39 4.54 11.60 7.26
CA LYS A 39 3.67 11.38 8.42
C LYS A 39 2.85 10.11 8.22
N LEU A 40 2.51 9.46 9.33
CA LEU A 40 1.74 8.22 9.27
C LEU A 40 0.65 8.21 10.34
N ILE A 41 -0.57 7.88 9.95
CA ILE A 41 -1.69 7.83 10.88
C ILE A 41 -2.21 6.41 11.01
N PHE A 42 -2.23 5.90 12.23
CA PHE A 42 -2.71 4.54 12.47
C PHE A 42 -4.22 4.53 12.71
N GLU A 43 -4.93 3.80 11.87
CA GLU A 43 -6.38 3.71 11.99
C GLU A 43 -6.82 2.25 12.05
N ASP A 44 -7.68 1.94 13.01
CA ASP A 44 -8.17 0.57 13.16
C ASP A 44 -9.50 0.39 12.44
N GLY A 45 -9.47 -0.26 11.28
CA GLY A 45 -10.68 -0.49 10.51
C GLY A 45 -10.35 -0.65 9.03
N LEU A 46 -9.18 -0.17 8.63
CA LEU A 46 -8.76 -0.27 7.23
C LEU A 46 -8.56 -1.73 6.83
N THR A 47 -8.85 -2.05 5.58
CA THR A 47 -8.69 -3.42 5.09
C THR A 47 -7.28 -3.63 4.56
N PRO A 48 -6.87 -2.85 3.59
CA PRO A 48 -5.52 -2.98 2.99
C PRO A 48 -4.41 -2.53 3.95
N ASP A 49 -3.26 -2.19 3.39
CA ASP A 49 -2.13 -1.75 4.23
C ASP A 49 -2.16 -0.24 4.43
N PHE A 50 -2.05 0.50 3.34
CA PHE A 50 -2.07 1.96 3.42
C PHE A 50 -3.20 2.54 2.59
N TYR A 51 -3.57 3.79 2.90
CA TYR A 51 -4.66 4.46 2.18
C TYR A 51 -4.33 5.93 1.98
N LEU A 52 -3.89 6.28 0.77
CA LEU A 52 -3.55 7.66 0.47
C LEU A 52 -4.81 8.49 0.25
N SER A 53 -5.81 7.88 -0.40
CA SER A 53 -7.06 8.58 -0.68
C SER A 53 -8.11 7.58 -1.17
N ASN A 54 -9.33 8.08 -1.37
CA ASN A 54 -10.42 7.24 -1.84
C ASN A 54 -10.27 6.97 -3.34
N ARG A 55 -9.07 6.55 -3.74
CA ARG A 55 -8.81 6.26 -5.15
C ARG A 55 -7.56 5.39 -5.30
N CYS A 56 -6.56 5.66 -4.46
CA CYS A 56 -5.32 4.90 -4.50
C CYS A 56 -5.06 4.19 -3.18
N CYS A 57 -4.51 2.99 -3.25
CA CYS A 57 -4.21 2.21 -2.05
C CYS A 57 -3.02 1.29 -2.31
N ILE A 58 -2.44 0.74 -1.25
CA ILE A 58 -1.29 -0.14 -1.39
C ILE A 58 -1.43 -1.34 -0.47
N LEU A 59 -1.21 -2.53 -1.03
CA LEU A 59 -1.30 -3.76 -0.26
C LEU A 59 0.04 -4.48 -0.24
N TYR A 60 0.53 -4.80 0.96
CA TYR A 60 1.80 -5.48 1.09
C TYR A 60 1.63 -7.00 1.08
N VAL A 61 2.41 -7.67 0.24
CA VAL A 61 2.35 -9.12 0.13
C VAL A 61 3.73 -9.73 0.32
N THR A 62 3.79 -10.92 0.91
CA THR A 62 5.07 -11.58 1.15
C THR A 62 5.04 -13.01 0.64
N GLU A 63 6.21 -13.54 0.29
CA GLU A 63 6.31 -14.90 -0.21
C GLU A 63 5.41 -15.84 0.59
N ALA A 64 5.43 -15.69 1.91
CA ALA A 64 4.61 -16.53 2.77
C ALA A 64 3.18 -16.58 2.27
N ASP A 65 2.74 -15.49 1.63
CA ASP A 65 1.39 -15.42 1.10
C ASP A 65 1.28 -16.16 -0.23
N LEU A 66 2.38 -16.17 -0.99
CA LEU A 66 2.40 -16.84 -2.27
C LEU A 66 2.21 -18.35 -2.08
N VAL A 67 2.90 -18.90 -1.09
CA VAL A 67 2.80 -20.34 -0.82
C VAL A 67 1.34 -20.78 -0.84
N ALA A 68 0.44 -19.89 -0.43
CA ALA A 68 -0.98 -20.20 -0.40
C ALA A 68 -1.70 -19.55 -1.57
N GLY A 69 -1.53 -18.24 -1.70
CA GLY A 69 -2.16 -17.50 -2.80
C GLY A 69 -3.55 -18.06 -3.10
N ASN A 70 -4.26 -18.47 -2.05
CA ASN A 70 -5.59 -19.03 -2.22
C ASN A 70 -6.64 -18.12 -1.56
N GLY A 71 -6.47 -17.88 -0.26
CA GLY A 71 -7.40 -17.04 0.47
C GLY A 71 -7.16 -15.57 0.17
N TYR A 72 -5.89 -15.20 0.04
CA TYR A 72 -5.53 -13.81 -0.26
C TYR A 72 -5.98 -13.43 -1.66
N ARG A 73 -6.16 -14.42 -2.52
CA ARG A 73 -6.60 -14.18 -3.89
C ARG A 73 -7.96 -13.49 -3.91
N LYS A 74 -8.88 -14.01 -3.11
CA LYS A 74 -10.23 -13.46 -3.05
C LYS A 74 -10.22 -12.07 -2.40
N ARG A 75 -9.21 -11.83 -1.57
CA ARG A 75 -9.10 -10.54 -0.89
C ARG A 75 -8.78 -9.42 -1.89
N LEU A 76 -7.78 -9.65 -2.71
CA LEU A 76 -7.37 -8.65 -3.71
C LEU A 76 -8.54 -8.31 -4.63
N VAL A 77 -9.47 -9.25 -4.78
CA VAL A 77 -10.63 -9.04 -5.65
C VAL A 77 -11.62 -8.09 -5.02
N ARG A 78 -11.91 -8.29 -3.74
CA ARG A 78 -12.85 -7.45 -3.02
C ARG A 78 -12.63 -5.97 -3.38
N VAL A 79 -11.38 -5.53 -3.32
CA VAL A 79 -11.04 -4.15 -3.64
C VAL A 79 -11.48 -3.79 -5.05
N ARG A 80 -11.53 -4.80 -5.92
CA ARG A 80 -11.93 -4.57 -7.31
C ARG A 80 -13.45 -4.50 -7.43
N ASN A 81 -14.13 -5.32 -6.65
CA ASN A 81 -15.59 -5.35 -6.68
C ASN A 81 -16.16 -4.01 -6.21
N SER A 82 -15.32 -3.19 -5.58
CA SER A 82 -15.74 -1.89 -5.10
C SER A 82 -16.24 -1.02 -6.25
N ASN A 83 -15.49 0.02 -6.56
CA ASN A 83 -15.87 0.93 -7.65
C ASN A 83 -14.81 0.91 -8.75
N ASN A 84 -13.64 1.44 -8.44
CA ASN A 84 -12.55 1.49 -9.40
C ASN A 84 -11.35 2.23 -8.81
N LEU A 85 -10.78 1.66 -7.76
CA LEU A 85 -9.63 2.27 -7.10
C LEU A 85 -8.33 1.61 -7.59
N LYS A 86 -7.34 2.44 -7.91
CA LYS A 86 -6.06 1.94 -8.38
C LYS A 86 -5.16 1.60 -7.19
N GLY A 87 -5.07 0.31 -6.87
CA GLY A 87 -4.24 -0.13 -5.76
C GLY A 87 -3.03 -0.92 -6.25
N ILE A 88 -1.85 -0.54 -5.76
CA ILE A 88 -0.62 -1.22 -6.15
C ILE A 88 -0.37 -2.42 -5.25
N VAL A 89 0.01 -3.54 -5.86
CA VAL A 89 0.27 -4.76 -5.09
C VAL A 89 1.77 -4.96 -4.92
N VAL A 90 2.25 -4.75 -3.70
CA VAL A 90 3.67 -4.93 -3.40
C VAL A 90 3.94 -6.35 -2.95
N VAL A 91 5.05 -6.93 -3.44
CA VAL A 91 5.39 -8.30 -3.08
C VAL A 91 6.81 -8.36 -2.51
N GLU A 92 7.03 -9.30 -1.60
CA GLU A 92 8.33 -9.48 -0.98
C GLU A 92 8.89 -10.87 -1.28
N LYS A 93 9.92 -10.93 -2.12
CA LYS A 93 10.53 -12.20 -2.49
C LYS A 93 11.19 -12.85 -1.28
N THR A 94 11.15 -14.18 -1.25
CA THR A 94 11.75 -14.93 -0.15
C THR A 94 12.42 -16.19 -0.67
N ARG A 95 11.61 -17.19 -0.99
CA ARG A 95 12.13 -18.45 -1.51
C ARG A 95 11.23 -19.00 -2.61
N MET A 96 10.04 -19.42 -2.25
CA MET A 96 9.09 -19.97 -3.22
C MET A 96 8.59 -18.85 -4.15
N SER A 97 8.88 -17.61 -3.79
CA SER A 97 8.45 -16.47 -4.60
C SER A 97 8.82 -16.68 -6.06
N GLU A 98 9.97 -16.13 -6.45
CA GLU A 98 10.43 -16.25 -7.83
C GLU A 98 10.08 -17.62 -8.41
N GLN A 99 9.93 -18.61 -7.54
CA GLN A 99 9.60 -19.96 -7.98
C GLN A 99 8.14 -20.04 -8.42
N TYR A 100 7.24 -19.57 -7.58
CA TYR A 100 5.81 -19.60 -7.90
C TYR A 100 5.26 -18.18 -8.02
N PHE A 101 6.16 -17.20 -8.08
CA PHE A 101 5.75 -15.81 -8.21
C PHE A 101 5.17 -15.54 -9.59
N PRO A 102 5.65 -16.21 -10.60
CA PRO A 102 5.16 -16.03 -12.00
C PRO A 102 3.71 -16.51 -12.16
N ALA A 103 3.49 -17.78 -11.87
CA ALA A 103 2.15 -18.37 -11.98
C ALA A 103 1.11 -17.47 -11.32
N LEU A 104 1.48 -16.89 -10.19
CA LEU A 104 0.57 -16.01 -9.47
C LEU A 104 0.40 -14.68 -10.19
N GLN A 105 1.52 -14.02 -10.48
CA GLN A 105 1.49 -12.74 -11.17
C GLN A 105 0.57 -12.82 -12.39
N LYS A 106 0.58 -13.96 -13.06
CA LYS A 106 -0.26 -14.16 -14.25
C LYS A 106 -1.74 -14.09 -13.87
N PHE A 107 -2.07 -14.71 -12.75
CA PHE A 107 -3.46 -14.71 -12.28
C PHE A 107 -3.86 -13.35 -11.74
N THR A 108 -2.98 -12.77 -10.92
CA THR A 108 -3.24 -11.46 -10.33
C THR A 108 -3.43 -10.40 -11.42
N VAL A 109 -2.68 -10.54 -12.51
CA VAL A 109 -2.77 -9.58 -13.61
C VAL A 109 -4.03 -9.83 -14.43
N LEU A 110 -4.20 -11.06 -14.91
CA LEU A 110 -5.37 -11.39 -15.72
C LEU A 110 -6.65 -11.17 -14.93
N ASP A 111 -6.58 -11.33 -13.62
CA ASP A 111 -7.76 -11.16 -12.77
C ASP A 111 -7.97 -9.69 -12.41
N LEU A 112 -6.92 -9.04 -11.91
CA LEU A 112 -7.03 -7.64 -11.51
C LEU A 112 -6.35 -6.71 -12.53
N GLY A 113 -5.34 -7.23 -13.21
CA GLY A 113 -4.61 -6.42 -14.20
C GLY A 113 -4.10 -5.13 -13.57
N MET A 114 -4.08 -5.11 -12.25
CA MET A 114 -3.60 -3.93 -11.51
C MET A 114 -2.10 -3.78 -11.66
N VAL A 115 -1.48 -3.10 -10.69
CA VAL A 115 -0.03 -2.88 -10.73
C VAL A 115 0.65 -3.70 -9.64
N LEU A 116 1.80 -4.30 -9.99
CA LEU A 116 2.55 -5.11 -9.05
C LEU A 116 4.02 -4.68 -9.02
N LEU A 117 4.53 -4.38 -7.84
CA LEU A 117 5.91 -3.97 -7.69
C LEU A 117 6.60 -4.74 -6.56
N PRO A 118 7.38 -5.74 -6.89
CA PRO A 118 8.09 -6.56 -5.87
C PRO A 118 9.35 -5.86 -5.33
N VAL A 119 9.76 -6.24 -4.13
CA VAL A 119 10.94 -5.65 -3.53
C VAL A 119 11.88 -6.74 -3.02
N ALA A 120 12.00 -6.85 -1.70
CA ALA A 120 12.87 -7.86 -1.09
C ALA A 120 12.99 -7.63 0.41
N SER A 121 12.87 -6.37 0.82
CA SER A 121 12.97 -6.04 2.24
C SER A 121 12.10 -4.81 2.56
N GLN A 122 12.10 -4.41 3.82
CA GLN A 122 11.32 -3.25 4.24
C GLN A 122 11.96 -1.96 3.75
N MET A 123 13.27 -1.86 3.93
CA MET A 123 14.00 -0.66 3.51
C MET A 123 13.56 -0.24 2.11
N GLU A 124 13.42 -1.21 1.22
CA GLU A 124 13.01 -0.92 -0.16
C GLU A 124 11.65 -0.25 -0.17
N ALA A 125 10.67 -0.90 0.43
CA ALA A 125 9.32 -0.36 0.48
C ALA A 125 9.33 1.01 1.14
N SER A 126 9.81 1.07 2.38
CA SER A 126 9.88 2.34 3.08
C SER A 126 10.48 3.39 2.16
N CYS A 127 11.41 2.95 1.32
CA CYS A 127 12.07 3.84 0.38
C CYS A 127 11.24 3.96 -0.89
N LEU A 128 10.52 2.89 -1.24
CA LEU A 128 9.70 2.91 -2.45
C LEU A 128 8.42 3.71 -2.22
N VAL A 129 7.78 3.48 -1.07
CA VAL A 129 6.55 4.18 -0.73
C VAL A 129 6.79 5.69 -0.71
N ILE A 130 7.77 6.11 0.08
CA ILE A 130 8.09 7.53 0.19
C ILE A 130 8.35 8.13 -1.19
N GLN A 131 9.25 7.50 -1.94
CA GLN A 131 9.60 7.99 -3.27
C GLN A 131 8.33 8.25 -4.07
N LEU A 132 7.28 7.47 -3.80
CA LEU A 132 6.02 7.62 -4.52
C LEU A 132 5.43 9.00 -4.25
N VAL A 133 5.11 9.27 -2.99
CA VAL A 133 4.54 10.56 -2.62
C VAL A 133 5.58 11.67 -2.78
N GLN A 134 6.83 11.35 -2.46
CA GLN A 134 7.91 12.33 -2.56
C GLN A 134 8.01 12.84 -3.99
N GLU A 135 7.70 11.99 -4.96
CA GLU A 135 7.77 12.37 -6.36
C GLU A 135 6.77 13.48 -6.66
N GLN A 136 5.50 13.25 -6.35
CA GLN A 136 4.47 14.25 -6.58
C GLN A 136 4.90 15.61 -6.05
N THR A 137 5.57 15.60 -4.90
CA THR A 137 6.03 16.83 -4.29
C THR A 137 4.97 17.92 -4.39
N LYS A 138 3.71 17.52 -4.38
CA LYS A 138 2.61 18.47 -4.48
C LYS A 138 2.23 19.00 -3.09
N GLU A 139 2.28 20.32 -2.94
CA GLU A 139 1.94 20.93 -1.66
C GLU A 139 1.41 22.34 -1.87
N MET A 1 -8.26 40.35 0.66
CA MET A 1 -7.80 39.85 -0.67
C MET A 1 -6.98 40.93 -1.36
N GLU A 2 -7.68 41.89 -1.97
CA GLU A 2 -7.01 42.97 -2.68
C GLU A 2 -6.66 44.10 -1.71
N LYS A 3 -5.46 44.05 -1.14
CA LYS A 3 -5.03 45.07 -0.20
C LYS A 3 -3.51 45.19 -0.20
N ASN A 4 -2.90 44.88 -1.34
CA ASN A 4 -1.44 44.96 -1.48
C ASN A 4 -0.77 43.96 -0.53
N PRO A 5 -0.83 42.70 -0.86
CA PRO A 5 -0.21 41.63 -0.02
C PRO A 5 1.32 41.61 -0.16
N PRO A 6 1.99 41.10 0.83
CA PRO A 6 3.47 41.01 0.84
C PRO A 6 4.04 40.64 -0.51
N ASP A 7 5.34 40.88 -0.70
CA ASP A 7 6.00 40.56 -1.97
C ASP A 7 6.41 39.10 -2.00
N ASP A 8 5.44 38.21 -1.80
CA ASP A 8 5.71 36.77 -1.82
C ASP A 8 6.56 36.38 -0.61
N THR A 9 6.09 36.73 0.58
CA THR A 9 6.81 36.42 1.80
C THR A 9 6.73 34.92 2.10
N GLY A 10 6.48 34.12 1.07
CA GLY A 10 6.38 32.68 1.24
C GLY A 10 5.44 32.33 2.39
N PRO A 11 4.16 32.54 2.19
CA PRO A 11 3.13 32.25 3.22
C PRO A 11 3.36 30.91 3.92
N VAL A 12 3.33 30.95 5.25
CA VAL A 12 3.55 29.74 6.04
C VAL A 12 2.48 28.70 5.72
N HIS A 13 2.87 27.69 4.93
CA HIS A 13 1.93 26.63 4.57
C HIS A 13 2.64 25.27 4.55
N VAL A 14 2.08 24.31 5.27
CA VAL A 14 2.66 22.98 5.34
C VAL A 14 2.00 22.05 4.32
N PRO A 15 2.74 21.11 3.79
CA PRO A 15 2.21 20.15 2.78
C PRO A 15 1.18 19.20 3.38
N LEU A 16 0.63 18.33 2.54
CA LEU A 16 -0.38 17.37 2.99
C LEU A 16 0.01 15.96 2.60
N GLY A 17 1.23 15.80 2.09
CA GLY A 17 1.72 14.49 1.67
C GLY A 17 1.84 13.55 2.86
N HIS A 18 0.88 12.63 2.98
CA HIS A 18 0.89 11.67 4.08
C HIS A 18 0.22 10.36 3.64
N ILE A 19 0.51 9.28 4.35
CA ILE A 19 -0.06 7.98 4.02
C ILE A 19 -0.88 7.44 5.19
N VAL A 20 -1.78 6.51 4.88
CA VAL A 20 -2.62 5.90 5.91
C VAL A 20 -2.29 4.43 6.07
N ALA A 21 -2.35 3.94 7.30
CA ALA A 21 -2.04 2.53 7.57
C ALA A 21 -3.09 1.92 8.50
N ASN A 22 -3.31 0.62 8.35
CA ASN A 22 -4.28 -0.08 9.17
C ASN A 22 -3.69 -0.43 10.54
N GLU A 23 -4.49 -0.25 11.59
CA GLU A 23 -4.04 -0.53 12.94
C GLU A 23 -3.59 -1.99 13.06
N LYS A 24 -4.25 -2.87 12.31
CA LYS A 24 -3.91 -4.28 12.35
C LYS A 24 -2.62 -4.55 11.59
N TRP A 25 -2.70 -4.56 10.26
CA TRP A 25 -1.53 -4.79 9.44
C TRP A 25 -0.43 -3.80 9.80
N ARG A 26 -0.84 -2.66 10.36
CA ARG A 26 0.10 -1.62 10.77
C ARG A 26 1.42 -1.74 10.01
N GLY A 27 1.32 -2.07 8.72
CA GLY A 27 2.50 -2.22 7.87
C GLY A 27 3.77 -2.37 8.70
N SER A 28 3.73 -3.23 9.71
CA SER A 28 4.88 -3.45 10.58
C SER A 28 5.49 -2.12 11.01
N GLN A 29 6.48 -2.18 11.89
CA GLN A 29 7.13 -0.98 12.36
C GLN A 29 7.38 0.00 11.21
N LEU A 30 7.43 -0.54 10.00
CA LEU A 30 7.65 0.26 8.81
C LEU A 30 6.76 1.51 8.83
N ALA A 31 5.49 1.31 9.16
CA ALA A 31 4.55 2.43 9.20
C ALA A 31 4.95 3.42 10.29
N GLN A 32 5.67 2.94 11.30
CA GLN A 32 6.13 3.80 12.38
C GLN A 32 7.37 4.58 11.97
N GLU A 33 8.18 3.97 11.11
CA GLU A 33 9.41 4.62 10.64
C GLU A 33 9.07 5.81 9.75
N MET A 34 8.03 5.67 8.94
CA MET A 34 7.64 6.74 8.04
C MET A 34 7.56 8.07 8.79
N GLN A 35 7.33 7.99 10.09
CA GLN A 35 7.24 9.20 10.91
C GLN A 35 8.60 9.86 11.04
N GLY A 36 9.62 9.23 10.47
CA GLY A 36 10.98 9.77 10.53
C GLY A 36 11.26 10.64 9.32
N LYS A 37 10.35 10.63 8.35
CA LYS A 37 10.52 11.44 7.14
C LYS A 37 9.21 12.12 6.77
N ILE A 38 8.13 11.35 6.79
CA ILE A 38 6.81 11.88 6.45
C ILE A 38 5.83 11.59 7.57
N LYS A 39 4.62 12.16 7.46
CA LYS A 39 3.60 11.94 8.47
C LYS A 39 2.83 10.66 8.19
N LEU A 40 2.75 9.79 9.20
CA LEU A 40 2.04 8.52 9.04
C LEU A 40 0.91 8.43 10.06
N ILE A 41 -0.28 8.07 9.59
CA ILE A 41 -1.43 7.95 10.47
C ILE A 41 -1.90 6.50 10.55
N PHE A 42 -2.52 6.14 11.66
CA PHE A 42 -3.01 4.78 11.85
C PHE A 42 -4.52 4.76 12.03
N GLU A 43 -5.20 4.05 11.14
CA GLU A 43 -6.66 3.96 11.20
C GLU A 43 -7.09 2.50 11.25
N ASP A 44 -7.91 2.16 12.24
CA ASP A 44 -8.39 0.79 12.39
C ASP A 44 -9.67 0.57 11.59
N GLY A 45 -9.82 -0.62 11.03
CA GLY A 45 -11.00 -0.95 10.25
C GLY A 45 -10.74 -0.77 8.76
N LEU A 46 -9.49 -0.49 8.42
CA LEU A 46 -9.11 -0.29 7.02
C LEU A 46 -8.98 -1.63 6.31
N THR A 47 -9.14 -1.63 4.99
CA THR A 47 -9.04 -2.85 4.21
C THR A 47 -7.62 -3.03 3.67
N PRO A 48 -7.18 -2.13 2.82
CA PRO A 48 -5.82 -2.20 2.22
C PRO A 48 -4.73 -2.11 3.29
N ASP A 49 -3.47 -2.12 2.85
CA ASP A 49 -2.35 -2.04 3.78
C ASP A 49 -1.84 -0.61 3.88
N PHE A 50 -1.92 0.13 2.77
CA PHE A 50 -1.45 1.51 2.75
C PHE A 50 -2.32 2.33 1.80
N TYR A 51 -2.88 3.42 2.31
CA TYR A 51 -3.72 4.29 1.49
C TYR A 51 -3.01 5.61 1.20
N LEU A 52 -2.64 5.80 -0.07
CA LEU A 52 -1.96 7.02 -0.47
C LEU A 52 -2.96 8.17 -0.60
N SER A 53 -4.09 7.88 -1.22
CA SER A 53 -5.13 8.89 -1.41
C SER A 53 -6.46 8.23 -1.75
N ASN A 54 -7.55 8.92 -1.41
CA ASN A 54 -8.89 8.39 -1.69
C ASN A 54 -9.08 8.16 -3.19
N ARG A 55 -8.38 7.15 -3.72
CA ARG A 55 -8.48 6.83 -5.14
C ARG A 55 -7.47 5.74 -5.50
N CYS A 56 -6.39 5.66 -4.75
CA CYS A 56 -5.36 4.66 -5.01
C CYS A 56 -4.83 4.09 -3.69
N CYS A 57 -4.76 2.77 -3.62
CA CYS A 57 -4.26 2.10 -2.42
C CYS A 57 -3.06 1.23 -2.74
N ILE A 58 -2.46 0.64 -1.71
CA ILE A 58 -1.30 -0.22 -1.90
C ILE A 58 -1.39 -1.45 -1.00
N LEU A 59 -1.19 -2.62 -1.60
CA LEU A 59 -1.25 -3.87 -0.84
C LEU A 59 0.13 -4.50 -0.75
N TYR A 60 0.51 -4.90 0.45
CA TYR A 60 1.82 -5.52 0.67
C TYR A 60 1.69 -7.03 0.76
N VAL A 61 2.40 -7.74 -0.10
CA VAL A 61 2.35 -9.19 -0.11
C VAL A 61 3.74 -9.78 0.19
N THR A 62 3.76 -10.91 0.88
CA THR A 62 5.02 -11.55 1.23
C THR A 62 5.09 -12.97 0.65
N GLU A 63 6.27 -13.36 0.19
CA GLU A 63 6.45 -14.69 -0.39
C GLU A 63 5.65 -15.72 0.40
N ALA A 64 5.61 -15.56 1.72
CA ALA A 64 4.87 -16.49 2.57
C ALA A 64 3.46 -16.70 2.03
N ASP A 65 2.84 -15.62 1.56
CA ASP A 65 1.49 -15.71 1.03
C ASP A 65 1.47 -16.51 -0.27
N LEU A 66 2.48 -16.30 -1.11
CA LEU A 66 2.57 -17.02 -2.38
C LEU A 66 2.59 -18.52 -2.14
N VAL A 67 3.27 -18.94 -1.07
CA VAL A 67 3.36 -20.36 -0.74
C VAL A 67 1.99 -21.01 -0.85
N ALA A 68 0.95 -20.19 -0.90
CA ALA A 68 -0.41 -20.70 -1.00
C ALA A 68 -0.99 -20.38 -2.38
N GLY A 69 -1.02 -19.10 -2.72
CA GLY A 69 -1.54 -18.67 -4.01
C GLY A 69 -2.89 -19.31 -4.29
N ASN A 70 -3.60 -19.71 -3.23
CA ASN A 70 -4.91 -20.33 -3.38
C ASN A 70 -5.74 -20.14 -2.11
N GLY A 71 -5.72 -18.93 -1.57
CA GLY A 71 -6.47 -18.63 -0.36
C GLY A 71 -6.55 -17.13 -0.11
N TYR A 72 -5.45 -16.43 -0.39
CA TYR A 72 -5.41 -14.99 -0.20
C TYR A 72 -6.05 -14.25 -1.37
N ARG A 73 -6.03 -14.90 -2.54
CA ARG A 73 -6.61 -14.29 -3.74
C ARG A 73 -7.96 -13.67 -3.42
N LYS A 74 -8.69 -14.28 -2.50
CA LYS A 74 -10.01 -13.77 -2.11
C LYS A 74 -9.88 -12.42 -1.41
N ARG A 75 -8.73 -12.20 -0.78
CA ARG A 75 -8.50 -10.95 -0.07
C ARG A 75 -8.18 -9.83 -1.06
N LEU A 76 -7.50 -10.19 -2.14
CA LEU A 76 -7.14 -9.22 -3.16
C LEU A 76 -8.39 -8.64 -3.84
N VAL A 77 -9.37 -9.52 -4.05
CA VAL A 77 -10.62 -9.10 -4.69
C VAL A 77 -11.32 -8.04 -3.83
N ARG A 78 -11.32 -8.26 -2.52
CA ARG A 78 -11.96 -7.33 -1.60
C ARG A 78 -11.56 -5.88 -1.92
N VAL A 79 -10.37 -5.71 -2.48
CA VAL A 79 -9.88 -4.38 -2.82
C VAL A 79 -10.66 -3.80 -4.01
N ARG A 80 -11.16 -4.69 -4.86
CA ARG A 80 -11.91 -4.26 -6.04
C ARG A 80 -13.34 -3.88 -5.66
N ASN A 81 -13.99 -4.74 -4.90
CA ASN A 81 -15.36 -4.49 -4.47
C ASN A 81 -15.49 -3.11 -3.86
N SER A 82 -14.61 -2.78 -2.92
CA SER A 82 -14.63 -1.49 -2.26
C SER A 82 -15.10 -0.41 -3.22
N ASN A 83 -14.29 -0.13 -4.23
CA ASN A 83 -14.63 0.89 -5.22
C ASN A 83 -13.92 0.63 -6.54
N ASN A 84 -13.47 1.69 -7.19
CA ASN A 84 -12.77 1.56 -8.46
C ASN A 84 -11.44 2.32 -8.43
N LEU A 85 -10.61 2.01 -7.44
CA LEU A 85 -9.32 2.66 -7.30
C LEU A 85 -8.21 1.77 -7.84
N LYS A 86 -7.24 2.38 -8.52
CA LYS A 86 -6.14 1.62 -9.09
C LYS A 86 -4.96 1.61 -8.12
N GLY A 87 -4.94 0.60 -7.23
CA GLY A 87 -3.86 0.49 -6.26
C GLY A 87 -2.67 -0.25 -6.85
N ILE A 88 -1.63 -0.42 -6.05
CA ILE A 88 -0.42 -1.11 -6.49
C ILE A 88 -0.12 -2.30 -5.59
N VAL A 89 -0.20 -3.50 -6.17
CA VAL A 89 0.06 -4.71 -5.41
C VAL A 89 1.56 -5.00 -5.37
N VAL A 90 2.16 -4.85 -4.20
CA VAL A 90 3.59 -5.10 -4.03
C VAL A 90 3.83 -6.51 -3.52
N VAL A 91 4.92 -7.13 -3.97
CA VAL A 91 5.26 -8.48 -3.55
C VAL A 91 6.73 -8.57 -3.14
N GLU A 92 7.01 -9.36 -2.11
CA GLU A 92 8.38 -9.51 -1.63
C GLU A 92 8.96 -10.85 -2.08
N LYS A 93 10.16 -10.80 -2.67
CA LYS A 93 10.81 -12.02 -3.13
C LYS A 93 11.56 -12.69 -1.98
N THR A 94 11.34 -14.00 -1.83
CA THR A 94 11.99 -14.74 -0.76
C THR A 94 12.56 -16.06 -1.29
N ARG A 95 11.72 -17.08 -1.34
CA ARG A 95 12.15 -18.38 -1.83
C ARG A 95 11.17 -18.92 -2.87
N MET A 96 9.97 -19.28 -2.41
CA MET A 96 8.95 -19.81 -3.30
C MET A 96 8.41 -18.71 -4.21
N SER A 97 8.80 -17.47 -3.91
CA SER A 97 8.33 -16.33 -4.71
C SER A 97 8.79 -16.46 -6.15
N GLU A 98 9.94 -15.87 -6.46
CA GLU A 98 10.48 -15.90 -7.81
C GLU A 98 10.19 -17.24 -8.49
N GLN A 99 10.05 -18.30 -7.68
CA GLN A 99 9.78 -19.62 -8.23
C GLN A 99 8.38 -19.71 -8.79
N TYR A 100 7.39 -19.38 -7.97
CA TYR A 100 5.99 -19.43 -8.41
C TYR A 100 5.38 -18.03 -8.41
N PHE A 101 6.22 -17.01 -8.29
CA PHE A 101 5.75 -15.64 -8.29
C PHE A 101 5.20 -15.26 -9.66
N PRO A 102 5.77 -15.78 -10.71
CA PRO A 102 5.33 -15.49 -12.11
C PRO A 102 3.90 -15.98 -12.37
N ALA A 103 3.68 -17.27 -12.13
CA ALA A 103 2.36 -17.85 -12.34
C ALA A 103 1.29 -17.02 -11.66
N LEU A 104 1.62 -16.47 -10.49
CA LEU A 104 0.68 -15.63 -9.75
C LEU A 104 0.52 -14.28 -10.43
N GLN A 105 1.62 -13.72 -10.90
CA GLN A 105 1.58 -12.43 -11.58
C GLN A 105 0.72 -12.51 -12.83
N LYS A 106 0.70 -13.69 -13.46
CA LYS A 106 -0.08 -13.89 -14.66
C LYS A 106 -1.57 -13.92 -14.31
N PHE A 107 -1.93 -14.66 -13.27
CA PHE A 107 -3.31 -14.76 -12.85
C PHE A 107 -3.74 -13.47 -12.13
N THR A 108 -2.92 -13.03 -11.18
CA THR A 108 -3.24 -11.81 -10.44
C THR A 108 -3.71 -10.72 -11.39
N VAL A 109 -3.11 -10.69 -12.59
CA VAL A 109 -3.50 -9.70 -13.59
C VAL A 109 -4.89 -10.00 -14.13
N LEU A 110 -5.08 -11.22 -14.61
CA LEU A 110 -6.37 -11.63 -15.15
C LEU A 110 -7.43 -11.66 -14.06
N ASP A 111 -6.98 -11.83 -12.82
CA ASP A 111 -7.89 -11.89 -11.68
C ASP A 111 -8.23 -10.49 -11.18
N LEU A 112 -7.20 -9.69 -10.88
CA LEU A 112 -7.42 -8.34 -10.38
C LEU A 112 -7.13 -7.29 -11.44
N GLY A 113 -6.25 -7.61 -12.37
CA GLY A 113 -5.90 -6.66 -13.44
C GLY A 113 -5.46 -5.33 -12.84
N MET A 114 -4.64 -5.39 -11.80
CA MET A 114 -4.15 -4.18 -11.15
C MET A 114 -2.66 -4.01 -11.40
N VAL A 115 -2.05 -3.03 -10.75
CA VAL A 115 -0.62 -2.77 -10.92
C VAL A 115 0.20 -3.59 -9.94
N LEU A 116 1.07 -4.44 -10.46
CA LEU A 116 1.92 -5.28 -9.62
C LEU A 116 3.36 -4.83 -9.69
N LEU A 117 3.96 -4.52 -8.54
CA LEU A 117 5.34 -4.08 -8.49
C LEU A 117 6.12 -4.85 -7.42
N PRO A 118 6.96 -5.78 -7.82
CA PRO A 118 7.77 -6.60 -6.88
C PRO A 118 9.03 -5.86 -6.43
N VAL A 119 9.56 -6.26 -5.28
CA VAL A 119 10.77 -5.64 -4.75
C VAL A 119 11.79 -6.70 -4.35
N ALA A 120 11.89 -6.98 -3.07
CA ALA A 120 12.82 -7.99 -2.57
C ALA A 120 12.81 -8.03 -1.05
N SER A 121 12.83 -6.86 -0.41
CA SER A 121 12.82 -6.79 1.04
C SER A 121 11.74 -5.82 1.52
N GLN A 122 11.46 -5.86 2.82
CA GLN A 122 10.45 -4.99 3.39
C GLN A 122 10.93 -3.54 3.41
N MET A 123 12.24 -3.36 3.36
CA MET A 123 12.83 -2.02 3.37
C MET A 123 12.63 -1.34 2.03
N GLU A 124 12.85 -2.08 0.95
CA GLU A 124 12.70 -1.54 -0.39
C GLU A 124 11.37 -0.79 -0.52
N ALA A 125 10.28 -1.47 -0.21
CA ALA A 125 8.95 -0.87 -0.29
C ALA A 125 8.89 0.36 0.60
N SER A 126 9.16 0.19 1.89
CA SER A 126 9.15 1.32 2.81
C SER A 126 9.87 2.49 2.17
N CYS A 127 10.92 2.18 1.43
CA CYS A 127 11.70 3.21 0.74
C CYS A 127 11.06 3.53 -0.60
N LEU A 128 10.43 2.53 -1.22
CA LEU A 128 9.79 2.72 -2.51
C LEU A 128 8.50 3.53 -2.36
N VAL A 129 7.84 3.36 -1.22
CA VAL A 129 6.60 4.07 -0.95
C VAL A 129 6.89 5.51 -0.51
N ILE A 130 7.89 5.67 0.35
CA ILE A 130 8.25 6.99 0.85
C ILE A 130 8.70 7.89 -0.30
N GLN A 131 9.60 7.38 -1.12
CA GLN A 131 10.11 8.14 -2.26
C GLN A 131 8.96 8.58 -3.16
N LEU A 132 7.97 7.70 -3.32
CA LEU A 132 6.83 7.99 -4.17
C LEU A 132 6.16 9.30 -3.73
N VAL A 133 6.04 9.49 -2.42
CA VAL A 133 5.43 10.70 -1.90
C VAL A 133 6.36 11.90 -2.05
N GLN A 134 7.65 11.68 -1.75
CA GLN A 134 8.63 12.75 -1.86
C GLN A 134 8.64 13.34 -3.27
N GLU A 135 8.77 12.47 -4.27
CA GLU A 135 8.80 12.92 -5.66
C GLU A 135 7.54 13.71 -5.99
N GLN A 136 6.40 13.27 -5.46
CA GLN A 136 5.14 13.95 -5.71
C GLN A 136 5.21 15.40 -5.23
N THR A 137 5.48 15.58 -3.95
CA THR A 137 5.57 16.92 -3.38
C THR A 137 6.38 17.83 -4.29
N LYS A 138 7.68 17.63 -4.34
CA LYS A 138 8.55 18.44 -5.19
C LYS A 138 9.85 17.71 -5.48
N GLU A 139 10.82 18.45 -6.04
CA GLU A 139 12.11 17.85 -6.37
C GLU A 139 13.22 18.49 -5.55
N MET A 1 -16.65 5.07 21.54
CA MET A 1 -15.34 5.53 21.01
C MET A 1 -15.34 7.04 20.88
N GLU A 2 -15.89 7.72 21.89
CA GLU A 2 -15.95 9.18 21.86
C GLU A 2 -16.19 9.68 20.45
N LYS A 3 -17.45 9.67 20.02
CA LYS A 3 -17.80 10.12 18.69
C LYS A 3 -18.25 11.58 18.72
N ASN A 4 -17.81 12.35 17.74
CA ASN A 4 -18.17 13.77 17.68
C ASN A 4 -19.50 13.96 16.96
N PRO A 5 -20.21 15.00 17.28
CA PRO A 5 -21.53 15.31 16.66
C PRO A 5 -21.40 15.61 15.17
N PRO A 6 -21.89 14.73 14.33
CA PRO A 6 -21.82 14.90 12.84
C PRO A 6 -22.32 16.27 12.41
N ASP A 7 -21.41 17.10 11.90
CA ASP A 7 -21.76 18.44 11.45
C ASP A 7 -20.76 18.94 10.42
N ASP A 8 -20.51 18.12 9.40
CA ASP A 8 -19.56 18.49 8.36
C ASP A 8 -18.37 19.23 8.95
N THR A 9 -17.89 18.74 10.08
CA THR A 9 -16.74 19.36 10.74
C THR A 9 -15.66 19.70 9.73
N GLY A 10 -15.79 19.15 8.52
CA GLY A 10 -14.82 19.41 7.46
C GLY A 10 -15.12 18.55 6.24
N PRO A 11 -15.92 19.05 5.35
CA PRO A 11 -16.29 18.33 4.10
C PRO A 11 -15.22 18.45 3.02
N VAL A 12 -13.96 18.25 3.41
CA VAL A 12 -12.86 18.33 2.47
C VAL A 12 -12.14 16.99 2.35
N HIS A 13 -11.57 16.73 1.18
CA HIS A 13 -10.86 15.48 0.95
C HIS A 13 -9.37 15.67 1.14
N VAL A 14 -8.61 14.59 0.98
CA VAL A 14 -7.16 14.66 1.14
C VAL A 14 -6.47 13.79 0.08
N PRO A 15 -6.26 14.34 -1.09
CA PRO A 15 -5.61 13.63 -2.21
C PRO A 15 -4.08 13.63 -2.08
N LEU A 16 -3.58 14.41 -1.13
CA LEU A 16 -2.13 14.50 -0.91
C LEU A 16 -1.83 15.02 0.48
N GLY A 17 -0.69 14.60 1.03
CA GLY A 17 -0.29 15.04 2.36
C GLY A 17 0.19 13.87 3.20
N HIS A 18 -0.60 13.51 4.22
CA HIS A 18 -0.24 12.39 5.09
C HIS A 18 -0.78 11.08 4.52
N ILE A 19 -0.28 9.97 5.05
CA ILE A 19 -0.72 8.66 4.59
C ILE A 19 -1.48 7.93 5.68
N VAL A 20 -2.43 7.08 5.26
CA VAL A 20 -3.23 6.33 6.22
C VAL A 20 -2.67 4.92 6.40
N ALA A 21 -2.81 4.38 7.60
CA ALA A 21 -2.31 3.04 7.90
C ALA A 21 -3.36 2.24 8.65
N ASN A 22 -3.21 0.92 8.63
CA ASN A 22 -4.15 0.04 9.31
C ASN A 22 -3.65 -0.29 10.71
N GLU A 23 -4.58 -0.34 11.67
CA GLU A 23 -4.23 -0.64 13.05
C GLU A 23 -3.48 -1.96 13.14
N LYS A 24 -3.84 -2.91 12.27
CA LYS A 24 -3.20 -4.22 12.26
C LYS A 24 -1.86 -4.16 11.53
N TRP A 25 -1.87 -3.59 10.32
CA TRP A 25 -0.65 -3.50 9.54
C TRP A 25 0.37 -2.59 10.22
N ARG A 26 0.06 -2.16 11.44
CA ARG A 26 0.95 -1.28 12.18
C ARG A 26 1.99 -2.11 12.95
N GLY A 27 1.92 -3.42 12.78
CA GLY A 27 2.86 -4.31 13.46
C GLY A 27 4.12 -4.52 12.63
N SER A 28 4.38 -3.59 11.71
CA SER A 28 5.55 -3.68 10.85
C SER A 28 6.49 -2.51 11.10
N GLN A 29 7.77 -2.71 10.80
CA GLN A 29 8.76 -1.66 10.98
C GLN A 29 8.60 -0.57 9.91
N LEU A 30 7.97 -0.94 8.81
CA LEU A 30 7.76 0.01 7.71
C LEU A 30 6.99 1.23 8.22
N ALA A 31 5.74 1.00 8.62
CA ALA A 31 4.90 2.08 9.14
C ALA A 31 5.72 2.98 10.07
N GLN A 32 6.67 2.38 10.78
CA GLN A 32 7.50 3.13 11.70
C GLN A 32 8.47 4.02 10.93
N GLU A 33 9.26 3.42 10.06
CA GLU A 33 10.22 4.16 9.26
C GLU A 33 9.52 5.29 8.50
N MET A 34 8.33 5.00 7.98
CA MET A 34 7.56 5.99 7.23
C MET A 34 7.56 7.32 7.99
N GLN A 35 7.28 7.26 9.28
CA GLN A 35 7.25 8.47 10.10
C GLN A 35 8.64 9.09 10.20
N GLY A 36 9.56 8.60 9.37
CA GLY A 36 10.92 9.10 9.38
C GLY A 36 11.06 10.33 8.48
N LYS A 37 10.23 10.39 7.45
CA LYS A 37 10.28 11.53 6.52
C LYS A 37 8.91 12.18 6.38
N ILE A 38 7.88 11.36 6.18
CA ILE A 38 6.52 11.87 6.03
C ILE A 38 5.68 11.50 7.24
N LYS A 39 4.46 12.06 7.29
CA LYS A 39 3.56 11.79 8.39
C LYS A 39 2.67 10.58 8.07
N LEU A 40 2.44 9.75 9.08
CA LEU A 40 1.60 8.56 8.89
C LEU A 40 0.48 8.53 9.91
N ILE A 41 -0.68 8.02 9.49
CA ILE A 41 -1.83 7.94 10.38
C ILE A 41 -2.29 6.50 10.52
N PHE A 42 -2.88 6.17 11.67
CA PHE A 42 -3.37 4.82 11.91
C PHE A 42 -4.88 4.82 12.12
N GLU A 43 -5.54 3.81 11.55
CA GLU A 43 -6.99 3.70 11.67
C GLU A 43 -7.41 2.23 11.69
N ASP A 44 -8.06 1.81 12.77
CA ASP A 44 -8.51 0.44 12.90
C ASP A 44 -9.75 0.20 12.05
N GLY A 45 -9.67 -0.79 11.16
CA GLY A 45 -10.80 -1.11 10.30
C GLY A 45 -10.33 -1.28 8.85
N LEU A 46 -9.25 -0.59 8.50
CA LEU A 46 -8.72 -0.66 7.15
C LEU A 46 -8.33 -2.10 6.80
N THR A 47 -8.63 -2.50 5.57
CA THR A 47 -8.32 -3.86 5.13
C THR A 47 -6.91 -3.92 4.51
N PRO A 48 -6.52 -2.92 3.76
CA PRO A 48 -5.19 -2.89 3.10
C PRO A 48 -4.10 -2.44 4.07
N ASP A 49 -2.95 -2.06 3.51
CA ASP A 49 -1.83 -1.62 4.33
C ASP A 49 -1.76 -0.09 4.38
N PHE A 50 -1.89 0.53 3.21
CA PHE A 50 -1.84 1.99 3.14
C PHE A 50 -2.86 2.51 2.13
N TYR A 51 -3.27 3.76 2.31
CA TYR A 51 -4.25 4.38 1.41
C TYR A 51 -3.78 5.76 0.97
N LEU A 52 -3.10 5.83 -0.17
CA LEU A 52 -2.61 7.10 -0.68
C LEU A 52 -3.77 8.02 -1.01
N SER A 53 -4.96 7.44 -1.20
CA SER A 53 -6.14 8.22 -1.50
C SER A 53 -7.32 7.30 -1.83
N ASN A 54 -8.53 7.83 -1.76
CA ASN A 54 -9.72 7.05 -2.04
C ASN A 54 -9.74 6.59 -3.51
N ARG A 55 -8.56 6.53 -4.12
CA ARG A 55 -8.46 6.10 -5.51
C ARG A 55 -7.34 5.07 -5.67
N CYS A 56 -6.32 5.16 -4.81
CA CYS A 56 -5.20 4.23 -4.87
C CYS A 56 -4.87 3.69 -3.49
N CYS A 57 -4.30 2.48 -3.45
CA CYS A 57 -3.94 1.86 -2.18
C CYS A 57 -2.69 0.99 -2.38
N ILE A 58 -2.14 0.49 -1.28
CA ILE A 58 -0.96 -0.35 -1.34
C ILE A 58 -1.06 -1.52 -0.36
N LEU A 59 -0.72 -2.71 -0.83
CA LEU A 59 -0.78 -3.91 0.01
C LEU A 59 0.55 -4.67 -0.05
N TYR A 60 1.13 -4.91 1.12
CA TYR A 60 2.39 -5.63 1.19
C TYR A 60 2.16 -7.14 1.26
N VAL A 61 2.84 -7.87 0.38
CA VAL A 61 2.70 -9.32 0.34
C VAL A 61 4.04 -10.00 0.57
N THR A 62 4.01 -11.19 1.17
CA THR A 62 5.24 -11.92 1.42
C THR A 62 5.16 -13.33 0.85
N GLU A 63 6.29 -13.84 0.37
CA GLU A 63 6.34 -15.18 -0.21
C GLU A 63 5.57 -16.16 0.65
N ALA A 64 5.73 -16.04 1.96
CA ALA A 64 5.04 -16.93 2.89
C ALA A 64 3.58 -17.09 2.47
N ASP A 65 3.02 -16.05 1.87
CA ASP A 65 1.64 -16.10 1.42
C ASP A 65 1.52 -16.79 0.07
N LEU A 66 2.49 -16.52 -0.81
CA LEU A 66 2.49 -17.14 -2.13
C LEU A 66 2.28 -18.64 -2.02
N VAL A 67 2.88 -19.23 -1.00
CA VAL A 67 2.75 -20.67 -0.79
C VAL A 67 1.29 -21.11 -0.93
N ALA A 68 0.38 -20.26 -0.47
CA ALA A 68 -1.04 -20.57 -0.56
C ALA A 68 -1.85 -19.31 -0.88
N GLY A 69 -2.52 -19.32 -2.02
CA GLY A 69 -3.31 -18.18 -2.43
C GLY A 69 -4.77 -18.59 -2.66
N ASN A 70 -5.07 -19.85 -2.39
CA ASN A 70 -6.43 -20.36 -2.56
C ASN A 70 -7.36 -19.79 -1.49
N GLY A 71 -6.82 -18.88 -0.68
CA GLY A 71 -7.61 -18.26 0.39
C GLY A 71 -7.39 -16.75 0.42
N TYR A 72 -6.17 -16.34 0.10
CA TYR A 72 -5.84 -14.91 0.10
C TYR A 72 -6.34 -14.25 -1.17
N ARG A 73 -6.28 -14.98 -2.28
CA ARG A 73 -6.73 -14.44 -3.56
C ARG A 73 -8.05 -13.69 -3.39
N LYS A 74 -8.90 -14.19 -2.50
CA LYS A 74 -10.19 -13.55 -2.26
C LYS A 74 -10.00 -12.17 -1.67
N ARG A 75 -8.96 -12.01 -0.86
CA ARG A 75 -8.67 -10.72 -0.24
C ARG A 75 -8.36 -9.67 -1.31
N LEU A 76 -7.70 -10.10 -2.38
CA LEU A 76 -7.35 -9.20 -3.46
C LEU A 76 -8.61 -8.75 -4.20
N VAL A 77 -9.53 -9.68 -4.40
CA VAL A 77 -10.78 -9.37 -5.10
C VAL A 77 -11.59 -8.36 -4.30
N ARG A 78 -11.73 -8.60 -3.00
CA ARG A 78 -12.48 -7.70 -2.14
C ARG A 78 -12.18 -6.25 -2.50
N VAL A 79 -10.95 -6.00 -2.94
CA VAL A 79 -10.53 -4.65 -3.31
C VAL A 79 -11.22 -4.23 -4.61
N ARG A 80 -11.05 -5.03 -5.65
CA ARG A 80 -11.65 -4.73 -6.94
C ARG A 80 -13.15 -4.51 -6.80
N ASN A 81 -13.75 -5.22 -5.84
CA ASN A 81 -15.19 -5.09 -5.61
C ASN A 81 -15.57 -3.63 -5.38
N SER A 82 -14.83 -2.96 -4.49
CA SER A 82 -15.11 -1.56 -4.19
C SER A 82 -15.67 -0.86 -5.42
N ASN A 83 -14.80 -0.55 -6.38
CA ASN A 83 -15.22 0.13 -7.60
C ASN A 83 -14.17 -0.05 -8.69
N ASN A 84 -13.22 0.88 -8.75
CA ASN A 84 -12.16 0.82 -9.75
C ASN A 84 -10.90 1.49 -9.22
N LEU A 85 -10.50 1.12 -8.00
CA LEU A 85 -9.32 1.70 -7.39
C LEU A 85 -8.04 1.22 -8.10
N LYS A 86 -6.98 2.02 -8.00
CA LYS A 86 -5.72 1.67 -8.63
C LYS A 86 -4.59 1.72 -7.61
N GLY A 87 -4.35 0.60 -6.94
CA GLY A 87 -3.30 0.54 -5.93
C GLY A 87 -2.13 -0.32 -6.41
N ILE A 88 -1.08 -0.37 -5.59
CA ILE A 88 0.10 -1.14 -5.92
C ILE A 88 0.28 -2.31 -4.95
N VAL A 89 0.47 -3.51 -5.51
CA VAL A 89 0.65 -4.70 -4.68
C VAL A 89 2.12 -5.11 -4.66
N VAL A 90 2.78 -4.89 -3.53
CA VAL A 90 4.18 -5.25 -3.38
C VAL A 90 4.33 -6.66 -2.86
N VAL A 91 5.35 -7.37 -3.35
CA VAL A 91 5.59 -8.75 -2.91
C VAL A 91 7.04 -8.92 -2.48
N GLU A 92 7.25 -9.72 -1.45
CA GLU A 92 8.59 -9.97 -0.93
C GLU A 92 9.11 -11.33 -1.40
N LYS A 93 10.17 -11.31 -2.21
CA LYS A 93 10.74 -12.55 -2.72
C LYS A 93 11.46 -13.30 -1.59
N THR A 94 11.36 -14.63 -1.63
CA THR A 94 12.01 -15.45 -0.62
C THR A 94 12.67 -16.66 -1.26
N ARG A 95 11.88 -17.70 -1.52
CA ARG A 95 12.40 -18.91 -2.14
C ARG A 95 11.32 -19.60 -2.95
N MET A 96 10.13 -19.70 -2.39
CA MET A 96 9.01 -20.33 -3.08
C MET A 96 8.26 -19.30 -3.91
N SER A 97 8.70 -18.05 -3.82
CA SER A 97 8.06 -16.98 -4.57
C SER A 97 8.37 -17.10 -6.06
N GLU A 98 9.62 -16.82 -6.43
CA GLU A 98 10.02 -16.92 -7.82
C GLU A 98 9.41 -18.16 -8.48
N GLN A 99 9.05 -19.13 -7.66
CA GLN A 99 8.46 -20.37 -8.17
C GLN A 99 7.03 -20.13 -8.66
N TYR A 100 6.19 -19.58 -7.80
CA TYR A 100 4.80 -19.31 -8.16
C TYR A 100 4.50 -17.81 -8.14
N PHE A 101 5.55 -17.00 -8.06
CA PHE A 101 5.38 -15.56 -8.04
C PHE A 101 4.74 -15.08 -9.34
N PRO A 102 5.38 -15.27 -10.46
CA PRO A 102 4.86 -14.85 -11.79
C PRO A 102 3.46 -15.41 -12.04
N ALA A 103 3.29 -16.70 -11.81
CA ALA A 103 1.99 -17.34 -12.02
C ALA A 103 0.89 -16.53 -11.35
N LEU A 104 1.22 -15.87 -10.25
CA LEU A 104 0.25 -15.07 -9.52
C LEU A 104 0.16 -13.66 -10.11
N GLN A 105 1.22 -13.26 -10.81
CA GLN A 105 1.26 -11.94 -11.43
C GLN A 105 0.56 -11.96 -12.78
N LYS A 106 0.66 -13.09 -13.48
CA LYS A 106 0.05 -13.22 -14.80
C LYS A 106 -1.47 -13.28 -14.67
N PHE A 107 -1.96 -14.01 -13.68
CA PHE A 107 -3.40 -14.14 -13.47
C PHE A 107 -3.95 -12.91 -12.77
N THR A 108 -3.31 -12.52 -11.66
CA THR A 108 -3.76 -11.36 -10.91
C THR A 108 -3.89 -10.15 -11.83
N VAL A 109 -2.97 -10.04 -12.80
CA VAL A 109 -3.01 -8.93 -13.74
C VAL A 109 -4.23 -9.03 -14.64
N LEU A 110 -4.33 -10.13 -15.38
CA LEU A 110 -5.45 -10.34 -16.27
C LEU A 110 -6.75 -10.46 -15.49
N ASP A 111 -6.63 -10.75 -14.20
CA ASP A 111 -7.80 -10.89 -13.34
C ASP A 111 -8.27 -9.54 -12.82
N LEU A 112 -7.38 -8.84 -12.13
CA LEU A 112 -7.71 -7.53 -11.57
C LEU A 112 -7.03 -6.40 -12.33
N GLY A 113 -5.87 -6.68 -12.91
CA GLY A 113 -5.13 -5.67 -13.66
C GLY A 113 -4.52 -4.64 -12.70
N MET A 114 -3.96 -5.12 -11.61
CA MET A 114 -3.34 -4.24 -10.62
C MET A 114 -1.89 -3.97 -10.98
N VAL A 115 -1.16 -3.33 -10.07
CA VAL A 115 0.23 -3.01 -10.30
C VAL A 115 1.13 -3.71 -9.29
N LEU A 116 1.82 -4.75 -9.74
CA LEU A 116 2.70 -5.51 -8.86
C LEU A 116 4.14 -5.01 -8.99
N LEU A 117 4.86 -4.97 -7.87
CA LEU A 117 6.24 -4.51 -7.89
C LEU A 117 7.00 -5.09 -6.70
N PRO A 118 7.59 -6.24 -6.86
CA PRO A 118 8.37 -6.92 -5.79
C PRO A 118 9.49 -6.03 -5.24
N VAL A 119 10.02 -6.40 -4.09
CA VAL A 119 11.10 -5.63 -3.48
C VAL A 119 12.26 -6.54 -3.08
N ALA A 120 12.41 -6.77 -1.79
CA ALA A 120 13.48 -7.62 -1.29
C ALA A 120 13.76 -7.33 0.18
N SER A 121 13.87 -6.04 0.52
CA SER A 121 14.13 -5.64 1.89
C SER A 121 13.08 -4.64 2.35
N GLN A 122 12.71 -4.74 3.63
CA GLN A 122 11.71 -3.84 4.19
C GLN A 122 12.08 -2.38 3.92
N MET A 123 13.37 -2.13 3.73
CA MET A 123 13.85 -0.78 3.46
C MET A 123 13.41 -0.31 2.07
N GLU A 124 13.70 -1.12 1.06
CA GLU A 124 13.33 -0.78 -0.31
C GLU A 124 11.91 -0.23 -0.37
N ALA A 125 10.97 -0.99 0.20
CA ALA A 125 9.57 -0.58 0.22
C ALA A 125 9.43 0.79 0.83
N SER A 126 9.89 0.94 2.07
CA SER A 126 9.81 2.22 2.75
C SER A 126 10.38 3.31 1.84
N CYS A 127 11.43 2.95 1.10
CA CYS A 127 12.05 3.88 0.19
C CYS A 127 11.26 3.95 -1.12
N LEU A 128 10.63 2.84 -1.48
CA LEU A 128 9.85 2.80 -2.71
C LEU A 128 8.47 3.43 -2.50
N VAL A 129 8.01 3.39 -1.26
CA VAL A 129 6.71 3.96 -0.92
C VAL A 129 6.83 5.46 -0.71
N ILE A 130 7.90 5.89 -0.06
CA ILE A 130 8.12 7.31 0.21
C ILE A 130 8.52 8.03 -1.08
N GLN A 131 9.37 7.38 -1.88
CA GLN A 131 9.82 7.97 -3.13
C GLN A 131 8.63 8.29 -4.03
N LEU A 132 7.54 7.57 -3.84
CA LEU A 132 6.33 7.80 -4.65
C LEU A 132 5.59 9.04 -4.16
N VAL A 133 5.21 9.03 -2.89
CA VAL A 133 4.50 10.16 -2.31
C VAL A 133 5.34 11.43 -2.39
N GLN A 134 6.63 11.30 -2.11
CA GLN A 134 7.53 12.44 -2.16
C GLN A 134 7.43 13.16 -3.50
N GLU A 135 7.52 12.38 -4.58
CA GLU A 135 7.44 12.96 -5.92
C GLU A 135 6.06 13.58 -6.15
N GLN A 136 5.05 13.03 -5.47
CA GLN A 136 3.69 13.53 -5.62
C GLN A 136 3.44 14.67 -4.64
N THR A 137 4.35 14.84 -3.69
CA THR A 137 4.21 15.90 -2.68
C THR A 137 5.00 17.14 -3.11
N LYS A 138 6.24 16.92 -3.55
CA LYS A 138 7.08 18.02 -3.98
C LYS A 138 6.25 19.11 -4.67
N GLU A 139 6.65 20.36 -4.46
CA GLU A 139 5.94 21.49 -5.06
C GLU A 139 5.74 21.26 -6.56
N MET A 1 -1.43 20.91 23.56
CA MET A 1 -0.90 20.75 22.17
C MET A 1 -0.78 22.12 21.51
N GLU A 2 -1.85 22.91 21.59
CA GLU A 2 -1.85 24.24 21.00
C GLU A 2 -1.48 25.29 22.04
N LYS A 3 -0.42 26.04 21.76
CA LYS A 3 0.02 27.08 22.68
C LYS A 3 -0.02 28.45 22.02
N ASN A 4 0.77 28.63 20.97
CA ASN A 4 0.80 29.91 20.26
C ASN A 4 2.01 29.98 19.33
N PRO A 5 3.19 29.75 19.86
CA PRO A 5 4.45 29.80 19.07
C PRO A 5 4.31 29.15 17.70
N PRO A 6 5.15 29.51 16.77
CA PRO A 6 5.13 28.96 15.39
C PRO A 6 4.83 27.46 15.37
N ASP A 7 3.70 27.10 14.75
CA ASP A 7 3.30 25.71 14.66
C ASP A 7 2.29 25.51 13.54
N ASP A 8 2.64 26.00 12.35
CA ASP A 8 1.76 25.88 11.19
C ASP A 8 0.42 26.58 11.45
N THR A 9 -0.47 25.88 12.14
CA THR A 9 -1.78 26.45 12.46
C THR A 9 -2.30 27.30 11.30
N GLY A 10 -2.03 26.85 10.08
CA GLY A 10 -2.48 27.57 8.90
C GLY A 10 -1.90 26.97 7.63
N PRO A 11 -2.25 25.75 7.34
CA PRO A 11 -1.76 25.03 6.13
C PRO A 11 -2.30 25.64 4.84
N VAL A 12 -1.45 25.72 3.82
CA VAL A 12 -1.85 26.29 2.55
C VAL A 12 -1.41 25.39 1.39
N HIS A 13 -0.10 25.25 1.24
CA HIS A 13 0.47 24.42 0.19
C HIS A 13 0.79 23.03 0.73
N VAL A 14 0.16 22.65 1.83
CA VAL A 14 0.39 21.35 2.44
C VAL A 14 -0.90 20.80 3.03
N PRO A 15 -1.90 20.64 2.20
CA PRO A 15 -3.23 20.12 2.64
C PRO A 15 -3.21 18.61 2.89
N LEU A 16 -2.74 17.86 1.89
CA LEU A 16 -2.67 16.41 2.02
C LEU A 16 -1.28 15.90 1.64
N GLY A 17 -0.58 15.34 2.62
CA GLY A 17 0.76 14.82 2.40
C GLY A 17 1.08 13.71 3.40
N HIS A 18 0.04 13.17 4.03
CA HIS A 18 0.22 12.11 5.01
C HIS A 18 -0.40 10.81 4.50
N ILE A 19 0.10 9.69 5.00
CA ILE A 19 -0.42 8.39 4.59
C ILE A 19 -1.25 7.76 5.71
N VAL A 20 -2.19 6.91 5.34
CA VAL A 20 -3.05 6.25 6.31
C VAL A 20 -2.72 4.76 6.41
N ALA A 21 -2.40 4.31 7.62
CA ALA A 21 -2.07 2.90 7.83
C ALA A 21 -3.20 2.18 8.56
N ASN A 22 -3.35 0.89 8.28
CA ASN A 22 -4.40 0.10 8.93
C ASN A 22 -4.03 -0.19 10.38
N GLU A 23 -5.02 -0.14 11.26
CA GLU A 23 -4.79 -0.41 12.67
C GLU A 23 -3.95 -1.67 12.85
N LYS A 24 -4.07 -2.59 11.89
CA LYS A 24 -3.32 -3.83 11.94
C LYS A 24 -1.91 -3.63 11.38
N TRP A 25 -1.84 -3.08 10.17
CA TRP A 25 -0.55 -2.84 9.52
C TRP A 25 0.13 -1.63 10.17
N ARG A 26 -0.23 -1.35 11.41
CA ARG A 26 0.35 -0.22 12.12
C ARG A 26 1.72 -0.59 12.70
N GLY A 27 1.72 -1.53 13.63
CA GLY A 27 2.97 -1.97 14.25
C GLY A 27 3.85 -2.71 13.25
N SER A 28 4.10 -2.08 12.11
CA SER A 28 4.92 -2.69 11.08
C SER A 28 6.24 -1.93 10.93
N GLN A 29 7.32 -2.67 10.71
CA GLN A 29 8.63 -2.05 10.56
C GLN A 29 8.62 -1.04 9.42
N LEU A 30 7.75 -1.27 8.45
CA LEU A 30 7.64 -0.36 7.30
C LEU A 30 7.24 1.03 7.77
N ALA A 31 6.03 1.15 8.30
CA ALA A 31 5.53 2.43 8.77
C ALA A 31 6.42 3.00 9.87
N GLN A 32 7.14 2.11 10.55
CA GLN A 32 8.03 2.54 11.63
C GLN A 32 9.03 3.58 11.13
N GLU A 33 9.71 3.26 10.03
CA GLU A 33 10.70 4.18 9.47
C GLU A 33 10.02 5.39 8.85
N MET A 34 8.96 5.15 8.08
CA MET A 34 8.23 6.23 7.43
C MET A 34 7.88 7.33 8.44
N GLN A 35 7.76 6.95 9.70
CA GLN A 35 7.43 7.92 10.74
C GLN A 35 8.66 8.76 11.11
N GLY A 36 9.77 8.47 10.46
CA GLY A 36 11.01 9.20 10.71
C GLY A 36 11.28 10.22 9.61
N LYS A 37 10.33 10.36 8.70
CA LYS A 37 10.47 11.30 7.60
C LYS A 37 9.12 11.86 7.18
N ILE A 38 8.14 10.98 7.02
CA ILE A 38 6.81 11.40 6.62
C ILE A 38 5.81 11.14 7.75
N LYS A 39 4.60 11.66 7.59
CA LYS A 39 3.57 11.48 8.60
C LYS A 39 2.67 10.30 8.23
N LEU A 40 2.08 9.68 9.24
CA LEU A 40 1.20 8.53 9.02
C LEU A 40 0.04 8.55 10.01
N ILE A 41 -1.15 8.24 9.52
CA ILE A 41 -2.34 8.22 10.37
C ILE A 41 -2.92 6.81 10.43
N PHE A 42 -3.20 6.35 11.64
CA PHE A 42 -3.77 5.02 11.84
C PHE A 42 -5.29 5.06 11.75
N GLU A 43 -5.85 4.14 10.98
CA GLU A 43 -7.31 4.07 10.82
C GLU A 43 -7.78 2.62 10.81
N ASP A 44 -8.67 2.28 11.74
CA ASP A 44 -9.19 0.93 11.83
C ASP A 44 -10.29 0.70 10.79
N GLY A 45 -10.35 -0.51 10.26
CA GLY A 45 -11.35 -0.84 9.26
C GLY A 45 -10.71 -1.03 7.88
N LEU A 46 -9.66 -0.25 7.61
CA LEU A 46 -8.97 -0.33 6.33
C LEU A 46 -8.66 -1.79 5.98
N THR A 47 -8.87 -2.15 4.73
CA THR A 47 -8.61 -3.50 4.27
C THR A 47 -7.15 -3.66 3.81
N PRO A 48 -6.68 -2.79 2.93
CA PRO A 48 -5.28 -2.86 2.43
C PRO A 48 -4.26 -2.52 3.51
N ASP A 49 -3.07 -2.10 3.10
CA ASP A 49 -2.02 -1.76 4.04
C ASP A 49 -1.97 -0.24 4.26
N PHE A 50 -1.82 0.51 3.16
CA PHE A 50 -1.75 1.96 3.26
C PHE A 50 -2.82 2.61 2.39
N TYR A 51 -3.34 3.74 2.84
CA TYR A 51 -4.37 4.45 2.10
C TYR A 51 -3.93 5.88 1.82
N LEU A 52 -3.52 6.14 0.58
CA LEU A 52 -3.08 7.47 0.19
C LEU A 52 -4.27 8.36 -0.14
N SER A 53 -5.30 7.75 -0.72
CA SER A 53 -6.51 8.49 -1.09
C SER A 53 -7.54 7.56 -1.70
N ASN A 54 -8.78 8.03 -1.77
CA ASN A 54 -9.86 7.23 -2.34
C ASN A 54 -9.64 7.01 -3.84
N ARG A 55 -8.38 7.12 -4.26
CA ARG A 55 -8.04 6.93 -5.66
C ARG A 55 -6.81 6.05 -5.83
N CYS A 56 -6.19 5.68 -4.70
CA CYS A 56 -4.99 4.84 -4.75
C CYS A 56 -4.74 4.18 -3.40
N CYS A 57 -4.23 2.96 -3.43
CA CYS A 57 -3.94 2.22 -2.21
C CYS A 57 -2.79 1.25 -2.44
N ILE A 58 -2.21 0.75 -1.35
CA ILE A 58 -1.09 -0.19 -1.45
C ILE A 58 -1.35 -1.42 -0.59
N LEU A 59 -0.84 -2.56 -1.03
CA LEU A 59 -1.02 -3.81 -0.29
C LEU A 59 0.30 -4.56 -0.19
N TYR A 60 0.75 -4.79 1.05
CA TYR A 60 2.01 -5.49 1.28
C TYR A 60 1.79 -7.00 1.27
N VAL A 61 2.49 -7.69 0.38
CA VAL A 61 2.38 -9.15 0.29
C VAL A 61 3.75 -9.79 0.47
N THR A 62 3.76 -10.95 1.13
CA THR A 62 5.02 -11.65 1.36
C THR A 62 4.95 -13.07 0.81
N GLU A 63 6.09 -13.58 0.36
CA GLU A 63 6.15 -14.93 -0.18
C GLU A 63 5.25 -15.87 0.61
N ALA A 64 5.26 -15.71 1.93
CA ALA A 64 4.44 -16.56 2.79
C ALA A 64 3.02 -16.71 2.23
N ASP A 65 2.54 -15.65 1.58
CA ASP A 65 1.21 -15.67 0.99
C ASP A 65 1.23 -16.35 -0.38
N LEU A 66 2.38 -16.32 -1.03
CA LEU A 66 2.52 -16.95 -2.34
C LEU A 66 2.42 -18.47 -2.23
N VAL A 67 3.20 -19.04 -1.31
CA VAL A 67 3.19 -20.49 -1.11
C VAL A 67 1.82 -20.95 -0.67
N ALA A 68 1.08 -20.07 0.01
CA ALA A 68 -0.25 -20.39 0.48
C ALA A 68 -1.09 -21.01 -0.63
N GLY A 69 -1.36 -20.22 -1.67
CA GLY A 69 -2.16 -20.70 -2.79
C GLY A 69 -3.62 -20.88 -2.39
N ASN A 70 -4.48 -20.02 -2.94
CA ASN A 70 -5.90 -20.10 -2.63
C ASN A 70 -6.20 -19.39 -1.31
N GLY A 71 -7.31 -18.64 -1.28
CA GLY A 71 -7.68 -17.92 -0.07
C GLY A 71 -7.33 -16.44 -0.19
N TYR A 72 -6.03 -16.15 -0.14
CA TYR A 72 -5.57 -14.78 -0.24
C TYR A 72 -6.18 -14.09 -1.47
N ARG A 73 -6.14 -14.78 -2.60
CA ARG A 73 -6.69 -14.25 -3.83
C ARG A 73 -8.04 -13.59 -3.58
N LYS A 74 -8.81 -14.17 -2.67
CA LYS A 74 -10.14 -13.62 -2.35
C LYS A 74 -9.99 -12.27 -1.67
N ARG A 75 -9.07 -12.17 -0.72
CA ARG A 75 -8.85 -10.92 0.01
C ARG A 75 -8.50 -9.80 -0.97
N LEU A 76 -7.95 -10.17 -2.12
CA LEU A 76 -7.58 -9.17 -3.13
C LEU A 76 -8.81 -8.73 -3.91
N VAL A 77 -9.69 -9.68 -4.20
CA VAL A 77 -10.91 -9.37 -4.94
C VAL A 77 -11.61 -8.17 -4.33
N ARG A 78 -11.46 -7.99 -3.03
CA ARG A 78 -12.07 -6.88 -2.33
C ARG A 78 -11.66 -5.56 -2.99
N VAL A 79 -10.48 -5.54 -3.59
CA VAL A 79 -10.00 -4.34 -4.25
C VAL A 79 -10.82 -4.06 -5.51
N ARG A 80 -11.22 -5.13 -6.19
CA ARG A 80 -12.02 -5.00 -7.40
C ARG A 80 -13.48 -4.74 -7.06
N ASN A 81 -13.86 -5.07 -5.84
CA ASN A 81 -15.23 -4.86 -5.39
C ASN A 81 -15.67 -3.43 -5.67
N SER A 82 -14.95 -2.47 -5.08
CA SER A 82 -15.28 -1.07 -5.27
C SER A 82 -14.98 -0.63 -6.70
N ASN A 83 -13.70 -0.59 -7.05
CA ASN A 83 -13.30 -0.20 -8.39
C ASN A 83 -13.37 1.32 -8.55
N ASN A 84 -12.60 2.04 -7.72
CA ASN A 84 -12.59 3.49 -7.77
C ASN A 84 -11.23 4.04 -7.38
N LEU A 85 -10.24 3.15 -7.30
CA LEU A 85 -8.88 3.56 -6.93
C LEU A 85 -7.85 2.59 -7.48
N LYS A 86 -6.64 3.08 -7.71
CA LYS A 86 -5.56 2.24 -8.22
C LYS A 86 -5.01 1.35 -7.11
N GLY A 87 -5.27 0.06 -7.20
CA GLY A 87 -4.80 -0.88 -6.19
C GLY A 87 -3.40 -1.37 -6.49
N ILE A 88 -2.41 -0.81 -5.80
CA ILE A 88 -1.02 -1.20 -5.99
C ILE A 88 -0.71 -2.44 -5.15
N VAL A 89 0.03 -3.37 -5.73
CA VAL A 89 0.38 -4.60 -5.02
C VAL A 89 1.89 -4.72 -4.84
N VAL A 90 2.32 -4.94 -3.60
CA VAL A 90 3.74 -5.09 -3.31
C VAL A 90 4.02 -6.48 -2.74
N VAL A 91 4.89 -7.22 -3.41
CA VAL A 91 5.23 -8.57 -2.96
C VAL A 91 6.69 -8.64 -2.53
N GLU A 92 6.94 -9.37 -1.43
CA GLU A 92 8.29 -9.51 -0.92
C GLU A 92 8.90 -10.84 -1.37
N LYS A 93 10.10 -10.78 -1.94
CA LYS A 93 10.78 -11.98 -2.40
C LYS A 93 11.40 -12.73 -1.23
N THR A 94 11.28 -14.05 -1.25
CA THR A 94 11.83 -14.87 -0.18
C THR A 94 12.46 -16.14 -0.75
N ARG A 95 11.63 -17.17 -0.95
CA ARG A 95 12.12 -18.43 -1.48
C ARG A 95 11.27 -18.86 -2.67
N MET A 96 10.00 -19.13 -2.43
CA MET A 96 9.09 -19.56 -3.49
C MET A 96 8.67 -18.36 -4.34
N SER A 97 9.00 -17.16 -3.87
CA SER A 97 8.65 -15.94 -4.60
C SER A 97 9.02 -16.08 -6.07
N GLU A 98 10.13 -15.46 -6.46
CA GLU A 98 10.59 -15.52 -7.83
C GLU A 98 10.30 -16.89 -8.44
N GLN A 99 10.13 -17.89 -7.58
CA GLN A 99 9.86 -19.25 -8.03
C GLN A 99 8.47 -19.36 -8.63
N TYR A 100 7.46 -18.96 -7.86
CA TYR A 100 6.07 -19.04 -8.35
C TYR A 100 5.45 -17.64 -8.42
N PHE A 101 6.26 -16.63 -8.11
CA PHE A 101 5.78 -15.25 -8.14
C PHE A 101 5.02 -14.98 -9.44
N PRO A 102 5.67 -15.15 -10.58
CA PRO A 102 5.02 -14.91 -11.90
C PRO A 102 3.78 -15.78 -12.11
N ALA A 103 3.91 -17.07 -11.85
CA ALA A 103 2.79 -18.00 -12.01
C ALA A 103 1.52 -17.40 -11.41
N LEU A 104 1.69 -16.62 -10.36
CA LEU A 104 0.56 -15.98 -9.71
C LEU A 104 0.26 -14.64 -10.38
N GLN A 105 1.32 -14.01 -10.89
CA GLN A 105 1.17 -12.73 -11.58
C GLN A 105 0.20 -12.86 -12.75
N LYS A 106 0.31 -13.98 -13.46
CA LYS A 106 -0.56 -14.23 -14.61
C LYS A 106 -2.01 -14.33 -14.15
N PHE A 107 -2.21 -14.93 -12.98
CA PHE A 107 -3.55 -15.09 -12.43
C PHE A 107 -4.01 -13.79 -11.78
N THR A 108 -3.09 -13.10 -11.12
CA THR A 108 -3.41 -11.85 -10.45
C THR A 108 -3.61 -10.74 -11.48
N VAL A 109 -2.89 -10.83 -12.60
CA VAL A 109 -3.00 -9.83 -13.65
C VAL A 109 -4.28 -10.04 -14.46
N LEU A 110 -4.56 -11.29 -14.80
CA LEU A 110 -5.75 -11.62 -15.57
C LEU A 110 -7.01 -11.43 -14.73
N ASP A 111 -6.88 -11.65 -13.43
CA ASP A 111 -8.02 -11.52 -12.52
C ASP A 111 -8.20 -10.06 -12.07
N LEU A 112 -7.11 -9.44 -11.60
CA LEU A 112 -7.18 -8.07 -11.14
C LEU A 112 -6.56 -7.10 -12.15
N GLY A 113 -5.60 -7.58 -12.92
CA GLY A 113 -4.94 -6.72 -13.90
C GLY A 113 -4.63 -5.35 -13.31
N MET A 114 -4.29 -5.34 -12.02
CA MET A 114 -3.97 -4.09 -11.34
C MET A 114 -2.48 -3.76 -11.50
N VAL A 115 -1.98 -2.91 -10.60
CA VAL A 115 -0.58 -2.53 -10.65
C VAL A 115 0.25 -3.38 -9.69
N LEU A 116 1.26 -4.05 -10.23
CA LEU A 116 2.11 -4.91 -9.40
C LEU A 116 3.51 -4.30 -9.28
N LEU A 117 4.03 -4.29 -8.06
CA LEU A 117 5.36 -3.74 -7.81
C LEU A 117 6.05 -4.51 -6.69
N PRO A 118 6.74 -5.56 -7.03
CA PRO A 118 7.46 -6.40 -6.04
C PRO A 118 8.81 -5.80 -5.64
N VAL A 119 9.32 -6.22 -4.49
CA VAL A 119 10.59 -5.71 -4.01
C VAL A 119 11.54 -6.87 -3.67
N ALA A 120 12.21 -6.76 -2.53
CA ALA A 120 13.14 -7.81 -2.09
C ALA A 120 13.27 -7.80 -0.58
N SER A 121 13.31 -6.61 0.00
CA SER A 121 13.44 -6.47 1.45
C SER A 121 12.53 -5.35 1.95
N GLN A 122 12.20 -5.40 3.23
CA GLN A 122 11.33 -4.39 3.82
C GLN A 122 11.94 -3.00 3.65
N MET A 123 13.27 -2.94 3.54
CA MET A 123 13.95 -1.67 3.36
C MET A 123 13.55 -1.02 2.05
N GLU A 124 13.53 -1.81 0.98
CA GLU A 124 13.17 -1.28 -0.33
C GLU A 124 11.81 -0.60 -0.28
N ALA A 125 10.79 -1.35 0.12
CA ALA A 125 9.44 -0.81 0.21
C ALA A 125 9.44 0.47 1.04
N SER A 126 9.90 0.38 2.27
CA SER A 126 9.95 1.56 3.13
C SER A 126 10.49 2.73 2.34
N CYS A 127 11.50 2.47 1.51
CA CYS A 127 12.09 3.50 0.68
C CYS A 127 11.31 3.67 -0.61
N LEU A 128 10.63 2.60 -1.04
CA LEU A 128 9.86 2.64 -2.27
C LEU A 128 8.52 3.35 -2.02
N VAL A 129 8.06 3.30 -0.79
CA VAL A 129 6.79 3.94 -0.43
C VAL A 129 6.91 5.46 -0.49
N ILE A 130 7.80 6.00 0.34
CA ILE A 130 8.01 7.45 0.37
C ILE A 130 8.42 7.96 -1.01
N GLN A 131 9.35 7.24 -1.65
CA GLN A 131 9.83 7.63 -2.97
C GLN A 131 8.65 7.99 -3.88
N LEU A 132 7.50 7.36 -3.65
CA LEU A 132 6.33 7.62 -4.47
C LEU A 132 5.69 8.95 -4.08
N VAL A 133 5.49 9.17 -2.78
CA VAL A 133 4.88 10.40 -2.31
C VAL A 133 5.81 11.58 -2.54
N GLN A 134 7.05 11.46 -2.10
CA GLN A 134 8.03 12.53 -2.25
C GLN A 134 8.12 12.97 -3.71
N GLU A 135 7.94 12.02 -4.62
CA GLU A 135 8.01 12.33 -6.05
C GLU A 135 6.90 13.30 -6.45
N GLN A 136 5.65 12.89 -6.22
CA GLN A 136 4.51 13.72 -6.58
C GLN A 136 4.52 15.02 -5.78
N THR A 137 4.85 14.94 -4.50
CA THR A 137 4.90 16.11 -3.64
C THR A 137 6.05 17.03 -4.04
N LYS A 138 6.17 17.28 -5.35
CA LYS A 138 7.24 18.16 -5.84
C LYS A 138 6.66 19.48 -6.33
N GLU A 139 7.50 20.50 -6.38
CA GLU A 139 7.04 21.82 -6.82
C GLU A 139 6.89 21.86 -8.34
#